data_3A30
# 
_entry.id   3A30 
# 
_audit_conform.dict_name       mmcif_pdbx.dic 
_audit_conform.dict_version    5.399 
_audit_conform.dict_location   http://mmcif.pdb.org/dictionaries/ascii/mmcif_pdbx.dic 
# 
loop_
_database_2.database_id 
_database_2.database_code 
_database_2.pdbx_database_accession 
_database_2.pdbx_DOI 
PDB   3A30         pdb_00003a30 10.2210/pdb3a30/pdb 
RCSB  RCSB028747   ?            ?                   
WWPDB D_1000028747 ?            ?                   
# 
loop_
_pdbx_audit_revision_history.ordinal 
_pdbx_audit_revision_history.data_content_type 
_pdbx_audit_revision_history.major_revision 
_pdbx_audit_revision_history.minor_revision 
_pdbx_audit_revision_history.revision_date 
1 'Structure model' 1 0 2010-05-19 
2 'Structure model' 1 1 2011-07-13 
3 'Structure model' 1 2 2017-10-11 
4 'Structure model' 1 3 2023-11-01 
5 'Structure model' 1 4 2024-12-25 
# 
_pdbx_audit_revision_details.ordinal             1 
_pdbx_audit_revision_details.revision_ordinal    1 
_pdbx_audit_revision_details.data_content_type   'Structure model' 
_pdbx_audit_revision_details.provider            repository 
_pdbx_audit_revision_details.type                'Initial release' 
_pdbx_audit_revision_details.description         ? 
_pdbx_audit_revision_details.details             ? 
# 
loop_
_pdbx_audit_revision_group.ordinal 
_pdbx_audit_revision_group.revision_ordinal 
_pdbx_audit_revision_group.data_content_type 
_pdbx_audit_revision_group.group 
1 2 'Structure model' 'Version format compliance' 
2 3 'Structure model' 'Refinement description'    
3 4 'Structure model' 'Data collection'           
4 4 'Structure model' 'Database references'       
5 4 'Structure model' 'Derived calculations'      
6 4 'Structure model' 'Refinement description'    
7 5 'Structure model' Advisory                    
8 5 'Structure model' 'Derived calculations'      
9 5 'Structure model' 'Structure summary'         
# 
loop_
_pdbx_audit_revision_category.ordinal 
_pdbx_audit_revision_category.revision_ordinal 
_pdbx_audit_revision_category.data_content_type 
_pdbx_audit_revision_category.category 
1  3 'Structure model' software                      
2  4 'Structure model' chem_comp_atom                
3  4 'Structure model' chem_comp_bond                
4  4 'Structure model' database_2                    
5  4 'Structure model' pdbx_initial_refinement_model 
6  4 'Structure model' struct_conn                   
7  4 'Structure model' struct_site                   
8  5 'Structure model' pdbx_distant_solvent_atoms    
9  5 'Structure model' pdbx_entry_details            
10 5 'Structure model' pdbx_validate_close_contact   
11 5 'Structure model' struct_conn                   
# 
loop_
_pdbx_audit_revision_item.ordinal 
_pdbx_audit_revision_item.revision_ordinal 
_pdbx_audit_revision_item.data_content_type 
_pdbx_audit_revision_item.item 
1 3 'Structure model' '_software.name'                      
2 4 'Structure model' '_database_2.pdbx_DOI'                
3 4 'Structure model' '_database_2.pdbx_database_accession' 
4 4 'Structure model' '_struct_conn.pdbx_leaving_atom_flag' 
5 4 'Structure model' '_struct_site.pdbx_auth_asym_id'      
6 4 'Structure model' '_struct_site.pdbx_auth_comp_id'      
7 4 'Structure model' '_struct_site.pdbx_auth_seq_id'       
# 
_pdbx_database_status.status_code                     REL 
_pdbx_database_status.entry_id                        3A30 
_pdbx_database_status.recvd_initial_deposition_date   2009-06-05 
_pdbx_database_status.deposit_site                    PDBJ 
_pdbx_database_status.process_site                    PDBJ 
_pdbx_database_status.status_code_sf                  REL 
_pdbx_database_status.status_code_mr                  ? 
_pdbx_database_status.SG_entry                        ? 
_pdbx_database_status.pdb_format_compatible           Y 
_pdbx_database_status.status_code_cs                  ? 
_pdbx_database_status.methods_development_category    ? 
_pdbx_database_status.status_code_nmr_data            ? 
# 
loop_
_pdbx_database_related.db_name 
_pdbx_database_related.db_id 
_pdbx_database_related.details 
_pdbx_database_related.content_type 
PDB 2iob 'model for molecular replacement'             unspecified 
PDB 3a2y 'E. coli Gsp amidase C59A complexed with Gsp' unspecified 
PDB 3a2z 'E. coli Gsp amidase Cys59 sulfenic acid'     unspecified 
# 
loop_
_audit_author.name 
_audit_author.pdbx_ordinal 
'Pai, C.-H.'    1 
'Ko, T.-P.'     2 
'Chiang, B.-Y.' 3 
'Lin, C.-H.'    4 
'Wang, A.H.-J.' 5 
# 
_citation.id                        primary 
_citation.title                     
'Protein S-thiolation by Glutathionylspermidine (Gsp): the role of Escherichia coli Gsp synthetASE/amidase in redox regulation' 
_citation.journal_abbrev            J.Biol.Chem. 
_citation.journal_volume            285 
_citation.page_first                25345 
_citation.page_last                 25353 
_citation.year                      2010 
_citation.journal_id_ASTM           JBCHA3 
_citation.country                   US 
_citation.journal_id_ISSN           0021-9258 
_citation.journal_id_CSD            0071 
_citation.book_publisher            ? 
_citation.pdbx_database_id_PubMed   20530482 
_citation.pdbx_database_id_DOI      10.1074/jbc.M110.133363 
# 
loop_
_citation_author.citation_id 
_citation_author.name 
_citation_author.ordinal 
_citation_author.identifier_ORCID 
primary 'Chiang, B.-Y.' 1  ? 
primary 'Chen, T.-C.'   2  ? 
primary 'Pai, C.-H.'    3  ? 
primary 'Chou, C.-C.'   4  ? 
primary 'Chen, H.-H.'   5  ? 
primary 'Ko, T.-P.'     6  ? 
primary 'Hsu, W.-H.'    7  ? 
primary 'Chang, C.-Y.'  8  ? 
primary 'Wu, W.-F.'     9  ? 
primary 'Wang, A.H.-J.' 10 ? 
primary 'Lin, C.-H.'    11 ? 
# 
loop_
_entity.id 
_entity.type 
_entity.src_method 
_entity.pdbx_description 
_entity.formula_weight 
_entity.pdbx_number_of_molecules 
_entity.pdbx_ec 
_entity.pdbx_mutation 
_entity.pdbx_fragment 
_entity.details 
1 polymer     man 'Bifunctional glutathionylspermidine synthetase/amidase' 22293.912 1   '6.3.1.8, 3.5.1.78' ? 'residues 1-197' ? 
2 non-polymer syn 'ACETATE ION'                                            59.044    1   ?                   ? ?                ? 
3 water       nat water                                                    18.015    114 ?                   ? ?                ? 
# 
_entity_name_com.entity_id   1 
_entity_name_com.name        
;Glutathionylspermidine synthase, Glutathione:spermidine ligase [ADP-forming], GSP synthetase, Glutathionylspermidine amidase, Glutathionylspermidine amidohydrolase [spermidine-forming], GSP amidase
;
# 
_entity_poly.entity_id                      1 
_entity_poly.type                           'polypeptide(L)' 
_entity_poly.nstd_linkage                   no 
_entity_poly.nstd_monomer                   no 
_entity_poly.pdbx_seq_one_letter_code       
;MSKGTTSQDAPFGTLLGYAPGGVAIYSSDYSSLDPQEYEDDAVFRSYIDDEYMGHKWQCVEFARRFLFLNYGVVFTDVGM
AWEIFSLRFLREVVNDNILPLQAFPNGSPRAPVAGALLIWDKGGEFKDTGHVAIITQLHGNKVRIAEQNVIHSPLPQGQQ
WTRELEMVVENGCYTLKDTFDDTTILGWMIQTEDTEY
;
_entity_poly.pdbx_seq_one_letter_code_can   
;MSKGTTSQDAPFGTLLGYAPGGVAIYSSDYSSLDPQEYEDDAVFRSYIDDEYMGHKWQCVEFARRFLFLNYGVVFTDVGM
AWEIFSLRFLREVVNDNILPLQAFPNGSPRAPVAGALLIWDKGGEFKDTGHVAIITQLHGNKVRIAEQNVIHSPLPQGQQ
WTRELEMVVENGCYTLKDTFDDTTILGWMIQTEDTEY
;
_entity_poly.pdbx_strand_id                 A 
_entity_poly.pdbx_target_identifier         ? 
# 
loop_
_pdbx_entity_nonpoly.entity_id 
_pdbx_entity_nonpoly.name 
_pdbx_entity_nonpoly.comp_id 
2 'ACETATE ION' ACT 
3 water         HOH 
# 
loop_
_entity_poly_seq.entity_id 
_entity_poly_seq.num 
_entity_poly_seq.mon_id 
_entity_poly_seq.hetero 
1 1   MET n 
1 2   SER n 
1 3   LYS n 
1 4   GLY n 
1 5   THR n 
1 6   THR n 
1 7   SER n 
1 8   GLN n 
1 9   ASP n 
1 10  ALA n 
1 11  PRO n 
1 12  PHE n 
1 13  GLY n 
1 14  THR n 
1 15  LEU n 
1 16  LEU n 
1 17  GLY n 
1 18  TYR n 
1 19  ALA n 
1 20  PRO n 
1 21  GLY n 
1 22  GLY n 
1 23  VAL n 
1 24  ALA n 
1 25  ILE n 
1 26  TYR n 
1 27  SER n 
1 28  SER n 
1 29  ASP n 
1 30  TYR n 
1 31  SER n 
1 32  SER n 
1 33  LEU n 
1 34  ASP n 
1 35  PRO n 
1 36  GLN n 
1 37  GLU n 
1 38  TYR n 
1 39  GLU n 
1 40  ASP n 
1 41  ASP n 
1 42  ALA n 
1 43  VAL n 
1 44  PHE n 
1 45  ARG n 
1 46  SER n 
1 47  TYR n 
1 48  ILE n 
1 49  ASP n 
1 50  ASP n 
1 51  GLU n 
1 52  TYR n 
1 53  MET n 
1 54  GLY n 
1 55  HIS n 
1 56  LYS n 
1 57  TRP n 
1 58  GLN n 
1 59  CYS n 
1 60  VAL n 
1 61  GLU n 
1 62  PHE n 
1 63  ALA n 
1 64  ARG n 
1 65  ARG n 
1 66  PHE n 
1 67  LEU n 
1 68  PHE n 
1 69  LEU n 
1 70  ASN n 
1 71  TYR n 
1 72  GLY n 
1 73  VAL n 
1 74  VAL n 
1 75  PHE n 
1 76  THR n 
1 77  ASP n 
1 78  VAL n 
1 79  GLY n 
1 80  MET n 
1 81  ALA n 
1 82  TRP n 
1 83  GLU n 
1 84  ILE n 
1 85  PHE n 
1 86  SER n 
1 87  LEU n 
1 88  ARG n 
1 89  PHE n 
1 90  LEU n 
1 91  ARG n 
1 92  GLU n 
1 93  VAL n 
1 94  VAL n 
1 95  ASN n 
1 96  ASP n 
1 97  ASN n 
1 98  ILE n 
1 99  LEU n 
1 100 PRO n 
1 101 LEU n 
1 102 GLN n 
1 103 ALA n 
1 104 PHE n 
1 105 PRO n 
1 106 ASN n 
1 107 GLY n 
1 108 SER n 
1 109 PRO n 
1 110 ARG n 
1 111 ALA n 
1 112 PRO n 
1 113 VAL n 
1 114 ALA n 
1 115 GLY n 
1 116 ALA n 
1 117 LEU n 
1 118 LEU n 
1 119 ILE n 
1 120 TRP n 
1 121 ASP n 
1 122 LYS n 
1 123 GLY n 
1 124 GLY n 
1 125 GLU n 
1 126 PHE n 
1 127 LYS n 
1 128 ASP n 
1 129 THR n 
1 130 GLY n 
1 131 HIS n 
1 132 VAL n 
1 133 ALA n 
1 134 ILE n 
1 135 ILE n 
1 136 THR n 
1 137 GLN n 
1 138 LEU n 
1 139 HIS n 
1 140 GLY n 
1 141 ASN n 
1 142 LYS n 
1 143 VAL n 
1 144 ARG n 
1 145 ILE n 
1 146 ALA n 
1 147 GLU n 
1 148 GLN n 
1 149 ASN n 
1 150 VAL n 
1 151 ILE n 
1 152 HIS n 
1 153 SER n 
1 154 PRO n 
1 155 LEU n 
1 156 PRO n 
1 157 GLN n 
1 158 GLY n 
1 159 GLN n 
1 160 GLN n 
1 161 TRP n 
1 162 THR n 
1 163 ARG n 
1 164 GLU n 
1 165 LEU n 
1 166 GLU n 
1 167 MET n 
1 168 VAL n 
1 169 VAL n 
1 170 GLU n 
1 171 ASN n 
1 172 GLY n 
1 173 CYS n 
1 174 TYR n 
1 175 THR n 
1 176 LEU n 
1 177 LYS n 
1 178 ASP n 
1 179 THR n 
1 180 PHE n 
1 181 ASP n 
1 182 ASP n 
1 183 THR n 
1 184 THR n 
1 185 ILE n 
1 186 LEU n 
1 187 GLY n 
1 188 TRP n 
1 189 MET n 
1 190 ILE n 
1 191 GLN n 
1 192 THR n 
1 193 GLU n 
1 194 ASP n 
1 195 THR n 
1 196 GLU n 
1 197 TYR n 
# 
_entity_src_gen.entity_id                          1 
_entity_src_gen.pdbx_src_id                        1 
_entity_src_gen.pdbx_alt_source_flag               sample 
_entity_src_gen.pdbx_seq_type                      ? 
_entity_src_gen.pdbx_beg_seq_num                   ? 
_entity_src_gen.pdbx_end_seq_num                   ? 
_entity_src_gen.gene_src_common_name               ? 
_entity_src_gen.gene_src_genus                     ? 
_entity_src_gen.pdbx_gene_src_gene                 'gsp, b2988, JW2956' 
_entity_src_gen.gene_src_species                   ? 
_entity_src_gen.gene_src_strain                    K12 
_entity_src_gen.gene_src_tissue                    ? 
_entity_src_gen.gene_src_tissue_fraction           ? 
_entity_src_gen.gene_src_details                   ? 
_entity_src_gen.pdbx_gene_src_fragment             ? 
_entity_src_gen.pdbx_gene_src_scientific_name      'Escherichia coli' 
_entity_src_gen.pdbx_gene_src_ncbi_taxonomy_id     83333 
_entity_src_gen.pdbx_gene_src_variant              ? 
_entity_src_gen.pdbx_gene_src_cell_line            ? 
_entity_src_gen.pdbx_gene_src_atcc                 ? 
_entity_src_gen.pdbx_gene_src_organ                ? 
_entity_src_gen.pdbx_gene_src_organelle            ? 
_entity_src_gen.pdbx_gene_src_cell                 ? 
_entity_src_gen.pdbx_gene_src_cellular_location    ? 
_entity_src_gen.host_org_common_name               ? 
_entity_src_gen.pdbx_host_org_scientific_name      'Escherichia coli' 
_entity_src_gen.pdbx_host_org_ncbi_taxonomy_id     469008 
_entity_src_gen.host_org_genus                     ? 
_entity_src_gen.pdbx_host_org_gene                 ? 
_entity_src_gen.pdbx_host_org_organ                ? 
_entity_src_gen.host_org_species                   ? 
_entity_src_gen.pdbx_host_org_tissue               ? 
_entity_src_gen.pdbx_host_org_tissue_fraction      ? 
_entity_src_gen.pdbx_host_org_strain               'BL21(DE3)' 
_entity_src_gen.pdbx_host_org_variant              ? 
_entity_src_gen.pdbx_host_org_cell_line            ? 
_entity_src_gen.pdbx_host_org_atcc                 ? 
_entity_src_gen.pdbx_host_org_culture_collection   ? 
_entity_src_gen.pdbx_host_org_cell                 ? 
_entity_src_gen.pdbx_host_org_organelle            ? 
_entity_src_gen.pdbx_host_org_cellular_location    ? 
_entity_src_gen.pdbx_host_org_vector_type          plasmid 
_entity_src_gen.pdbx_host_org_vector               ? 
_entity_src_gen.host_org_details                   ? 
_entity_src_gen.expression_system_id               ? 
_entity_src_gen.plasmid_name                       pET28 
_entity_src_gen.plasmid_details                    ? 
_entity_src_gen.pdbx_description                   ? 
# 
loop_
_chem_comp.id 
_chem_comp.type 
_chem_comp.mon_nstd_flag 
_chem_comp.name 
_chem_comp.pdbx_synonyms 
_chem_comp.formula 
_chem_comp.formula_weight 
ACT non-polymer         . 'ACETATE ION'   ? 'C2 H3 O2 -1'    59.044  
ALA 'L-peptide linking' y ALANINE         ? 'C3 H7 N O2'     89.093  
ARG 'L-peptide linking' y ARGININE        ? 'C6 H15 N4 O2 1' 175.209 
ASN 'L-peptide linking' y ASPARAGINE      ? 'C4 H8 N2 O3'    132.118 
ASP 'L-peptide linking' y 'ASPARTIC ACID' ? 'C4 H7 N O4'     133.103 
CYS 'L-peptide linking' y CYSTEINE        ? 'C3 H7 N O2 S'   121.158 
GLN 'L-peptide linking' y GLUTAMINE       ? 'C5 H10 N2 O3'   146.144 
GLU 'L-peptide linking' y 'GLUTAMIC ACID' ? 'C5 H9 N O4'     147.129 
GLY 'peptide linking'   y GLYCINE         ? 'C2 H5 N O2'     75.067  
HIS 'L-peptide linking' y HISTIDINE       ? 'C6 H10 N3 O2 1' 156.162 
HOH non-polymer         . WATER           ? 'H2 O'           18.015  
ILE 'L-peptide linking' y ISOLEUCINE      ? 'C6 H13 N O2'    131.173 
LEU 'L-peptide linking' y LEUCINE         ? 'C6 H13 N O2'    131.173 
LYS 'L-peptide linking' y LYSINE          ? 'C6 H15 N2 O2 1' 147.195 
MET 'L-peptide linking' y METHIONINE      ? 'C5 H11 N O2 S'  149.211 
PHE 'L-peptide linking' y PHENYLALANINE   ? 'C9 H11 N O2'    165.189 
PRO 'L-peptide linking' y PROLINE         ? 'C5 H9 N O2'     115.130 
SER 'L-peptide linking' y SERINE          ? 'C3 H7 N O3'     105.093 
THR 'L-peptide linking' y THREONINE       ? 'C4 H9 N O3'     119.119 
TRP 'L-peptide linking' y TRYPTOPHAN      ? 'C11 H12 N2 O2'  204.225 
TYR 'L-peptide linking' y TYROSINE        ? 'C9 H11 N O3'    181.189 
VAL 'L-peptide linking' y VALINE          ? 'C5 H11 N O2'    117.146 
# 
loop_
_pdbx_poly_seq_scheme.asym_id 
_pdbx_poly_seq_scheme.entity_id 
_pdbx_poly_seq_scheme.seq_id 
_pdbx_poly_seq_scheme.mon_id 
_pdbx_poly_seq_scheme.ndb_seq_num 
_pdbx_poly_seq_scheme.pdb_seq_num 
_pdbx_poly_seq_scheme.auth_seq_num 
_pdbx_poly_seq_scheme.pdb_mon_id 
_pdbx_poly_seq_scheme.auth_mon_id 
_pdbx_poly_seq_scheme.pdb_strand_id 
_pdbx_poly_seq_scheme.pdb_ins_code 
_pdbx_poly_seq_scheme.hetero 
A 1 1   MET 1   1   ?   ?   ?   A . n 
A 1 2   SER 2   2   ?   ?   ?   A . n 
A 1 3   LYS 3   3   ?   ?   ?   A . n 
A 1 4   GLY 4   4   ?   ?   ?   A . n 
A 1 5   THR 5   5   ?   ?   ?   A . n 
A 1 6   THR 6   6   ?   ?   ?   A . n 
A 1 7   SER 7   7   ?   ?   ?   A . n 
A 1 8   GLN 8   8   8   GLN GLN A . n 
A 1 9   ASP 9   9   9   ASP ASP A . n 
A 1 10  ALA 10  10  10  ALA ALA A . n 
A 1 11  PRO 11  11  11  PRO PRO A . n 
A 1 12  PHE 12  12  12  PHE PHE A . n 
A 1 13  GLY 13  13  13  GLY GLY A . n 
A 1 14  THR 14  14  14  THR THR A . n 
A 1 15  LEU 15  15  15  LEU LEU A . n 
A 1 16  LEU 16  16  16  LEU LEU A . n 
A 1 17  GLY 17  17  17  GLY GLY A . n 
A 1 18  TYR 18  18  18  TYR TYR A . n 
A 1 19  ALA 19  19  19  ALA ALA A . n 
A 1 20  PRO 20  20  20  PRO PRO A . n 
A 1 21  GLY 21  21  21  GLY GLY A . n 
A 1 22  GLY 22  22  22  GLY GLY A . n 
A 1 23  VAL 23  23  23  VAL VAL A . n 
A 1 24  ALA 24  24  24  ALA ALA A . n 
A 1 25  ILE 25  25  25  ILE ILE A . n 
A 1 26  TYR 26  26  26  TYR TYR A . n 
A 1 27  SER 27  27  27  SER SER A . n 
A 1 28  SER 28  28  28  SER SER A . n 
A 1 29  ASP 29  29  29  ASP ASP A . n 
A 1 30  TYR 30  30  30  TYR TYR A . n 
A 1 31  SER 31  31  31  SER SER A . n 
A 1 32  SER 32  32  32  SER SER A . n 
A 1 33  LEU 33  33  ?   ?   ?   A . n 
A 1 34  ASP 34  34  ?   ?   ?   A . n 
A 1 35  PRO 35  35  ?   ?   ?   A . n 
A 1 36  GLN 36  36  ?   ?   ?   A . n 
A 1 37  GLU 37  37  ?   ?   ?   A . n 
A 1 38  TYR 38  38  ?   ?   ?   A . n 
A 1 39  GLU 39  39  ?   ?   ?   A . n 
A 1 40  ASP 40  40  40  ASP ASP A . n 
A 1 41  ASP 41  41  41  ASP ASP A . n 
A 1 42  ALA 42  42  42  ALA ALA A . n 
A 1 43  VAL 43  43  43  VAL VAL A . n 
A 1 44  PHE 44  44  44  PHE PHE A . n 
A 1 45  ARG 45  45  45  ARG ARG A . n 
A 1 46  SER 46  46  46  SER SER A . n 
A 1 47  TYR 47  47  47  TYR TYR A . n 
A 1 48  ILE 48  48  48  ILE ILE A . n 
A 1 49  ASP 49  49  49  ASP ASP A . n 
A 1 50  ASP 50  50  50  ASP ASP A . n 
A 1 51  GLU 51  51  51  GLU GLU A . n 
A 1 52  TYR 52  52  52  TYR TYR A . n 
A 1 53  MET 53  53  53  MET MET A . n 
A 1 54  GLY 54  54  54  GLY GLY A . n 
A 1 55  HIS 55  55  55  HIS HIS A . n 
A 1 56  LYS 56  56  56  LYS LYS A . n 
A 1 57  TRP 57  57  57  TRP TRP A . n 
A 1 58  GLN 58  58  58  GLN GLN A . n 
A 1 59  CYS 59  59  59  CYS CYS A . n 
A 1 60  VAL 60  60  60  VAL VAL A . n 
A 1 61  GLU 61  61  61  GLU GLU A . n 
A 1 62  PHE 62  62  62  PHE PHE A . n 
A 1 63  ALA 63  63  63  ALA ALA A . n 
A 1 64  ARG 64  64  64  ARG ARG A . n 
A 1 65  ARG 65  65  65  ARG ARG A . n 
A 1 66  PHE 66  66  66  PHE PHE A . n 
A 1 67  LEU 67  67  67  LEU LEU A . n 
A 1 68  PHE 68  68  68  PHE PHE A . n 
A 1 69  LEU 69  69  69  LEU LEU A . n 
A 1 70  ASN 70  70  70  ASN ASN A . n 
A 1 71  TYR 71  71  71  TYR TYR A . n 
A 1 72  GLY 72  72  72  GLY GLY A . n 
A 1 73  VAL 73  73  73  VAL VAL A . n 
A 1 74  VAL 74  74  74  VAL VAL A . n 
A 1 75  PHE 75  75  75  PHE PHE A . n 
A 1 76  THR 76  76  76  THR THR A . n 
A 1 77  ASP 77  77  77  ASP ASP A . n 
A 1 78  VAL 78  78  78  VAL VAL A . n 
A 1 79  GLY 79  79  79  GLY GLY A . n 
A 1 80  MET 80  80  80  MET MET A . n 
A 1 81  ALA 81  81  81  ALA ALA A . n 
A 1 82  TRP 82  82  82  TRP TRP A . n 
A 1 83  GLU 83  83  83  GLU GLU A . n 
A 1 84  ILE 84  84  84  ILE ILE A . n 
A 1 85  PHE 85  85  85  PHE PHE A . n 
A 1 86  SER 86  86  86  SER SER A . n 
A 1 87  LEU 87  87  87  LEU LEU A . n 
A 1 88  ARG 88  88  88  ARG ARG A . n 
A 1 89  PHE 89  89  89  PHE PHE A . n 
A 1 90  LEU 90  90  90  LEU LEU A . n 
A 1 91  ARG 91  91  91  ARG ARG A . n 
A 1 92  GLU 92  92  92  GLU GLU A . n 
A 1 93  VAL 93  93  93  VAL VAL A . n 
A 1 94  VAL 94  94  94  VAL VAL A . n 
A 1 95  ASN 95  95  95  ASN ASN A . n 
A 1 96  ASP 96  96  96  ASP ASP A . n 
A 1 97  ASN 97  97  97  ASN ASN A . n 
A 1 98  ILE 98  98  98  ILE ILE A . n 
A 1 99  LEU 99  99  99  LEU LEU A . n 
A 1 100 PRO 100 100 100 PRO PRO A . n 
A 1 101 LEU 101 101 101 LEU LEU A . n 
A 1 102 GLN 102 102 102 GLN GLN A . n 
A 1 103 ALA 103 103 103 ALA ALA A . n 
A 1 104 PHE 104 104 104 PHE PHE A . n 
A 1 105 PRO 105 105 105 PRO PRO A . n 
A 1 106 ASN 106 106 106 ASN ASN A . n 
A 1 107 GLY 107 107 107 GLY GLY A . n 
A 1 108 SER 108 108 108 SER SER A . n 
A 1 109 PRO 109 109 109 PRO PRO A . n 
A 1 110 ARG 110 110 110 ARG ARG A . n 
A 1 111 ALA 111 111 111 ALA ALA A . n 
A 1 112 PRO 112 112 112 PRO PRO A . n 
A 1 113 VAL 113 113 113 VAL VAL A . n 
A 1 114 ALA 114 114 114 ALA ALA A . n 
A 1 115 GLY 115 115 115 GLY GLY A . n 
A 1 116 ALA 116 116 116 ALA ALA A . n 
A 1 117 LEU 117 117 117 LEU LEU A . n 
A 1 118 LEU 118 118 118 LEU LEU A . n 
A 1 119 ILE 119 119 119 ILE ILE A . n 
A 1 120 TRP 120 120 120 TRP TRP A . n 
A 1 121 ASP 121 121 121 ASP ASP A . n 
A 1 122 LYS 122 122 122 LYS LYS A . n 
A 1 123 GLY 123 123 123 GLY GLY A . n 
A 1 124 GLY 124 124 124 GLY GLY A . n 
A 1 125 GLU 125 125 125 GLU GLU A . n 
A 1 126 PHE 126 126 126 PHE PHE A . n 
A 1 127 LYS 127 127 127 LYS LYS A . n 
A 1 128 ASP 128 128 128 ASP ASP A . n 
A 1 129 THR 129 129 129 THR THR A . n 
A 1 130 GLY 130 130 130 GLY GLY A . n 
A 1 131 HIS 131 131 131 HIS HIS A . n 
A 1 132 VAL 132 132 132 VAL VAL A . n 
A 1 133 ALA 133 133 133 ALA ALA A . n 
A 1 134 ILE 134 134 134 ILE ILE A . n 
A 1 135 ILE 135 135 135 ILE ILE A . n 
A 1 136 THR 136 136 136 THR THR A . n 
A 1 137 GLN 137 137 137 GLN GLN A . n 
A 1 138 LEU 138 138 138 LEU LEU A . n 
A 1 139 HIS 139 139 139 HIS HIS A . n 
A 1 140 GLY 140 140 140 GLY GLY A . n 
A 1 141 ASN 141 141 141 ASN ASN A . n 
A 1 142 LYS 142 142 142 LYS LYS A . n 
A 1 143 VAL 143 143 143 VAL VAL A . n 
A 1 144 ARG 144 144 144 ARG ARG A . n 
A 1 145 ILE 145 145 145 ILE ILE A . n 
A 1 146 ALA 146 146 146 ALA ALA A . n 
A 1 147 GLU 147 147 147 GLU GLU A . n 
A 1 148 GLN 148 148 148 GLN GLN A . n 
A 1 149 ASN 149 149 149 ASN ASN A . n 
A 1 150 VAL 150 150 150 VAL VAL A . n 
A 1 151 ILE 151 151 151 ILE ILE A . n 
A 1 152 HIS 152 152 152 HIS HIS A . n 
A 1 153 SER 153 153 153 SER SER A . n 
A 1 154 PRO 154 154 154 PRO PRO A . n 
A 1 155 LEU 155 155 155 LEU LEU A . n 
A 1 156 PRO 156 156 156 PRO PRO A . n 
A 1 157 GLN 157 157 157 GLN GLN A . n 
A 1 158 GLY 158 158 158 GLY GLY A . n 
A 1 159 GLN 159 159 159 GLN GLN A . n 
A 1 160 GLN 160 160 160 GLN GLN A . n 
A 1 161 TRP 161 161 161 TRP TRP A . n 
A 1 162 THR 162 162 162 THR THR A . n 
A 1 163 ARG 163 163 163 ARG ARG A . n 
A 1 164 GLU 164 164 164 GLU GLU A . n 
A 1 165 LEU 165 165 165 LEU LEU A . n 
A 1 166 GLU 166 166 166 GLU GLU A . n 
A 1 167 MET 167 167 167 MET MET A . n 
A 1 168 VAL 168 168 168 VAL VAL A . n 
A 1 169 VAL 169 169 169 VAL VAL A . n 
A 1 170 GLU 170 170 170 GLU GLU A . n 
A 1 171 ASN 171 171 171 ASN ASN A . n 
A 1 172 GLY 172 172 172 GLY GLY A . n 
A 1 173 CYS 173 173 173 CYS CYS A . n 
A 1 174 TYR 174 174 174 TYR TYR A . n 
A 1 175 THR 175 175 175 THR THR A . n 
A 1 176 LEU 176 176 176 LEU LEU A . n 
A 1 177 LYS 177 177 177 LYS LYS A . n 
A 1 178 ASP 178 178 178 ASP ASP A . n 
A 1 179 THR 179 179 179 THR THR A . n 
A 1 180 PHE 180 180 180 PHE PHE A . n 
A 1 181 ASP 181 181 181 ASP ASP A . n 
A 1 182 ASP 182 182 182 ASP ASP A . n 
A 1 183 THR 183 183 183 THR THR A . n 
A 1 184 THR 184 184 184 THR THR A . n 
A 1 185 ILE 185 185 185 ILE ILE A . n 
A 1 186 LEU 186 186 186 LEU LEU A . n 
A 1 187 GLY 187 187 187 GLY GLY A . n 
A 1 188 TRP 188 188 188 TRP TRP A . n 
A 1 189 MET 189 189 189 MET MET A . n 
A 1 190 ILE 190 190 190 ILE ILE A . n 
A 1 191 GLN 191 191 191 GLN GLN A . n 
A 1 192 THR 192 192 192 THR THR A . n 
A 1 193 GLU 193 193 193 GLU GLU A . n 
A 1 194 ASP 194 194 ?   ?   ?   A . n 
A 1 195 THR 195 195 ?   ?   ?   A . n 
A 1 196 GLU 196 196 ?   ?   ?   A . n 
A 1 197 TYR 197 197 ?   ?   ?   A . n 
# 
loop_
_pdbx_nonpoly_scheme.asym_id 
_pdbx_nonpoly_scheme.entity_id 
_pdbx_nonpoly_scheme.mon_id 
_pdbx_nonpoly_scheme.ndb_seq_num 
_pdbx_nonpoly_scheme.pdb_seq_num 
_pdbx_nonpoly_scheme.auth_seq_num 
_pdbx_nonpoly_scheme.pdb_mon_id 
_pdbx_nonpoly_scheme.auth_mon_id 
_pdbx_nonpoly_scheme.pdb_strand_id 
_pdbx_nonpoly_scheme.pdb_ins_code 
B 2 ACT 1   2001 2001 ACT ACT A . 
C 3 HOH 1   1001 1001 HOH HOH A . 
C 3 HOH 2   1002 1002 HOH HOH A . 
C 3 HOH 3   1003 1003 HOH HOH A . 
C 3 HOH 4   1004 1004 HOH HOH A . 
C 3 HOH 5   1005 1005 HOH HOH A . 
C 3 HOH 6   1006 1006 HOH HOH A . 
C 3 HOH 7   1007 1007 HOH HOH A . 
C 3 HOH 8   1008 1008 HOH HOH A . 
C 3 HOH 9   1009 1009 HOH HOH A . 
C 3 HOH 10  1010 1010 HOH HOH A . 
C 3 HOH 11  1011 1011 HOH HOH A . 
C 3 HOH 12  1012 1012 HOH HOH A . 
C 3 HOH 13  1013 1013 HOH HOH A . 
C 3 HOH 14  1014 1014 HOH HOH A . 
C 3 HOH 15  1015 1015 HOH HOH A . 
C 3 HOH 16  1016 1016 HOH HOH A . 
C 3 HOH 17  1017 1017 HOH HOH A . 
C 3 HOH 18  1018 1018 HOH HOH A . 
C 3 HOH 19  1019 1019 HOH HOH A . 
C 3 HOH 20  1020 1020 HOH HOH A . 
C 3 HOH 21  1021 1021 HOH HOH A . 
C 3 HOH 22  1022 1022 HOH HOH A . 
C 3 HOH 23  1023 1023 HOH HOH A . 
C 3 HOH 24  1024 1024 HOH HOH A . 
C 3 HOH 25  1025 1025 HOH HOH A . 
C 3 HOH 26  1026 1026 HOH HOH A . 
C 3 HOH 27  1027 1027 HOH HOH A . 
C 3 HOH 28  1028 1028 HOH HOH A . 
C 3 HOH 29  1029 1029 HOH HOH A . 
C 3 HOH 30  1030 1030 HOH HOH A . 
C 3 HOH 31  1031 1031 HOH HOH A . 
C 3 HOH 32  1032 1032 HOH HOH A . 
C 3 HOH 33  1033 1033 HOH HOH A . 
C 3 HOH 34  1034 1034 HOH HOH A . 
C 3 HOH 35  1035 1035 HOH HOH A . 
C 3 HOH 36  1036 1036 HOH HOH A . 
C 3 HOH 37  1037 1037 HOH HOH A . 
C 3 HOH 38  1038 1038 HOH HOH A . 
C 3 HOH 39  1039 1039 HOH HOH A . 
C 3 HOH 40  1040 1040 HOH HOH A . 
C 3 HOH 41  1041 1041 HOH HOH A . 
C 3 HOH 42  1042 1042 HOH HOH A . 
C 3 HOH 43  1044 1044 HOH HOH A . 
C 3 HOH 44  1045 1045 HOH HOH A . 
C 3 HOH 45  1046 1046 HOH HOH A . 
C 3 HOH 46  1047 1047 HOH HOH A . 
C 3 HOH 47  1048 1048 HOH HOH A . 
C 3 HOH 48  1049 1049 HOH HOH A . 
C 3 HOH 49  1050 1050 HOH HOH A . 
C 3 HOH 50  1051 1051 HOH HOH A . 
C 3 HOH 51  1052 1052 HOH HOH A . 
C 3 HOH 52  1053 1053 HOH HOH A . 
C 3 HOH 53  1054 1054 HOH HOH A . 
C 3 HOH 54  1055 1055 HOH HOH A . 
C 3 HOH 55  1056 1056 HOH HOH A . 
C 3 HOH 56  1057 1057 HOH HOH A . 
C 3 HOH 57  1058 1058 HOH HOH A . 
C 3 HOH 58  1059 1059 HOH HOH A . 
C 3 HOH 59  1060 1060 HOH HOH A . 
C 3 HOH 60  1061 1061 HOH HOH A . 
C 3 HOH 61  1062 1062 HOH HOH A . 
C 3 HOH 62  1063 1063 HOH HOH A . 
C 3 HOH 63  1064 1064 HOH HOH A . 
C 3 HOH 64  1065 1065 HOH HOH A . 
C 3 HOH 65  1066 1066 HOH HOH A . 
C 3 HOH 66  1067 1067 HOH HOH A . 
C 3 HOH 67  1068 1068 HOH HOH A . 
C 3 HOH 68  1069 1069 HOH HOH A . 
C 3 HOH 69  1070 1070 HOH HOH A . 
C 3 HOH 70  1071 1071 HOH HOH A . 
C 3 HOH 71  1072 1072 HOH HOH A . 
C 3 HOH 72  1073 1073 HOH HOH A . 
C 3 HOH 73  1074 1074 HOH HOH A . 
C 3 HOH 74  1075 1075 HOH HOH A . 
C 3 HOH 75  1076 1076 HOH HOH A . 
C 3 HOH 76  1077 1077 HOH HOH A . 
C 3 HOH 77  1078 1078 HOH HOH A . 
C 3 HOH 78  1079 1079 HOH HOH A . 
C 3 HOH 79  1080 1080 HOH HOH A . 
C 3 HOH 80  1081 1081 HOH HOH A . 
C 3 HOH 81  1082 1082 HOH HOH A . 
C 3 HOH 82  1083 1083 HOH HOH A . 
C 3 HOH 83  1084 1084 HOH HOH A . 
C 3 HOH 84  1085 1085 HOH HOH A . 
C 3 HOH 85  1086 1086 HOH HOH A . 
C 3 HOH 86  1087 1087 HOH HOH A . 
C 3 HOH 87  1088 1088 HOH HOH A . 
C 3 HOH 88  1089 1089 HOH HOH A . 
C 3 HOH 89  1090 1090 HOH HOH A . 
C 3 HOH 90  1091 1091 HOH HOH A . 
C 3 HOH 91  1092 1092 HOH HOH A . 
C 3 HOH 92  1093 1093 HOH HOH A . 
C 3 HOH 93  1094 1094 HOH HOH A . 
C 3 HOH 94  1095 1095 HOH HOH A . 
C 3 HOH 95  1096 1096 HOH HOH A . 
C 3 HOH 96  1097 1097 HOH HOH A . 
C 3 HOH 97  1098 1098 HOH HOH A . 
C 3 HOH 98  1099 1099 HOH HOH A . 
C 3 HOH 99  1100 1100 HOH HOH A . 
C 3 HOH 100 1102 1102 HOH HOH A . 
C 3 HOH 101 1103 1103 HOH HOH A . 
C 3 HOH 102 1104 1104 HOH HOH A . 
C 3 HOH 103 1105 1105 HOH HOH A . 
C 3 HOH 104 1106 1106 HOH HOH A . 
C 3 HOH 105 1107 1107 HOH HOH A . 
C 3 HOH 106 1108 1108 HOH HOH A . 
C 3 HOH 107 1109 1109 HOH HOH A . 
C 3 HOH 108 1110 1110 HOH HOH A . 
C 3 HOH 109 1111 1111 HOH HOH A . 
C 3 HOH 110 1112 1112 HOH HOH A . 
C 3 HOH 111 1113 1113 HOH HOH A . 
C 3 HOH 112 1114 1114 HOH HOH A . 
C 3 HOH 113 1115 1115 HOH HOH A . 
C 3 HOH 114 1116 1116 HOH HOH A . 
# 
loop_
_software.name 
_software.classification 
_software.version 
_software.citation_id 
_software.pdbx_ordinal 
Blu-Ice  'data collection' . ? 1 
CNS      refinement        . ? 2 
HKL-2000 'data reduction'  . ? 3 
HKL-2000 'data scaling'    . ? 4 
CNS      phasing           . ? 5 
# 
_cell.entry_id           3A30 
_cell.length_a           83.510 
_cell.length_b           83.510 
_cell.length_c           105.840 
_cell.angle_alpha        90.00 
_cell.angle_beta         90.00 
_cell.angle_gamma        120.00 
_cell.Z_PDB              12 
_cell.pdbx_unique_axis   ? 
_cell.length_a_esd       ? 
_cell.length_b_esd       ? 
_cell.length_c_esd       ? 
_cell.angle_alpha_esd    ? 
_cell.angle_beta_esd     ? 
_cell.angle_gamma_esd    ? 
# 
_symmetry.entry_id                         3A30 
_symmetry.space_group_name_H-M             'P 64 2 2' 
_symmetry.pdbx_full_space_group_name_H-M   ? 
_symmetry.cell_setting                     ? 
_symmetry.Int_Tables_number                181 
_symmetry.space_group_name_Hall            ? 
# 
_exptl.entry_id          3A30 
_exptl.method            'X-RAY DIFFRACTION' 
_exptl.crystals_number   1 
# 
_exptl_crystal.id                    1 
_exptl_crystal.density_meas          ? 
_exptl_crystal.density_Matthews      2.39 
_exptl_crystal.density_percent_sol   48.52 
_exptl_crystal.description           ? 
_exptl_crystal.F_000                 ? 
_exptl_crystal.preparation           ? 
# 
_exptl_crystal_grow.crystal_id      1 
_exptl_crystal_grow.method          EVAPORATION 
_exptl_crystal_grow.temp            298 
_exptl_crystal_grow.temp_details    ? 
_exptl_crystal_grow.pH              4.5 
_exptl_crystal_grow.pdbx_details    '0.1M acetate, 0.8M NaH2PO4, 1.2M K2HPO4, pH 4.5, EVAPORATION, temperature 298K' 
_exptl_crystal_grow.pdbx_pH_range   . 
# 
_diffrn.id                     1 
_diffrn.ambient_temp           100 
_diffrn.ambient_temp_details   ? 
_diffrn.crystal_id             1 
# 
_diffrn_detector.diffrn_id              1 
_diffrn_detector.detector               CCD 
_diffrn_detector.type                   'ADSC QUANTUM 210' 
_diffrn_detector.pdbx_collection_date   ? 
_diffrn_detector.details                ? 
# 
_diffrn_radiation.diffrn_id                        1 
_diffrn_radiation.wavelength_id                    1 
_diffrn_radiation.pdbx_monochromatic_or_laue_m_l   M 
_diffrn_radiation.monochromator                    ? 
_diffrn_radiation.pdbx_diffrn_protocol             'SINGLE WAVELENGTH' 
_diffrn_radiation.pdbx_scattering_type             x-ray 
# 
_diffrn_radiation_wavelength.id           1 
_diffrn_radiation_wavelength.wavelength   . 
_diffrn_radiation_wavelength.wt           1.0 
# 
_diffrn_source.diffrn_id                   1 
_diffrn_source.source                      SYNCHROTRON 
_diffrn_source.type                        'NSRRC BEAMLINE BL13C1' 
_diffrn_source.pdbx_synchrotron_site       NSRRC 
_diffrn_source.pdbx_synchrotron_beamline   BL13C1 
_diffrn_source.pdbx_wavelength             ? 
_diffrn_source.pdbx_wavelength_list        ? 
# 
_reflns.entry_id                     3A30 
_reflns.observed_criterion_sigma_F   0 
_reflns.observed_criterion_sigma_I   1 
_reflns.d_resolution_high            2.20 
_reflns.d_resolution_low             30 
_reflns.number_all                   ? 
_reflns.number_obs                   11604 
_reflns.percent_possible_obs         100 
_reflns.pdbx_Rmerge_I_obs            0.092 
_reflns.pdbx_Rsym_value              ? 
_reflns.pdbx_netI_over_sigmaI        34.8 
_reflns.B_iso_Wilson_estimate        ? 
_reflns.pdbx_redundancy              10.1 
_reflns.R_free_details               ? 
_reflns.limit_h_max                  ? 
_reflns.limit_h_min                  ? 
_reflns.limit_k_max                  ? 
_reflns.limit_k_min                  ? 
_reflns.limit_l_max                  ? 
_reflns.limit_l_min                  ? 
_reflns.observed_criterion_F_max     ? 
_reflns.observed_criterion_F_min     ? 
_reflns.pdbx_chi_squared             ? 
_reflns.pdbx_scaling_rejects         ? 
_reflns.pdbx_diffrn_id               1 
_reflns.pdbx_ordinal                 1 
# 
_reflns_shell.d_res_high             2.20 
_reflns_shell.d_res_low              2.28 
_reflns_shell.percent_possible_all   99.9 
_reflns_shell.Rmerge_I_obs           0.609 
_reflns_shell.pdbx_Rsym_value        ? 
_reflns_shell.meanI_over_sigI_obs    5.9 
_reflns_shell.pdbx_redundancy        10.3 
_reflns_shell.percent_possible_obs   ? 
_reflns_shell.number_unique_all      1114 
_reflns_shell.number_measured_all    ? 
_reflns_shell.number_measured_obs    ? 
_reflns_shell.number_unique_obs      ? 
_reflns_shell.pdbx_chi_squared       ? 
_reflns_shell.pdbx_diffrn_id         ? 
_reflns_shell.pdbx_ordinal           1 
# 
_refine.entry_id                                 3A30 
_refine.ls_d_res_high                            2.20 
_refine.ls_d_res_low                             25.25 
_refine.pdbx_ls_sigma_F                          0 
_refine.pdbx_ls_sigma_I                          0 
_refine.ls_number_reflns_all                     11614 
_refine.ls_number_reflns_obs                     11146 
_refine.ls_number_reflns_R_free                  588 
_refine.ls_percent_reflns_obs                    96 
_refine.ls_R_factor_all                          ? 
_refine.ls_R_factor_obs                          ? 
_refine.ls_R_factor_R_work                       0.1997 
_refine.ls_R_factor_R_free                       0.2487 
_refine.ls_redundancy_reflns_obs                 ? 
_refine.pdbx_data_cutoff_high_absF               ? 
_refine.pdbx_data_cutoff_low_absF                ? 
_refine.ls_number_parameters                     ? 
_refine.ls_number_restraints                     ? 
_refine.ls_percent_reflns_R_free                 4.800 
_refine.ls_R_factor_R_free_error                 ? 
_refine.ls_number_reflns_R_work                  9915 
_refine.ls_R_factor_R_free_error_details         ? 
_refine.pdbx_method_to_determine_struct          'MOLECULAR REPLACEMENT' 
_refine.pdbx_starting_model                      'PDB ENTRY 2iob' 
_refine.pdbx_ls_cross_valid_method               THROUGHOUT 
_refine.pdbx_R_Free_selection_details            random 
_refine.pdbx_stereochem_target_val_spec_case     ? 
_refine.pdbx_stereochemistry_target_values       'Engh & Huber' 
_refine.solvent_model_details                    ? 
_refine.solvent_model_param_bsol                 37.670 
_refine.solvent_model_param_ksol                 ? 
_refine.occupancy_max                            1.00 
_refine.occupancy_min                            0.50 
_refine.pdbx_isotropic_thermal_model             ? 
_refine.B_iso_mean                               24.918 
_refine.aniso_B[1][1]                            0.876 
_refine.aniso_B[2][2]                            0.876 
_refine.aniso_B[3][3]                            -1.751 
_refine.aniso_B[1][2]                            -9.820 
_refine.aniso_B[1][3]                            0.000 
_refine.aniso_B[2][3]                            0.000 
_refine.details                                  ? 
_refine.B_iso_max                                68.35 
_refine.B_iso_min                                7.61 
_refine.correlation_coeff_Fo_to_Fc               ? 
_refine.correlation_coeff_Fo_to_Fc_free          ? 
_refine.pdbx_solvent_vdw_probe_radii             ? 
_refine.pdbx_solvent_ion_probe_radii             ? 
_refine.pdbx_solvent_shrinkage_radii             ? 
_refine.overall_SU_R_Cruickshank_DPI             ? 
_refine.overall_SU_R_free                        ? 
_refine.overall_SU_ML                            ? 
_refine.overall_SU_B                             ? 
_refine.pdbx_overall_ESU_R_Free                  ? 
_refine.pdbx_data_cutoff_high_rms_absF           ? 
_refine.pdbx_overall_ESU_R                       ? 
_refine.ls_wR_factor_R_free                      ? 
_refine.ls_wR_factor_R_work                      ? 
_refine.overall_FOM_free_R_set                   ? 
_refine.overall_FOM_work_R_set                   ? 
_refine.pdbx_refine_id                           'X-RAY DIFFRACTION' 
_refine.pdbx_overall_phase_error                 ? 
_refine.pdbx_diffrn_id                           1 
_refine.pdbx_TLS_residual_ADP_flag               ? 
_refine.pdbx_overall_SU_R_free_Cruickshank_DPI   ? 
_refine.pdbx_overall_SU_R_Blow_DPI               ? 
_refine.pdbx_overall_SU_R_free_Blow_DPI          ? 
# 
_refine_analyze.entry_id                        3A30 
_refine_analyze.Luzzati_coordinate_error_obs    0.25 
_refine_analyze.Luzzati_sigma_a_obs             0.21 
_refine_analyze.Luzzati_d_res_low_obs           5 
_refine_analyze.Luzzati_coordinate_error_free   0.31 
_refine_analyze.Luzzati_sigma_a_free            0.27 
_refine_analyze.Luzzati_d_res_low_free          ? 
_refine_analyze.number_disordered_residues      ? 
_refine_analyze.occupancy_sum_non_hydrogen      ? 
_refine_analyze.occupancy_sum_hydrogen          ? 
_refine_analyze.pdbx_Luzzati_d_res_high_obs     ? 
_refine_analyze.pdbx_refine_id                  'X-RAY DIFFRACTION' 
# 
_refine_hist.pdbx_refine_id                   'X-RAY DIFFRACTION' 
_refine_hist.cycle_id                         LAST 
_refine_hist.pdbx_number_atoms_protein        1427 
_refine_hist.pdbx_number_atoms_nucleic_acid   0 
_refine_hist.pdbx_number_atoms_ligand         4 
_refine_hist.number_atoms_solvent             114 
_refine_hist.number_atoms_total               1545 
_refine_hist.d_res_high                       2.20 
_refine_hist.d_res_low                        25.25 
# 
loop_
_refine_ls_restr.pdbx_refine_id 
_refine_ls_restr.type 
_refine_ls_restr.number 
_refine_ls_restr.dev_ideal 
_refine_ls_restr.dev_ideal_target 
_refine_ls_restr.weight 
_refine_ls_restr.pdbx_restraint_function 
'X-RAY DIFFRACTION' c_mcbond_it  ? 1.543    1.500 ? ? 
'X-RAY DIFFRACTION' c_scbond_it  ? 2.094    2.000 ? ? 
'X-RAY DIFFRACTION' c_mcangle_it ? 2.626    2.000 ? ? 
'X-RAY DIFFRACTION' c_scangle_it ? 3.182    2.500 ? ? 
'X-RAY DIFFRACTION' c_angle_deg  ? 1.23904  ?     ? ? 
'X-RAY DIFFRACTION' c_bond_d     ? 0.005223 ?     ? ? 
# 
_refine_ls_shell.pdbx_total_number_of_bins_used   ? 
_refine_ls_shell.d_res_high                       2.20 
_refine_ls_shell.d_res_low                        2.28 
_refine_ls_shell.number_reflns_R_work             ? 
_refine_ls_shell.R_factor_R_work                  0.2314 
_refine_ls_shell.percent_reflns_obs               ? 
_refine_ls_shell.R_factor_R_free                  0.3205 
_refine_ls_shell.R_factor_R_free_error            ? 
_refine_ls_shell.percent_reflns_R_free            ? 
_refine_ls_shell.number_reflns_R_free             55 
_refine_ls_shell.number_reflns_all                ? 
_refine_ls_shell.R_factor_all                     ? 
_refine_ls_shell.number_reflns_obs                1018 
_refine_ls_shell.redundancy_reflns_obs            ? 
_refine_ls_shell.pdbx_refine_id                   'X-RAY DIFFRACTION' 
# 
loop_
_pdbx_xplor_file.pdbx_refine_id 
_pdbx_xplor_file.serial_no 
_pdbx_xplor_file.param_file 
_pdbx_xplor_file.topol_file 
'X-RAY DIFFRACTION' 1 CNS_TOPPAR:protein_rep.param ? 
'X-RAY DIFFRACTION' 2 CNS_TOPPAR:water_rep.param   ? 
'X-RAY DIFFRACTION' 3 act_xplor_par.par            ? 
# 
_struct.entry_id                  3A30 
_struct.title                     'E. coli Gsp amidase C59 acetate modification' 
_struct.pdbx_model_details        ? 
_struct.pdbx_CASP_flag            ? 
_struct.pdbx_model_type_details   ? 
# 
_struct_keywords.entry_id        3A30 
_struct_keywords.pdbx_keywords   'Hydrolase, Ligase' 
_struct_keywords.text            'Gsp amidase, ATP-binding, Hydrolase, Ligase, Multifunctional enzyme, Nucleotide-binding' 
# 
loop_
_struct_asym.id 
_struct_asym.pdbx_blank_PDB_chainid_flag 
_struct_asym.pdbx_modified 
_struct_asym.entity_id 
_struct_asym.details 
A N N 1 ? 
B N N 2 ? 
C N N 3 ? 
# 
_struct_ref.id                         1 
_struct_ref.db_name                    UNP 
_struct_ref.db_code                    GSP_ECOLI 
_struct_ref.pdbx_db_accession          P0AES0 
_struct_ref.entity_id                  1 
_struct_ref.pdbx_seq_one_letter_code   
;MSKGTTSQDAPFGTLLGYAPGGVAIYSSDYSSLDPQEYEDDAVFRSYIDDEYMGHKWQCVEFARRFLFLNYGVVFTDVGM
AWEIFSLRFLREVVNDNILPLQAFPNGSPRAPVAGALLIWDKGGEFKDTGHVAIITQLHGNKVRIAEQNVIHSPLPQGQQ
WTRELEMVVENGCYTLKDTFDDTTILGWMIQTEDTEY
;
_struct_ref.pdbx_align_begin           1 
_struct_ref.pdbx_db_isoform            ? 
# 
_struct_ref_seq.align_id                      1 
_struct_ref_seq.ref_id                        1 
_struct_ref_seq.pdbx_PDB_id_code              3A30 
_struct_ref_seq.pdbx_strand_id                A 
_struct_ref_seq.seq_align_beg                 1 
_struct_ref_seq.pdbx_seq_align_beg_ins_code   ? 
_struct_ref_seq.seq_align_end                 197 
_struct_ref_seq.pdbx_seq_align_end_ins_code   ? 
_struct_ref_seq.pdbx_db_accession             P0AES0 
_struct_ref_seq.db_align_beg                  1 
_struct_ref_seq.pdbx_db_align_beg_ins_code    ? 
_struct_ref_seq.db_align_end                  197 
_struct_ref_seq.pdbx_db_align_end_ins_code    ? 
_struct_ref_seq.pdbx_auth_seq_align_beg       1 
_struct_ref_seq.pdbx_auth_seq_align_end       197 
# 
loop_
_pdbx_struct_assembly.id 
_pdbx_struct_assembly.details 
_pdbx_struct_assembly.method_details 
_pdbx_struct_assembly.oligomeric_details 
_pdbx_struct_assembly.oligomeric_count 
1 author_defined_assembly   ?    monomeric 1 
2 software_defined_assembly PISA dimeric   2 
# 
loop_
_pdbx_struct_assembly_prop.biol_id 
_pdbx_struct_assembly_prop.type 
_pdbx_struct_assembly_prop.value 
_pdbx_struct_assembly_prop.details 
2 'ABSA (A^2)' 2590  ? 
2 MORE         -9    ? 
2 'SSA (A^2)'  15760 ? 
# 
loop_
_pdbx_struct_assembly_gen.assembly_id 
_pdbx_struct_assembly_gen.oper_expression 
_pdbx_struct_assembly_gen.asym_id_list 
1 1   A,B,C 
2 1,2 A,B,C 
# 
loop_
_pdbx_struct_oper_list.id 
_pdbx_struct_oper_list.type 
_pdbx_struct_oper_list.name 
_pdbx_struct_oper_list.symmetry_operation 
_pdbx_struct_oper_list.matrix[1][1] 
_pdbx_struct_oper_list.matrix[1][2] 
_pdbx_struct_oper_list.matrix[1][3] 
_pdbx_struct_oper_list.vector[1] 
_pdbx_struct_oper_list.matrix[2][1] 
_pdbx_struct_oper_list.matrix[2][2] 
_pdbx_struct_oper_list.matrix[2][3] 
_pdbx_struct_oper_list.vector[2] 
_pdbx_struct_oper_list.matrix[3][1] 
_pdbx_struct_oper_list.matrix[3][2] 
_pdbx_struct_oper_list.matrix[3][3] 
_pdbx_struct_oper_list.vector[3] 
1 'identity operation'         1_555 x,y,z     1.0000000000  0.0000000000  0.0000000000  0.0000000000 0.0000000000  1.0000000000 0.0000000000 0.0000000000  0.0000000000  0.0000000000 1.0000000000  0.0000000000   
2 'crystal symmetry operation' 8_555 x-y,-y,-z -0.3965549154 -0.7849210453 -0.4760705323 1.4383008990 -0.7849210453 0.0209728492 0.6192407385 14.3840765634 -0.4760705323 0.6192407385 -0.6244179338 -21.8926148485 
# 
_struct_biol.id        1 
_struct_biol.details   ? 
# 
loop_
_struct_conf.conf_type_id 
_struct_conf.id 
_struct_conf.pdbx_PDB_helix_id 
_struct_conf.beg_label_comp_id 
_struct_conf.beg_label_asym_id 
_struct_conf.beg_label_seq_id 
_struct_conf.pdbx_beg_PDB_ins_code 
_struct_conf.end_label_comp_id 
_struct_conf.end_label_asym_id 
_struct_conf.end_label_seq_id 
_struct_conf.pdbx_end_PDB_ins_code 
_struct_conf.beg_auth_comp_id 
_struct_conf.beg_auth_asym_id 
_struct_conf.beg_auth_seq_id 
_struct_conf.end_auth_comp_id 
_struct_conf.end_auth_asym_id 
_struct_conf.end_auth_seq_id 
_struct_conf.pdbx_PDB_helix_class 
_struct_conf.details 
_struct_conf.pdbx_PDB_helix_length 
HELX_P HELX_P1 1 ASP A 41  ? VAL A 43  ? ASP A 41  VAL A 43  5 ? 3  
HELX_P HELX_P2 2 GLN A 58  ? GLY A 72  ? GLN A 58  GLY A 72  1 ? 15 
HELX_P HELX_P3 3 MET A 80  ? LEU A 87  ? MET A 80  LEU A 87  5 ? 8  
HELX_P HELX_P4 4 GLY A 123 ? LYS A 127 ? GLY A 123 LYS A 127 5 ? 5  
# 
_struct_conf_type.id          HELX_P 
_struct_conf_type.criteria    ? 
_struct_conf_type.reference   ? 
# 
_struct_mon_prot_cis.pdbx_id                1 
_struct_mon_prot_cis.label_comp_id          LYS 
_struct_mon_prot_cis.label_seq_id           56 
_struct_mon_prot_cis.label_asym_id          A 
_struct_mon_prot_cis.label_alt_id           . 
_struct_mon_prot_cis.pdbx_PDB_ins_code      ? 
_struct_mon_prot_cis.auth_comp_id           LYS 
_struct_mon_prot_cis.auth_seq_id            56 
_struct_mon_prot_cis.auth_asym_id           A 
_struct_mon_prot_cis.pdbx_label_comp_id_2   TRP 
_struct_mon_prot_cis.pdbx_label_seq_id_2    57 
_struct_mon_prot_cis.pdbx_label_asym_id_2   A 
_struct_mon_prot_cis.pdbx_PDB_ins_code_2    ? 
_struct_mon_prot_cis.pdbx_auth_comp_id_2    TRP 
_struct_mon_prot_cis.pdbx_auth_seq_id_2     57 
_struct_mon_prot_cis.pdbx_auth_asym_id_2    A 
_struct_mon_prot_cis.pdbx_PDB_model_num     1 
_struct_mon_prot_cis.pdbx_omega_angle       -5.85 
# 
loop_
_struct_sheet.id 
_struct_sheet.type 
_struct_sheet.number_strands 
_struct_sheet.details 
A ? 2 ? 
B ? 2 ? 
C ? 9 ? 
# 
loop_
_struct_sheet_order.sheet_id 
_struct_sheet_order.range_id_1 
_struct_sheet_order.range_id_2 
_struct_sheet_order.offset 
_struct_sheet_order.sense 
A 1 2 ? anti-parallel 
B 1 2 ? anti-parallel 
C 1 2 ? anti-parallel 
C 2 3 ? anti-parallel 
C 3 4 ? anti-parallel 
C 4 5 ? anti-parallel 
C 5 6 ? anti-parallel 
C 6 7 ? anti-parallel 
C 7 8 ? anti-parallel 
C 8 9 ? anti-parallel 
# 
loop_
_struct_sheet_range.sheet_id 
_struct_sheet_range.id 
_struct_sheet_range.beg_label_comp_id 
_struct_sheet_range.beg_label_asym_id 
_struct_sheet_range.beg_label_seq_id 
_struct_sheet_range.pdbx_beg_PDB_ins_code 
_struct_sheet_range.end_label_comp_id 
_struct_sheet_range.end_label_asym_id 
_struct_sheet_range.end_label_seq_id 
_struct_sheet_range.pdbx_end_PDB_ins_code 
_struct_sheet_range.beg_auth_comp_id 
_struct_sheet_range.beg_auth_asym_id 
_struct_sheet_range.beg_auth_seq_id 
_struct_sheet_range.end_auth_comp_id 
_struct_sheet_range.end_auth_asym_id 
_struct_sheet_range.end_auth_seq_id 
A 1 LEU A 15  ? ALA A 19  ? LEU A 15  ALA A 19  
A 2 VAL A 23  ? TYR A 26  ? VAL A 23  TYR A 26  
B 1 ARG A 45  ? ILE A 48  ? ARG A 45  ILE A 48  
B 2 GLU A 51  ? HIS A 55  ? GLU A 51  HIS A 55  
C 1 VAL A 73  ? VAL A 74  ? VAL A 73  VAL A 74  
C 2 PHE A 89  ? GLU A 92  ? PHE A 89  GLU A 92  
C 3 ILE A 98  ? PRO A 105 ? ILE A 98  PRO A 105 
C 4 ILE A 185 ? GLN A 191 ? ILE A 185 GLN A 191 
C 5 LEU A 117 ? TRP A 120 ? LEU A 117 TRP A 120 
C 6 HIS A 131 ? LEU A 138 ? HIS A 131 LEU A 138 
C 7 LYS A 142 ? ALA A 146 ? LYS A 142 ALA A 146 
C 8 ARG A 163 ? GLU A 170 ? ARG A 163 GLU A 170 
C 9 CYS A 173 ? LYS A 177 ? CYS A 173 LYS A 177 
# 
loop_
_pdbx_struct_sheet_hbond.sheet_id 
_pdbx_struct_sheet_hbond.range_id_1 
_pdbx_struct_sheet_hbond.range_id_2 
_pdbx_struct_sheet_hbond.range_1_label_atom_id 
_pdbx_struct_sheet_hbond.range_1_label_comp_id 
_pdbx_struct_sheet_hbond.range_1_label_asym_id 
_pdbx_struct_sheet_hbond.range_1_label_seq_id 
_pdbx_struct_sheet_hbond.range_1_PDB_ins_code 
_pdbx_struct_sheet_hbond.range_1_auth_atom_id 
_pdbx_struct_sheet_hbond.range_1_auth_comp_id 
_pdbx_struct_sheet_hbond.range_1_auth_asym_id 
_pdbx_struct_sheet_hbond.range_1_auth_seq_id 
_pdbx_struct_sheet_hbond.range_2_label_atom_id 
_pdbx_struct_sheet_hbond.range_2_label_comp_id 
_pdbx_struct_sheet_hbond.range_2_label_asym_id 
_pdbx_struct_sheet_hbond.range_2_label_seq_id 
_pdbx_struct_sheet_hbond.range_2_PDB_ins_code 
_pdbx_struct_sheet_hbond.range_2_auth_atom_id 
_pdbx_struct_sheet_hbond.range_2_auth_comp_id 
_pdbx_struct_sheet_hbond.range_2_auth_asym_id 
_pdbx_struct_sheet_hbond.range_2_auth_seq_id 
A 1 2 N ALA A 19  ? N ALA A 19  O VAL A 23  ? O VAL A 23  
B 1 2 N SER A 46  ? N SER A 46  O GLY A 54  ? O GLY A 54  
C 1 2 N VAL A 74  ? N VAL A 74  O ARG A 91  ? O ARG A 91  
C 2 3 N LEU A 90  ? N LEU A 90  O LEU A 99  ? O LEU A 99  
C 3 4 N GLN A 102 ? N GLN A 102 O ILE A 190 ? O ILE A 190 
C 4 5 O GLY A 187 ? O GLY A 187 N ILE A 119 ? N ILE A 119 
C 5 6 N LEU A 118 ? N LEU A 118 O ALA A 133 ? O ALA A 133 
C 6 7 N ILE A 134 ? N ILE A 134 O ALA A 146 ? O ALA A 146 
C 7 8 N ILE A 145 ? N ILE A 145 O ARG A 163 ? O ARG A 163 
C 8 9 N VAL A 168 ? N VAL A 168 O THR A 175 ? O THR A 175 
# 
_struct_site.id                   AC1 
_struct_site.pdbx_evidence_code   Software 
_struct_site.pdbx_auth_asym_id    A 
_struct_site.pdbx_auth_comp_id    ACT 
_struct_site.pdbx_auth_seq_id     2001 
_struct_site.pdbx_auth_ins_code   ? 
_struct_site.pdbx_num_residues    6 
_struct_site.details              'BINDING SITE FOR RESIDUE ACT A 2001' 
# 
loop_
_struct_site_gen.id 
_struct_site_gen.site_id 
_struct_site_gen.pdbx_num_res 
_struct_site_gen.label_comp_id 
_struct_site_gen.label_asym_id 
_struct_site_gen.label_seq_id 
_struct_site_gen.pdbx_auth_ins_code 
_struct_site_gen.auth_comp_id 
_struct_site_gen.auth_asym_id 
_struct_site_gen.auth_seq_id 
_struct_site_gen.label_atom_id 
_struct_site_gen.label_alt_id 
_struct_site_gen.symmetry 
_struct_site_gen.details 
1 AC1 6 GLN A 58  ? GLN A 58   . ? 1_555 ? 
2 AC1 6 CYS A 59  ? CYS A 59   . ? 1_555 ? 
3 AC1 6 THR A 129 ? THR A 129  . ? 1_555 ? 
4 AC1 6 HIS A 131 ? HIS A 131  . ? 1_555 ? 
5 AC1 6 ASN A 149 ? ASN A 149  . ? 1_555 ? 
6 AC1 6 HOH C .   ? HOH A 1001 . ? 1_555 ? 
# 
_pdbx_entry_details.entry_id                   3A30 
_pdbx_entry_details.compound_details           ? 
_pdbx_entry_details.source_details             ? 
_pdbx_entry_details.nonpolymer_details         ? 
_pdbx_entry_details.sequence_details           ? 
_pdbx_entry_details.has_ligand_of_interest     ? 
_pdbx_entry_details.has_protein_modification   N 
# 
_pdbx_validate_close_contact.id               1 
_pdbx_validate_close_contact.PDB_model_num    1 
_pdbx_validate_close_contact.auth_atom_id_1   SG 
_pdbx_validate_close_contact.auth_asym_id_1   A 
_pdbx_validate_close_contact.auth_comp_id_1   CYS 
_pdbx_validate_close_contact.auth_seq_id_1    59 
_pdbx_validate_close_contact.PDB_ins_code_1   ? 
_pdbx_validate_close_contact.label_alt_id_1   ? 
_pdbx_validate_close_contact.auth_atom_id_2   O 
_pdbx_validate_close_contact.auth_asym_id_2   A 
_pdbx_validate_close_contact.auth_comp_id_2   ACT 
_pdbx_validate_close_contact.auth_seq_id_2    2001 
_pdbx_validate_close_contact.PDB_ins_code_2   ? 
_pdbx_validate_close_contact.label_alt_id_2   ? 
_pdbx_validate_close_contact.dist             1.52 
# 
_pdbx_validate_symm_contact.id                1 
_pdbx_validate_symm_contact.PDB_model_num     1 
_pdbx_validate_symm_contact.auth_atom_id_1    O 
_pdbx_validate_symm_contact.auth_asym_id_1    A 
_pdbx_validate_symm_contact.auth_comp_id_1    ASP 
_pdbx_validate_symm_contact.auth_seq_id_1     77 
_pdbx_validate_symm_contact.PDB_ins_code_1    ? 
_pdbx_validate_symm_contact.label_alt_id_1    ? 
_pdbx_validate_symm_contact.site_symmetry_1   1_555 
_pdbx_validate_symm_contact.auth_atom_id_2    O 
_pdbx_validate_symm_contact.auth_asym_id_2    A 
_pdbx_validate_symm_contact.auth_comp_id_2    ASP 
_pdbx_validate_symm_contact.auth_seq_id_2     77 
_pdbx_validate_symm_contact.PDB_ins_code_2    ? 
_pdbx_validate_symm_contact.label_alt_id_2    ? 
_pdbx_validate_symm_contact.site_symmetry_2   12_554 
_pdbx_validate_symm_contact.dist              1.93 
# 
loop_
_pdbx_validate_torsion.id 
_pdbx_validate_torsion.PDB_model_num 
_pdbx_validate_torsion.auth_comp_id 
_pdbx_validate_torsion.auth_asym_id 
_pdbx_validate_torsion.auth_seq_id 
_pdbx_validate_torsion.PDB_ins_code 
_pdbx_validate_torsion.label_alt_id 
_pdbx_validate_torsion.phi 
_pdbx_validate_torsion.psi 
1 1 ASP A 50  ? ? 65.42   -2.35   
2 1 ASP A 77  ? ? -65.07  91.78   
3 1 ASN A 95  ? ? -140.26 12.14   
4 1 PHE A 126 ? ? -101.80 43.31   
5 1 LYS A 127 ? ? 6.53    -109.94 
6 1 VAL A 150 ? ? -131.33 -58.93  
# 
_pdbx_struct_special_symmetry.id              1 
_pdbx_struct_special_symmetry.PDB_model_num   1 
_pdbx_struct_special_symmetry.auth_asym_id    A 
_pdbx_struct_special_symmetry.auth_comp_id    HOH 
_pdbx_struct_special_symmetry.auth_seq_id     1046 
_pdbx_struct_special_symmetry.PDB_ins_code    ? 
_pdbx_struct_special_symmetry.label_asym_id   C 
_pdbx_struct_special_symmetry.label_comp_id   HOH 
_pdbx_struct_special_symmetry.label_seq_id    . 
# 
_pdbx_distant_solvent_atoms.id                                1 
_pdbx_distant_solvent_atoms.PDB_model_num                     1 
_pdbx_distant_solvent_atoms.auth_atom_id                      O 
_pdbx_distant_solvent_atoms.label_alt_id                      ? 
_pdbx_distant_solvent_atoms.auth_asym_id                      A 
_pdbx_distant_solvent_atoms.auth_comp_id                      HOH 
_pdbx_distant_solvent_atoms.auth_seq_id                       1084 
_pdbx_distant_solvent_atoms.PDB_ins_code                      ? 
_pdbx_distant_solvent_atoms.neighbor_macromolecule_distance   6.66 
_pdbx_distant_solvent_atoms.neighbor_ligand_distance          . 
# 
loop_
_pdbx_unobs_or_zero_occ_residues.id 
_pdbx_unobs_or_zero_occ_residues.PDB_model_num 
_pdbx_unobs_or_zero_occ_residues.polymer_flag 
_pdbx_unobs_or_zero_occ_residues.occupancy_flag 
_pdbx_unobs_or_zero_occ_residues.auth_asym_id 
_pdbx_unobs_or_zero_occ_residues.auth_comp_id 
_pdbx_unobs_or_zero_occ_residues.auth_seq_id 
_pdbx_unobs_or_zero_occ_residues.PDB_ins_code 
_pdbx_unobs_or_zero_occ_residues.label_asym_id 
_pdbx_unobs_or_zero_occ_residues.label_comp_id 
_pdbx_unobs_or_zero_occ_residues.label_seq_id 
1  1 Y 1 A MET 1   ? A MET 1   
2  1 Y 1 A SER 2   ? A SER 2   
3  1 Y 1 A LYS 3   ? A LYS 3   
4  1 Y 1 A GLY 4   ? A GLY 4   
5  1 Y 1 A THR 5   ? A THR 5   
6  1 Y 1 A THR 6   ? A THR 6   
7  1 Y 1 A SER 7   ? A SER 7   
8  1 Y 1 A LEU 33  ? A LEU 33  
9  1 Y 1 A ASP 34  ? A ASP 34  
10 1 Y 1 A PRO 35  ? A PRO 35  
11 1 Y 1 A GLN 36  ? A GLN 36  
12 1 Y 1 A GLU 37  ? A GLU 37  
13 1 Y 1 A TYR 38  ? A TYR 38  
14 1 Y 1 A GLU 39  ? A GLU 39  
15 1 Y 1 A ASP 194 ? A ASP 194 
16 1 Y 1 A THR 195 ? A THR 195 
17 1 Y 1 A GLU 196 ? A GLU 196 
18 1 Y 1 A TYR 197 ? A TYR 197 
# 
loop_
_chem_comp_atom.comp_id 
_chem_comp_atom.atom_id 
_chem_comp_atom.type_symbol 
_chem_comp_atom.pdbx_aromatic_flag 
_chem_comp_atom.pdbx_stereo_config 
_chem_comp_atom.pdbx_ordinal 
ACT C    C N N 1   
ACT O    O N N 2   
ACT OXT  O N N 3   
ACT CH3  C N N 4   
ACT H1   H N N 5   
ACT H2   H N N 6   
ACT H3   H N N 7   
ALA N    N N N 8   
ALA CA   C N S 9   
ALA C    C N N 10  
ALA O    O N N 11  
ALA CB   C N N 12  
ALA OXT  O N N 13  
ALA H    H N N 14  
ALA H2   H N N 15  
ALA HA   H N N 16  
ALA HB1  H N N 17  
ALA HB2  H N N 18  
ALA HB3  H N N 19  
ALA HXT  H N N 20  
ARG N    N N N 21  
ARG CA   C N S 22  
ARG C    C N N 23  
ARG O    O N N 24  
ARG CB   C N N 25  
ARG CG   C N N 26  
ARG CD   C N N 27  
ARG NE   N N N 28  
ARG CZ   C N N 29  
ARG NH1  N N N 30  
ARG NH2  N N N 31  
ARG OXT  O N N 32  
ARG H    H N N 33  
ARG H2   H N N 34  
ARG HA   H N N 35  
ARG HB2  H N N 36  
ARG HB3  H N N 37  
ARG HG2  H N N 38  
ARG HG3  H N N 39  
ARG HD2  H N N 40  
ARG HD3  H N N 41  
ARG HE   H N N 42  
ARG HH11 H N N 43  
ARG HH12 H N N 44  
ARG HH21 H N N 45  
ARG HH22 H N N 46  
ARG HXT  H N N 47  
ASN N    N N N 48  
ASN CA   C N S 49  
ASN C    C N N 50  
ASN O    O N N 51  
ASN CB   C N N 52  
ASN CG   C N N 53  
ASN OD1  O N N 54  
ASN ND2  N N N 55  
ASN OXT  O N N 56  
ASN H    H N N 57  
ASN H2   H N N 58  
ASN HA   H N N 59  
ASN HB2  H N N 60  
ASN HB3  H N N 61  
ASN HD21 H N N 62  
ASN HD22 H N N 63  
ASN HXT  H N N 64  
ASP N    N N N 65  
ASP CA   C N S 66  
ASP C    C N N 67  
ASP O    O N N 68  
ASP CB   C N N 69  
ASP CG   C N N 70  
ASP OD1  O N N 71  
ASP OD2  O N N 72  
ASP OXT  O N N 73  
ASP H    H N N 74  
ASP H2   H N N 75  
ASP HA   H N N 76  
ASP HB2  H N N 77  
ASP HB3  H N N 78  
ASP HD2  H N N 79  
ASP HXT  H N N 80  
CYS N    N N N 81  
CYS CA   C N R 82  
CYS C    C N N 83  
CYS O    O N N 84  
CYS CB   C N N 85  
CYS SG   S N N 86  
CYS OXT  O N N 87  
CYS H    H N N 88  
CYS H2   H N N 89  
CYS HA   H N N 90  
CYS HB2  H N N 91  
CYS HB3  H N N 92  
CYS HG   H N N 93  
CYS HXT  H N N 94  
GLN N    N N N 95  
GLN CA   C N S 96  
GLN C    C N N 97  
GLN O    O N N 98  
GLN CB   C N N 99  
GLN CG   C N N 100 
GLN CD   C N N 101 
GLN OE1  O N N 102 
GLN NE2  N N N 103 
GLN OXT  O N N 104 
GLN H    H N N 105 
GLN H2   H N N 106 
GLN HA   H N N 107 
GLN HB2  H N N 108 
GLN HB3  H N N 109 
GLN HG2  H N N 110 
GLN HG3  H N N 111 
GLN HE21 H N N 112 
GLN HE22 H N N 113 
GLN HXT  H N N 114 
GLU N    N N N 115 
GLU CA   C N S 116 
GLU C    C N N 117 
GLU O    O N N 118 
GLU CB   C N N 119 
GLU CG   C N N 120 
GLU CD   C N N 121 
GLU OE1  O N N 122 
GLU OE2  O N N 123 
GLU OXT  O N N 124 
GLU H    H N N 125 
GLU H2   H N N 126 
GLU HA   H N N 127 
GLU HB2  H N N 128 
GLU HB3  H N N 129 
GLU HG2  H N N 130 
GLU HG3  H N N 131 
GLU HE2  H N N 132 
GLU HXT  H N N 133 
GLY N    N N N 134 
GLY CA   C N N 135 
GLY C    C N N 136 
GLY O    O N N 137 
GLY OXT  O N N 138 
GLY H    H N N 139 
GLY H2   H N N 140 
GLY HA2  H N N 141 
GLY HA3  H N N 142 
GLY HXT  H N N 143 
HIS N    N N N 144 
HIS CA   C N S 145 
HIS C    C N N 146 
HIS O    O N N 147 
HIS CB   C N N 148 
HIS CG   C Y N 149 
HIS ND1  N Y N 150 
HIS CD2  C Y N 151 
HIS CE1  C Y N 152 
HIS NE2  N Y N 153 
HIS OXT  O N N 154 
HIS H    H N N 155 
HIS H2   H N N 156 
HIS HA   H N N 157 
HIS HB2  H N N 158 
HIS HB3  H N N 159 
HIS HD1  H N N 160 
HIS HD2  H N N 161 
HIS HE1  H N N 162 
HIS HE2  H N N 163 
HIS HXT  H N N 164 
HOH O    O N N 165 
HOH H1   H N N 166 
HOH H2   H N N 167 
ILE N    N N N 168 
ILE CA   C N S 169 
ILE C    C N N 170 
ILE O    O N N 171 
ILE CB   C N S 172 
ILE CG1  C N N 173 
ILE CG2  C N N 174 
ILE CD1  C N N 175 
ILE OXT  O N N 176 
ILE H    H N N 177 
ILE H2   H N N 178 
ILE HA   H N N 179 
ILE HB   H N N 180 
ILE HG12 H N N 181 
ILE HG13 H N N 182 
ILE HG21 H N N 183 
ILE HG22 H N N 184 
ILE HG23 H N N 185 
ILE HD11 H N N 186 
ILE HD12 H N N 187 
ILE HD13 H N N 188 
ILE HXT  H N N 189 
LEU N    N N N 190 
LEU CA   C N S 191 
LEU C    C N N 192 
LEU O    O N N 193 
LEU CB   C N N 194 
LEU CG   C N N 195 
LEU CD1  C N N 196 
LEU CD2  C N N 197 
LEU OXT  O N N 198 
LEU H    H N N 199 
LEU H2   H N N 200 
LEU HA   H N N 201 
LEU HB2  H N N 202 
LEU HB3  H N N 203 
LEU HG   H N N 204 
LEU HD11 H N N 205 
LEU HD12 H N N 206 
LEU HD13 H N N 207 
LEU HD21 H N N 208 
LEU HD22 H N N 209 
LEU HD23 H N N 210 
LEU HXT  H N N 211 
LYS N    N N N 212 
LYS CA   C N S 213 
LYS C    C N N 214 
LYS O    O N N 215 
LYS CB   C N N 216 
LYS CG   C N N 217 
LYS CD   C N N 218 
LYS CE   C N N 219 
LYS NZ   N N N 220 
LYS OXT  O N N 221 
LYS H    H N N 222 
LYS H2   H N N 223 
LYS HA   H N N 224 
LYS HB2  H N N 225 
LYS HB3  H N N 226 
LYS HG2  H N N 227 
LYS HG3  H N N 228 
LYS HD2  H N N 229 
LYS HD3  H N N 230 
LYS HE2  H N N 231 
LYS HE3  H N N 232 
LYS HZ1  H N N 233 
LYS HZ2  H N N 234 
LYS HZ3  H N N 235 
LYS HXT  H N N 236 
MET N    N N N 237 
MET CA   C N S 238 
MET C    C N N 239 
MET O    O N N 240 
MET CB   C N N 241 
MET CG   C N N 242 
MET SD   S N N 243 
MET CE   C N N 244 
MET OXT  O N N 245 
MET H    H N N 246 
MET H2   H N N 247 
MET HA   H N N 248 
MET HB2  H N N 249 
MET HB3  H N N 250 
MET HG2  H N N 251 
MET HG3  H N N 252 
MET HE1  H N N 253 
MET HE2  H N N 254 
MET HE3  H N N 255 
MET HXT  H N N 256 
PHE N    N N N 257 
PHE CA   C N S 258 
PHE C    C N N 259 
PHE O    O N N 260 
PHE CB   C N N 261 
PHE CG   C Y N 262 
PHE CD1  C Y N 263 
PHE CD2  C Y N 264 
PHE CE1  C Y N 265 
PHE CE2  C Y N 266 
PHE CZ   C Y N 267 
PHE OXT  O N N 268 
PHE H    H N N 269 
PHE H2   H N N 270 
PHE HA   H N N 271 
PHE HB2  H N N 272 
PHE HB3  H N N 273 
PHE HD1  H N N 274 
PHE HD2  H N N 275 
PHE HE1  H N N 276 
PHE HE2  H N N 277 
PHE HZ   H N N 278 
PHE HXT  H N N 279 
PRO N    N N N 280 
PRO CA   C N S 281 
PRO C    C N N 282 
PRO O    O N N 283 
PRO CB   C N N 284 
PRO CG   C N N 285 
PRO CD   C N N 286 
PRO OXT  O N N 287 
PRO H    H N N 288 
PRO HA   H N N 289 
PRO HB2  H N N 290 
PRO HB3  H N N 291 
PRO HG2  H N N 292 
PRO HG3  H N N 293 
PRO HD2  H N N 294 
PRO HD3  H N N 295 
PRO HXT  H N N 296 
SER N    N N N 297 
SER CA   C N S 298 
SER C    C N N 299 
SER O    O N N 300 
SER CB   C N N 301 
SER OG   O N N 302 
SER OXT  O N N 303 
SER H    H N N 304 
SER H2   H N N 305 
SER HA   H N N 306 
SER HB2  H N N 307 
SER HB3  H N N 308 
SER HG   H N N 309 
SER HXT  H N N 310 
THR N    N N N 311 
THR CA   C N S 312 
THR C    C N N 313 
THR O    O N N 314 
THR CB   C N R 315 
THR OG1  O N N 316 
THR CG2  C N N 317 
THR OXT  O N N 318 
THR H    H N N 319 
THR H2   H N N 320 
THR HA   H N N 321 
THR HB   H N N 322 
THR HG1  H N N 323 
THR HG21 H N N 324 
THR HG22 H N N 325 
THR HG23 H N N 326 
THR HXT  H N N 327 
TRP N    N N N 328 
TRP CA   C N S 329 
TRP C    C N N 330 
TRP O    O N N 331 
TRP CB   C N N 332 
TRP CG   C Y N 333 
TRP CD1  C Y N 334 
TRP CD2  C Y N 335 
TRP NE1  N Y N 336 
TRP CE2  C Y N 337 
TRP CE3  C Y N 338 
TRP CZ2  C Y N 339 
TRP CZ3  C Y N 340 
TRP CH2  C Y N 341 
TRP OXT  O N N 342 
TRP H    H N N 343 
TRP H2   H N N 344 
TRP HA   H N N 345 
TRP HB2  H N N 346 
TRP HB3  H N N 347 
TRP HD1  H N N 348 
TRP HE1  H N N 349 
TRP HE3  H N N 350 
TRP HZ2  H N N 351 
TRP HZ3  H N N 352 
TRP HH2  H N N 353 
TRP HXT  H N N 354 
TYR N    N N N 355 
TYR CA   C N S 356 
TYR C    C N N 357 
TYR O    O N N 358 
TYR CB   C N N 359 
TYR CG   C Y N 360 
TYR CD1  C Y N 361 
TYR CD2  C Y N 362 
TYR CE1  C Y N 363 
TYR CE2  C Y N 364 
TYR CZ   C Y N 365 
TYR OH   O N N 366 
TYR OXT  O N N 367 
TYR H    H N N 368 
TYR H2   H N N 369 
TYR HA   H N N 370 
TYR HB2  H N N 371 
TYR HB3  H N N 372 
TYR HD1  H N N 373 
TYR HD2  H N N 374 
TYR HE1  H N N 375 
TYR HE2  H N N 376 
TYR HH   H N N 377 
TYR HXT  H N N 378 
VAL N    N N N 379 
VAL CA   C N S 380 
VAL C    C N N 381 
VAL O    O N N 382 
VAL CB   C N N 383 
VAL CG1  C N N 384 
VAL CG2  C N N 385 
VAL OXT  O N N 386 
VAL H    H N N 387 
VAL H2   H N N 388 
VAL HA   H N N 389 
VAL HB   H N N 390 
VAL HG11 H N N 391 
VAL HG12 H N N 392 
VAL HG13 H N N 393 
VAL HG21 H N N 394 
VAL HG22 H N N 395 
VAL HG23 H N N 396 
VAL HXT  H N N 397 
# 
loop_
_chem_comp_bond.comp_id 
_chem_comp_bond.atom_id_1 
_chem_comp_bond.atom_id_2 
_chem_comp_bond.value_order 
_chem_comp_bond.pdbx_aromatic_flag 
_chem_comp_bond.pdbx_stereo_config 
_chem_comp_bond.pdbx_ordinal 
ACT C   O    doub N N 1   
ACT C   OXT  sing N N 2   
ACT C   CH3  sing N N 3   
ACT CH3 H1   sing N N 4   
ACT CH3 H2   sing N N 5   
ACT CH3 H3   sing N N 6   
ALA N   CA   sing N N 7   
ALA N   H    sing N N 8   
ALA N   H2   sing N N 9   
ALA CA  C    sing N N 10  
ALA CA  CB   sing N N 11  
ALA CA  HA   sing N N 12  
ALA C   O    doub N N 13  
ALA C   OXT  sing N N 14  
ALA CB  HB1  sing N N 15  
ALA CB  HB2  sing N N 16  
ALA CB  HB3  sing N N 17  
ALA OXT HXT  sing N N 18  
ARG N   CA   sing N N 19  
ARG N   H    sing N N 20  
ARG N   H2   sing N N 21  
ARG CA  C    sing N N 22  
ARG CA  CB   sing N N 23  
ARG CA  HA   sing N N 24  
ARG C   O    doub N N 25  
ARG C   OXT  sing N N 26  
ARG CB  CG   sing N N 27  
ARG CB  HB2  sing N N 28  
ARG CB  HB3  sing N N 29  
ARG CG  CD   sing N N 30  
ARG CG  HG2  sing N N 31  
ARG CG  HG3  sing N N 32  
ARG CD  NE   sing N N 33  
ARG CD  HD2  sing N N 34  
ARG CD  HD3  sing N N 35  
ARG NE  CZ   sing N N 36  
ARG NE  HE   sing N N 37  
ARG CZ  NH1  sing N N 38  
ARG CZ  NH2  doub N N 39  
ARG NH1 HH11 sing N N 40  
ARG NH1 HH12 sing N N 41  
ARG NH2 HH21 sing N N 42  
ARG NH2 HH22 sing N N 43  
ARG OXT HXT  sing N N 44  
ASN N   CA   sing N N 45  
ASN N   H    sing N N 46  
ASN N   H2   sing N N 47  
ASN CA  C    sing N N 48  
ASN CA  CB   sing N N 49  
ASN CA  HA   sing N N 50  
ASN C   O    doub N N 51  
ASN C   OXT  sing N N 52  
ASN CB  CG   sing N N 53  
ASN CB  HB2  sing N N 54  
ASN CB  HB3  sing N N 55  
ASN CG  OD1  doub N N 56  
ASN CG  ND2  sing N N 57  
ASN ND2 HD21 sing N N 58  
ASN ND2 HD22 sing N N 59  
ASN OXT HXT  sing N N 60  
ASP N   CA   sing N N 61  
ASP N   H    sing N N 62  
ASP N   H2   sing N N 63  
ASP CA  C    sing N N 64  
ASP CA  CB   sing N N 65  
ASP CA  HA   sing N N 66  
ASP C   O    doub N N 67  
ASP C   OXT  sing N N 68  
ASP CB  CG   sing N N 69  
ASP CB  HB2  sing N N 70  
ASP CB  HB3  sing N N 71  
ASP CG  OD1  doub N N 72  
ASP CG  OD2  sing N N 73  
ASP OD2 HD2  sing N N 74  
ASP OXT HXT  sing N N 75  
CYS N   CA   sing N N 76  
CYS N   H    sing N N 77  
CYS N   H2   sing N N 78  
CYS CA  C    sing N N 79  
CYS CA  CB   sing N N 80  
CYS CA  HA   sing N N 81  
CYS C   O    doub N N 82  
CYS C   OXT  sing N N 83  
CYS CB  SG   sing N N 84  
CYS CB  HB2  sing N N 85  
CYS CB  HB3  sing N N 86  
CYS SG  HG   sing N N 87  
CYS OXT HXT  sing N N 88  
GLN N   CA   sing N N 89  
GLN N   H    sing N N 90  
GLN N   H2   sing N N 91  
GLN CA  C    sing N N 92  
GLN CA  CB   sing N N 93  
GLN CA  HA   sing N N 94  
GLN C   O    doub N N 95  
GLN C   OXT  sing N N 96  
GLN CB  CG   sing N N 97  
GLN CB  HB2  sing N N 98  
GLN CB  HB3  sing N N 99  
GLN CG  CD   sing N N 100 
GLN CG  HG2  sing N N 101 
GLN CG  HG3  sing N N 102 
GLN CD  OE1  doub N N 103 
GLN CD  NE2  sing N N 104 
GLN NE2 HE21 sing N N 105 
GLN NE2 HE22 sing N N 106 
GLN OXT HXT  sing N N 107 
GLU N   CA   sing N N 108 
GLU N   H    sing N N 109 
GLU N   H2   sing N N 110 
GLU CA  C    sing N N 111 
GLU CA  CB   sing N N 112 
GLU CA  HA   sing N N 113 
GLU C   O    doub N N 114 
GLU C   OXT  sing N N 115 
GLU CB  CG   sing N N 116 
GLU CB  HB2  sing N N 117 
GLU CB  HB3  sing N N 118 
GLU CG  CD   sing N N 119 
GLU CG  HG2  sing N N 120 
GLU CG  HG3  sing N N 121 
GLU CD  OE1  doub N N 122 
GLU CD  OE2  sing N N 123 
GLU OE2 HE2  sing N N 124 
GLU OXT HXT  sing N N 125 
GLY N   CA   sing N N 126 
GLY N   H    sing N N 127 
GLY N   H2   sing N N 128 
GLY CA  C    sing N N 129 
GLY CA  HA2  sing N N 130 
GLY CA  HA3  sing N N 131 
GLY C   O    doub N N 132 
GLY C   OXT  sing N N 133 
GLY OXT HXT  sing N N 134 
HIS N   CA   sing N N 135 
HIS N   H    sing N N 136 
HIS N   H2   sing N N 137 
HIS CA  C    sing N N 138 
HIS CA  CB   sing N N 139 
HIS CA  HA   sing N N 140 
HIS C   O    doub N N 141 
HIS C   OXT  sing N N 142 
HIS CB  CG   sing N N 143 
HIS CB  HB2  sing N N 144 
HIS CB  HB3  sing N N 145 
HIS CG  ND1  sing Y N 146 
HIS CG  CD2  doub Y N 147 
HIS ND1 CE1  doub Y N 148 
HIS ND1 HD1  sing N N 149 
HIS CD2 NE2  sing Y N 150 
HIS CD2 HD2  sing N N 151 
HIS CE1 NE2  sing Y N 152 
HIS CE1 HE1  sing N N 153 
HIS NE2 HE2  sing N N 154 
HIS OXT HXT  sing N N 155 
HOH O   H1   sing N N 156 
HOH O   H2   sing N N 157 
ILE N   CA   sing N N 158 
ILE N   H    sing N N 159 
ILE N   H2   sing N N 160 
ILE CA  C    sing N N 161 
ILE CA  CB   sing N N 162 
ILE CA  HA   sing N N 163 
ILE C   O    doub N N 164 
ILE C   OXT  sing N N 165 
ILE CB  CG1  sing N N 166 
ILE CB  CG2  sing N N 167 
ILE CB  HB   sing N N 168 
ILE CG1 CD1  sing N N 169 
ILE CG1 HG12 sing N N 170 
ILE CG1 HG13 sing N N 171 
ILE CG2 HG21 sing N N 172 
ILE CG2 HG22 sing N N 173 
ILE CG2 HG23 sing N N 174 
ILE CD1 HD11 sing N N 175 
ILE CD1 HD12 sing N N 176 
ILE CD1 HD13 sing N N 177 
ILE OXT HXT  sing N N 178 
LEU N   CA   sing N N 179 
LEU N   H    sing N N 180 
LEU N   H2   sing N N 181 
LEU CA  C    sing N N 182 
LEU CA  CB   sing N N 183 
LEU CA  HA   sing N N 184 
LEU C   O    doub N N 185 
LEU C   OXT  sing N N 186 
LEU CB  CG   sing N N 187 
LEU CB  HB2  sing N N 188 
LEU CB  HB3  sing N N 189 
LEU CG  CD1  sing N N 190 
LEU CG  CD2  sing N N 191 
LEU CG  HG   sing N N 192 
LEU CD1 HD11 sing N N 193 
LEU CD1 HD12 sing N N 194 
LEU CD1 HD13 sing N N 195 
LEU CD2 HD21 sing N N 196 
LEU CD2 HD22 sing N N 197 
LEU CD2 HD23 sing N N 198 
LEU OXT HXT  sing N N 199 
LYS N   CA   sing N N 200 
LYS N   H    sing N N 201 
LYS N   H2   sing N N 202 
LYS CA  C    sing N N 203 
LYS CA  CB   sing N N 204 
LYS CA  HA   sing N N 205 
LYS C   O    doub N N 206 
LYS C   OXT  sing N N 207 
LYS CB  CG   sing N N 208 
LYS CB  HB2  sing N N 209 
LYS CB  HB3  sing N N 210 
LYS CG  CD   sing N N 211 
LYS CG  HG2  sing N N 212 
LYS CG  HG3  sing N N 213 
LYS CD  CE   sing N N 214 
LYS CD  HD2  sing N N 215 
LYS CD  HD3  sing N N 216 
LYS CE  NZ   sing N N 217 
LYS CE  HE2  sing N N 218 
LYS CE  HE3  sing N N 219 
LYS NZ  HZ1  sing N N 220 
LYS NZ  HZ2  sing N N 221 
LYS NZ  HZ3  sing N N 222 
LYS OXT HXT  sing N N 223 
MET N   CA   sing N N 224 
MET N   H    sing N N 225 
MET N   H2   sing N N 226 
MET CA  C    sing N N 227 
MET CA  CB   sing N N 228 
MET CA  HA   sing N N 229 
MET C   O    doub N N 230 
MET C   OXT  sing N N 231 
MET CB  CG   sing N N 232 
MET CB  HB2  sing N N 233 
MET CB  HB3  sing N N 234 
MET CG  SD   sing N N 235 
MET CG  HG2  sing N N 236 
MET CG  HG3  sing N N 237 
MET SD  CE   sing N N 238 
MET CE  HE1  sing N N 239 
MET CE  HE2  sing N N 240 
MET CE  HE3  sing N N 241 
MET OXT HXT  sing N N 242 
PHE N   CA   sing N N 243 
PHE N   H    sing N N 244 
PHE N   H2   sing N N 245 
PHE CA  C    sing N N 246 
PHE CA  CB   sing N N 247 
PHE CA  HA   sing N N 248 
PHE C   O    doub N N 249 
PHE C   OXT  sing N N 250 
PHE CB  CG   sing N N 251 
PHE CB  HB2  sing N N 252 
PHE CB  HB3  sing N N 253 
PHE CG  CD1  doub Y N 254 
PHE CG  CD2  sing Y N 255 
PHE CD1 CE1  sing Y N 256 
PHE CD1 HD1  sing N N 257 
PHE CD2 CE2  doub Y N 258 
PHE CD2 HD2  sing N N 259 
PHE CE1 CZ   doub Y N 260 
PHE CE1 HE1  sing N N 261 
PHE CE2 CZ   sing Y N 262 
PHE CE2 HE2  sing N N 263 
PHE CZ  HZ   sing N N 264 
PHE OXT HXT  sing N N 265 
PRO N   CA   sing N N 266 
PRO N   CD   sing N N 267 
PRO N   H    sing N N 268 
PRO CA  C    sing N N 269 
PRO CA  CB   sing N N 270 
PRO CA  HA   sing N N 271 
PRO C   O    doub N N 272 
PRO C   OXT  sing N N 273 
PRO CB  CG   sing N N 274 
PRO CB  HB2  sing N N 275 
PRO CB  HB3  sing N N 276 
PRO CG  CD   sing N N 277 
PRO CG  HG2  sing N N 278 
PRO CG  HG3  sing N N 279 
PRO CD  HD2  sing N N 280 
PRO CD  HD3  sing N N 281 
PRO OXT HXT  sing N N 282 
SER N   CA   sing N N 283 
SER N   H    sing N N 284 
SER N   H2   sing N N 285 
SER CA  C    sing N N 286 
SER CA  CB   sing N N 287 
SER CA  HA   sing N N 288 
SER C   O    doub N N 289 
SER C   OXT  sing N N 290 
SER CB  OG   sing N N 291 
SER CB  HB2  sing N N 292 
SER CB  HB3  sing N N 293 
SER OG  HG   sing N N 294 
SER OXT HXT  sing N N 295 
THR N   CA   sing N N 296 
THR N   H    sing N N 297 
THR N   H2   sing N N 298 
THR CA  C    sing N N 299 
THR CA  CB   sing N N 300 
THR CA  HA   sing N N 301 
THR C   O    doub N N 302 
THR C   OXT  sing N N 303 
THR CB  OG1  sing N N 304 
THR CB  CG2  sing N N 305 
THR CB  HB   sing N N 306 
THR OG1 HG1  sing N N 307 
THR CG2 HG21 sing N N 308 
THR CG2 HG22 sing N N 309 
THR CG2 HG23 sing N N 310 
THR OXT HXT  sing N N 311 
TRP N   CA   sing N N 312 
TRP N   H    sing N N 313 
TRP N   H2   sing N N 314 
TRP CA  C    sing N N 315 
TRP CA  CB   sing N N 316 
TRP CA  HA   sing N N 317 
TRP C   O    doub N N 318 
TRP C   OXT  sing N N 319 
TRP CB  CG   sing N N 320 
TRP CB  HB2  sing N N 321 
TRP CB  HB3  sing N N 322 
TRP CG  CD1  doub Y N 323 
TRP CG  CD2  sing Y N 324 
TRP CD1 NE1  sing Y N 325 
TRP CD1 HD1  sing N N 326 
TRP CD2 CE2  doub Y N 327 
TRP CD2 CE3  sing Y N 328 
TRP NE1 CE2  sing Y N 329 
TRP NE1 HE1  sing N N 330 
TRP CE2 CZ2  sing Y N 331 
TRP CE3 CZ3  doub Y N 332 
TRP CE3 HE3  sing N N 333 
TRP CZ2 CH2  doub Y N 334 
TRP CZ2 HZ2  sing N N 335 
TRP CZ3 CH2  sing Y N 336 
TRP CZ3 HZ3  sing N N 337 
TRP CH2 HH2  sing N N 338 
TRP OXT HXT  sing N N 339 
TYR N   CA   sing N N 340 
TYR N   H    sing N N 341 
TYR N   H2   sing N N 342 
TYR CA  C    sing N N 343 
TYR CA  CB   sing N N 344 
TYR CA  HA   sing N N 345 
TYR C   O    doub N N 346 
TYR C   OXT  sing N N 347 
TYR CB  CG   sing N N 348 
TYR CB  HB2  sing N N 349 
TYR CB  HB3  sing N N 350 
TYR CG  CD1  doub Y N 351 
TYR CG  CD2  sing Y N 352 
TYR CD1 CE1  sing Y N 353 
TYR CD1 HD1  sing N N 354 
TYR CD2 CE2  doub Y N 355 
TYR CD2 HD2  sing N N 356 
TYR CE1 CZ   doub Y N 357 
TYR CE1 HE1  sing N N 358 
TYR CE2 CZ   sing Y N 359 
TYR CE2 HE2  sing N N 360 
TYR CZ  OH   sing N N 361 
TYR OH  HH   sing N N 362 
TYR OXT HXT  sing N N 363 
VAL N   CA   sing N N 364 
VAL N   H    sing N N 365 
VAL N   H2   sing N N 366 
VAL CA  C    sing N N 367 
VAL CA  CB   sing N N 368 
VAL CA  HA   sing N N 369 
VAL C   O    doub N N 370 
VAL C   OXT  sing N N 371 
VAL CB  CG1  sing N N 372 
VAL CB  CG2  sing N N 373 
VAL CB  HB   sing N N 374 
VAL CG1 HG11 sing N N 375 
VAL CG1 HG12 sing N N 376 
VAL CG1 HG13 sing N N 377 
VAL CG2 HG21 sing N N 378 
VAL CG2 HG22 sing N N 379 
VAL CG2 HG23 sing N N 380 
VAL OXT HXT  sing N N 381 
# 
_pdbx_initial_refinement_model.id               1 
_pdbx_initial_refinement_model.entity_id_list   ? 
_pdbx_initial_refinement_model.type             'experimental model' 
_pdbx_initial_refinement_model.source_name      PDB 
_pdbx_initial_refinement_model.accession_code   2IOB 
_pdbx_initial_refinement_model.details          'PDB ENTRY 2iob' 
# 
_atom_sites.entry_id                    3A30 
_atom_sites.fract_transf_matrix[1][1]   0.00533556 
_atom_sites.fract_transf_matrix[1][2]   -0.01275578 
_atom_sites.fract_transf_matrix[1][3]   0.00016056 
_atom_sites.fract_transf_matrix[2][1]   -0.00248426 
_atom_sites.fract_transf_matrix[2][2]   -0.00839909 
_atom_sites.fract_transf_matrix[2][3]   0.01069905 
_atom_sites.fract_transf_matrix[3][1]   -0.00771038 
_atom_sites.fract_transf_matrix[3][2]   -0.00328009 
_atom_sites.fract_transf_matrix[3][3]   -0.00436528 
_atom_sites.fract_transf_vector[1]      0.362995 
_atom_sites.fract_transf_vector[2]      0.179308 
_atom_sites.fract_transf_vector[3]      -0.018648 
# 
loop_
_atom_type.symbol 
C 
N 
O 
S 
# 
loop_
_atom_site.group_PDB 
_atom_site.id 
_atom_site.type_symbol 
_atom_site.label_atom_id 
_atom_site.label_alt_id 
_atom_site.label_comp_id 
_atom_site.label_asym_id 
_atom_site.label_entity_id 
_atom_site.label_seq_id 
_atom_site.pdbx_PDB_ins_code 
_atom_site.Cartn_x 
_atom_site.Cartn_y 
_atom_site.Cartn_z 
_atom_site.occupancy 
_atom_site.B_iso_or_equiv 
_atom_site.pdbx_formal_charge 
_atom_site.auth_seq_id 
_atom_site.auth_comp_id 
_atom_site.auth_asym_id 
_atom_site.auth_atom_id 
_atom_site.pdbx_PDB_model_num 
ATOM   1    N N   . GLN A 1 8   ? -8.928  -20.079 -1.642  1.00 43.17 ? 8    GLN A N   1 
ATOM   2    C CA  . GLN A 1 8   ? -7.936  -20.712 -0.729  1.00 42.61 ? 8    GLN A CA  1 
ATOM   3    C C   . GLN A 1 8   ? -6.600  -19.984 -0.819  1.00 40.06 ? 8    GLN A C   1 
ATOM   4    O O   . GLN A 1 8   ? -6.150  -19.628 -1.911  1.00 37.79 ? 8    GLN A O   1 
ATOM   5    C CB  . GLN A 1 8   ? -7.740  -22.186 -1.099  1.00 46.23 ? 8    GLN A CB  1 
ATOM   6    C CG  . GLN A 1 8   ? -9.020  -23.020 -1.071  1.00 52.13 ? 8    GLN A CG  1 
ATOM   7    C CD  . GLN A 1 8   ? -9.590  -23.190 0.330   1.00 55.09 ? 8    GLN A CD  1 
ATOM   8    O OE1 . GLN A 1 8   ? -8.956  -23.784 1.205   1.00 56.36 ? 8    GLN A OE1 1 
ATOM   9    N NE2 . GLN A 1 8   ? -10.796 -22.672 0.546   1.00 55.34 ? 8    GLN A NE2 1 
ATOM   10   N N   . ASP A 1 9   ? -5.969  -19.758 0.331   1.00 37.87 ? 9    ASP A N   1 
ATOM   11   C CA  . ASP A 1 9   ? -4.682  -19.079 0.368   1.00 34.60 ? 9    ASP A CA  1 
ATOM   12   C C   . ASP A 1 9   ? -3.620  -19.932 -0.301  1.00 32.05 ? 9    ASP A C   1 
ATOM   13   O O   . ASP A 1 9   ? -3.625  -21.155 -0.179  1.00 31.40 ? 9    ASP A O   1 
ATOM   14   C CB  . ASP A 1 9   ? -4.261  -18.783 1.811   1.00 35.03 ? 9    ASP A CB  1 
ATOM   15   C CG  . ASP A 1 9   ? -5.176  -17.786 2.492   1.00 35.48 ? 9    ASP A CG  1 
ATOM   16   O OD1 . ASP A 1 9   ? -5.787  -16.961 1.782   1.00 37.63 ? 9    ASP A OD1 1 
ATOM   17   O OD2 . ASP A 1 9   ? -5.274  -17.817 3.735   1.00 34.60 ? 9    ASP A OD2 1 
ATOM   18   N N   . ALA A 1 10  ? -2.710  -19.274 -1.010  1.00 29.36 ? 10   ALA A N   1 
ATOM   19   C CA  . ALA A 1 10  ? -1.632  -19.965 -1.700  1.00 25.89 ? 10   ALA A CA  1 
ATOM   20   C C   . ALA A 1 10  ? -0.375  -19.926 -0.837  1.00 23.22 ? 10   ALA A C   1 
ATOM   21   O O   . ALA A 1 10  ? -0.265  -19.104 0.065   1.00 22.66 ? 10   ALA A O   1 
ATOM   22   C CB  . ALA A 1 10  ? -1.369  -19.300 -3.044  1.00 26.60 ? 10   ALA A CB  1 
ATOM   23   N N   . PRO A 1 11  ? 0.588   -20.819 -1.106  1.00 21.01 ? 11   PRO A N   1 
ATOM   24   C CA  . PRO A 1 11  ? 1.841   -20.881 -0.348  1.00 20.56 ? 11   PRO A CA  1 
ATOM   25   C C   . PRO A 1 11  ? 2.625   -19.567 -0.387  1.00 18.91 ? 11   PRO A C   1 
ATOM   26   O O   . PRO A 1 11  ? 2.465   -18.769 -1.307  1.00 19.08 ? 11   PRO A O   1 
ATOM   27   C CB  . PRO A 1 11  ? 2.603   -22.010 -1.041  1.00 21.79 ? 11   PRO A CB  1 
ATOM   28   C CG  . PRO A 1 11  ? 1.509   -22.894 -1.554  1.00 23.12 ? 11   PRO A CG  1 
ATOM   29   C CD  . PRO A 1 11  ? 0.533   -21.894 -2.110  1.00 20.88 ? 11   PRO A CD  1 
ATOM   30   N N   . PHE A 1 12  ? 3.472   -19.357 0.616   1.00 16.11 ? 12   PHE A N   1 
ATOM   31   C CA  . PHE A 1 12  ? 4.307   -18.163 0.699   1.00 16.07 ? 12   PHE A CA  1 
ATOM   32   C C   . PHE A 1 12  ? 4.974   -17.919 -0.654  1.00 15.87 ? 12   PHE A C   1 
ATOM   33   O O   . PHE A 1 12  ? 5.428   -18.860 -1.301  1.00 17.66 ? 12   PHE A O   1 
ATOM   34   C CB  . PHE A 1 12  ? 5.391   -18.366 1.767   1.00 15.03 ? 12   PHE A CB  1 
ATOM   35   C CG  . PHE A 1 12  ? 6.327   -17.196 1.926   1.00 14.08 ? 12   PHE A CG  1 
ATOM   36   C CD1 . PHE A 1 12  ? 5.980   -16.104 2.721   1.00 15.11 ? 12   PHE A CD1 1 
ATOM   37   C CD2 . PHE A 1 12  ? 7.564   -17.194 1.289   1.00 15.20 ? 12   PHE A CD2 1 
ATOM   38   C CE1 . PHE A 1 12  ? 6.859   -15.027 2.881   1.00 13.51 ? 12   PHE A CE1 1 
ATOM   39   C CE2 . PHE A 1 12  ? 8.448   -16.126 1.439   1.00 14.81 ? 12   PHE A CE2 1 
ATOM   40   C CZ  . PHE A 1 12  ? 8.095   -15.037 2.239   1.00 15.10 ? 12   PHE A CZ  1 
ATOM   41   N N   . GLY A 1 13  ? 5.015   -16.662 -1.083  1.00 16.06 ? 13   GLY A N   1 
ATOM   42   C CA  . GLY A 1 13  ? 5.659   -16.327 -2.343  1.00 15.17 ? 13   GLY A CA  1 
ATOM   43   C C   . GLY A 1 13  ? 4.924   -16.627 -3.640  1.00 16.60 ? 13   GLY A C   1 
ATOM   44   O O   . GLY A 1 13  ? 5.450   -16.352 -4.718  1.00 17.47 ? 13   GLY A O   1 
ATOM   45   N N   . THR A 1 14  ? 3.720   -17.181 -3.564  1.00 16.52 ? 14   THR A N   1 
ATOM   46   C CA  . THR A 1 14  ? 2.974   -17.483 -4.783  1.00 16.17 ? 14   THR A CA  1 
ATOM   47   C C   . THR A 1 14  ? 2.483   -16.206 -5.460  1.00 16.60 ? 14   THR A C   1 
ATOM   48   O O   . THR A 1 14  ? 1.996   -15.290 -4.792  1.00 18.17 ? 14   THR A O   1 
ATOM   49   C CB  . THR A 1 14  ? 1.740   -18.365 -4.486  1.00 17.44 ? 14   THR A CB  1 
ATOM   50   O OG1 . THR A 1 14  ? 2.156   -19.573 -3.839  1.00 19.45 ? 14   THR A OG1 1 
ATOM   51   C CG2 . THR A 1 14  ? 1.013   -18.720 -5.782  1.00 17.42 ? 14   THR A CG2 1 
ATOM   52   N N   . LEU A 1 15  ? 2.621   -16.141 -6.781  1.00 15.91 ? 15   LEU A N   1 
ATOM   53   C CA  . LEU A 1 15  ? 2.147   -14.988 -7.543  1.00 16.30 ? 15   LEU A CA  1 
ATOM   54   C C   . LEU A 1 15  ? 0.616   -15.053 -7.524  1.00 17.38 ? 15   LEU A C   1 
ATOM   55   O O   . LEU A 1 15  ? 0.028   -16.042 -7.968  1.00 16.49 ? 15   LEU A O   1 
ATOM   56   C CB  . LEU A 1 15  ? 2.645   -15.066 -8.985  1.00 16.08 ? 15   LEU A CB  1 
ATOM   57   C CG  . LEU A 1 15  ? 2.141   -13.977 -9.929  1.00 18.05 ? 15   LEU A CG  1 
ATOM   58   C CD1 . LEU A 1 15  ? 2.672   -12.620 -9.492  1.00 18.57 ? 15   LEU A CD1 1 
ATOM   59   C CD2 . LEU A 1 15  ? 2.594   -14.293 -11.346 1.00 19.51 ? 15   LEU A CD2 1 
ATOM   60   N N   . LEU A 1 16  ? -0.028  -14.009 -7.014  1.00 17.11 ? 16   LEU A N   1 
ATOM   61   C CA  . LEU A 1 16  ? -1.485  -13.993 -6.926  1.00 16.73 ? 16   LEU A CA  1 
ATOM   62   C C   . LEU A 1 16  ? -2.133  -13.205 -8.055  1.00 17.25 ? 16   LEU A C   1 
ATOM   63   O O   . LEU A 1 16  ? -3.306  -13.410 -8.383  1.00 18.59 ? 16   LEU A O   1 
ATOM   64   C CB  . LEU A 1 16  ? -1.914  -13.405 -5.584  1.00 17.17 ? 16   LEU A CB  1 
ATOM   65   C CG  . LEU A 1 16  ? -1.257  -14.054 -4.367  1.00 16.82 ? 16   LEU A CG  1 
ATOM   66   C CD1 . LEU A 1 16  ? -1.772  -13.395 -3.096  1.00 15.13 ? 16   LEU A CD1 1 
ATOM   67   C CD2 . LEU A 1 16  ? -1.556  -15.542 -4.361  1.00 16.38 ? 16   LEU A CD2 1 
ATOM   68   N N   . GLY A 1 17  ? -1.363  -12.300 -8.643  1.00 17.14 ? 17   GLY A N   1 
ATOM   69   C CA  . GLY A 1 17  ? -1.873  -11.477 -9.721  1.00 16.42 ? 17   GLY A CA  1 
ATOM   70   C C   . GLY A 1 17  ? -0.981  -10.265 -9.887  1.00 16.48 ? 17   GLY A C   1 
ATOM   71   O O   . GLY A 1 17  ? 0.172   -10.276 -9.459  1.00 15.13 ? 17   GLY A O   1 
ATOM   72   N N   . TYR A 1 18  ? -1.511  -9.210  -10.495 1.00 16.96 ? 18   TYR A N   1 
ATOM   73   C CA  . TYR A 1 18  ? -0.730  -8.003  -10.709 1.00 16.36 ? 18   TYR A CA  1 
ATOM   74   C C   . TYR A 1 18  ? -1.504  -6.738  -10.392 1.00 15.51 ? 18   TYR A C   1 
ATOM   75   O O   . TYR A 1 18  ? -2.724  -6.697  -10.531 1.00 17.39 ? 18   TYR A O   1 
ATOM   76   C CB  . TYR A 1 18  ? -0.256  -7.912  -12.166 1.00 15.95 ? 18   TYR A CB  1 
ATOM   77   C CG  . TYR A 1 18  ? 0.754   -8.956  -12.577 1.00 17.98 ? 18   TYR A CG  1 
ATOM   78   C CD1 . TYR A 1 18  ? 0.351   -10.186 -13.100 1.00 20.81 ? 18   TYR A CD1 1 
ATOM   79   C CD2 . TYR A 1 18  ? 2.120   -8.716  -12.439 1.00 18.93 ? 18   TYR A CD2 1 
ATOM   80   C CE1 . TYR A 1 18  ? 1.288   -11.147 -13.479 1.00 21.14 ? 18   TYR A CE1 1 
ATOM   81   C CE2 . TYR A 1 18  ? 3.063   -9.669  -12.811 1.00 18.40 ? 18   TYR A CE2 1 
ATOM   82   C CZ  . TYR A 1 18  ? 2.643   -10.877 -13.331 1.00 19.94 ? 18   TYR A CZ  1 
ATOM   83   O OH  . TYR A 1 18  ? 3.580   -11.810 -13.723 1.00 22.81 ? 18   TYR A OH  1 
ATOM   84   N N   . ALA A 1 19  ? -0.780  -5.707  -9.972  1.00 13.35 ? 19   ALA A N   1 
ATOM   85   C CA  . ALA A 1 19  ? -1.379  -4.409  -9.702  1.00 13.42 ? 19   ALA A CA  1 
ATOM   86   C C   . ALA A 1 19  ? -1.104  -3.631  -10.984 1.00 14.01 ? 19   ALA A C   1 
ATOM   87   O O   . ALA A 1 19  ? -0.276  -4.050  -11.794 1.00 12.87 ? 19   ALA A O   1 
ATOM   88   C CB  . ALA A 1 19  ? -0.691  -3.736  -8.528  1.00 11.07 ? 19   ALA A CB  1 
ATOM   89   N N   . PRO A 1 20  ? -1.792  -2.499  -11.193 1.00 14.76 ? 20   PRO A N   1 
ATOM   90   C CA  . PRO A 1 20  ? -1.579  -1.697  -12.403 1.00 15.86 ? 20   PRO A CA  1 
ATOM   91   C C   . PRO A 1 20  ? -0.099  -1.461  -12.692 1.00 16.84 ? 20   PRO A C   1 
ATOM   92   O O   . PRO A 1 20  ? 0.681   -1.172  -11.782 1.00 17.39 ? 20   PRO A O   1 
ATOM   93   C CB  . PRO A 1 20  ? -2.324  -0.403  -12.083 1.00 15.65 ? 20   PRO A CB  1 
ATOM   94   C CG  . PRO A 1 20  ? -3.506  -0.909  -11.309 1.00 14.74 ? 20   PRO A CG  1 
ATOM   95   C CD  . PRO A 1 20  ? -2.870  -1.925  -10.366 1.00 13.16 ? 20   PRO A CD  1 
ATOM   96   N N   . GLY A 1 21  ? 0.283   -1.588  -13.961 1.00 15.43 ? 21   GLY A N   1 
ATOM   97   C CA  . GLY A 1 21  ? 1.666   -1.386  -14.345 1.00 14.37 ? 21   GLY A CA  1 
ATOM   98   C C   . GLY A 1 21  ? 2.447   -2.681  -14.291 1.00 15.60 ? 21   GLY A C   1 
ATOM   99   O O   . GLY A 1 21  ? 3.668   -2.687  -14.413 1.00 16.54 ? 21   GLY A O   1 
ATOM   100  N N   . GLY A 1 22  ? 1.736   -3.786  -14.097 1.00 16.32 ? 22   GLY A N   1 
ATOM   101  C CA  . GLY A 1 22  ? 2.388   -5.078  -14.033 1.00 14.78 ? 22   GLY A CA  1 
ATOM   102  C C   . GLY A 1 22  ? 3.215   -5.295  -12.779 1.00 15.81 ? 22   GLY A C   1 
ATOM   103  O O   . GLY A 1 22  ? 4.277   -5.913  -12.838 1.00 17.01 ? 22   GLY A O   1 
ATOM   104  N N   . VAL A 1 23  ? 2.742   -4.783  -11.645 1.00 14.03 ? 23   VAL A N   1 
ATOM   105  C CA  . VAL A 1 23  ? 3.450   -4.947  -10.375 1.00 11.76 ? 23   VAL A CA  1 
ATOM   106  C C   . VAL A 1 23  ? 2.896   -6.182  -9.673  1.00 11.62 ? 23   VAL A C   1 
ATOM   107  O O   . VAL A 1 23  ? 1.738   -6.205  -9.273  1.00 13.86 ? 23   VAL A O   1 
ATOM   108  C CB  . VAL A 1 23  ? 3.263   -3.719  -9.462  1.00 12.12 ? 23   VAL A CB  1 
ATOM   109  C CG1 . VAL A 1 23  ? 3.997   -3.927  -8.142  1.00 9.72  ? 23   VAL A CG1 1 
ATOM   110  C CG2 . VAL A 1 23  ? 3.782   -2.472  -10.166 1.00 11.24 ? 23   VAL A CG2 1 
ATOM   111  N N   . ALA A 1 24  ? 3.734   -7.199  -9.524  1.00 10.91 ? 24   ALA A N   1 
ATOM   112  C CA  . ALA A 1 24  ? 3.322   -8.460  -8.920  1.00 11.37 ? 24   ALA A CA  1 
ATOM   113  C C   . ALA A 1 24  ? 2.908   -8.388  -7.459  1.00 11.10 ? 24   ALA A C   1 
ATOM   114  O O   . ALA A 1 24  ? 3.463   -7.627  -6.675  1.00 13.27 ? 24   ALA A O   1 
ATOM   115  C CB  . ALA A 1 24  ? 4.429   -9.497  -9.086  1.00 9.13  ? 24   ALA A CB  1 
ATOM   116  N N   . ILE A 1 25  ? 1.922   -9.205  -7.113  1.00 11.76 ? 25   ILE A N   1 
ATOM   117  C CA  . ILE A 1 25  ? 1.409   -9.302  -5.752  1.00 11.32 ? 25   ILE A CA  1 
ATOM   118  C C   . ILE A 1 25  ? 1.630   -10.757 -5.330  1.00 12.19 ? 25   ILE A C   1 
ATOM   119  O O   . ILE A 1 25  ? 1.173   -11.680 -6.006  1.00 12.03 ? 25   ILE A O   1 
ATOM   120  C CB  . ILE A 1 25  ? -0.097  -8.986  -5.701  1.00 11.80 ? 25   ILE A CB  1 
ATOM   121  C CG1 . ILE A 1 25  ? -0.340  -7.523  -6.068  1.00 10.44 ? 25   ILE A CG1 1 
ATOM   122  C CG2 . ILE A 1 25  ? -0.650  -9.296  -4.316  1.00 12.02 ? 25   ILE A CG2 1 
ATOM   123  C CD1 . ILE A 1 25  ? -1.820  -7.200  -6.261  1.00 7.85  ? 25   ILE A CD1 1 
ATOM   124  N N   . TYR A 1 26  ? 2.329   -10.965 -4.221  1.00 10.67 ? 26   TYR A N   1 
ATOM   125  C CA  . TYR A 1 26  ? 2.597   -12.324 -3.772  1.00 12.56 ? 26   TYR A CA  1 
ATOM   126  C C   . TYR A 1 26  ? 1.952   -12.668 -2.436  1.00 12.83 ? 26   TYR A C   1 
ATOM   127  O O   . TYR A 1 26  ? 1.706   -11.800 -1.611  1.00 13.51 ? 26   TYR A O   1 
ATOM   128  C CB  . TYR A 1 26  ? 4.109   -12.564 -3.640  1.00 11.19 ? 26   TYR A CB  1 
ATOM   129  C CG  . TYR A 1 26  ? 4.938   -12.255 -4.867  1.00 12.15 ? 26   TYR A CG  1 
ATOM   130  C CD1 . TYR A 1 26  ? 5.508   -10.992 -5.048  1.00 14.80 ? 26   TYR A CD1 1 
ATOM   131  C CD2 . TYR A 1 26  ? 5.173   -13.227 -5.835  1.00 11.80 ? 26   TYR A CD2 1 
ATOM   132  C CE1 . TYR A 1 26  ? 6.294   -10.711 -6.159  1.00 15.51 ? 26   TYR A CE1 1 
ATOM   133  C CE2 . TYR A 1 26  ? 5.955   -12.958 -6.951  1.00 13.53 ? 26   TYR A CE2 1 
ATOM   134  C CZ  . TYR A 1 26  ? 6.513   -11.700 -7.108  1.00 15.85 ? 26   TYR A CZ  1 
ATOM   135  O OH  . TYR A 1 26  ? 7.297   -11.433 -8.205  1.00 17.01 ? 26   TYR A OH  1 
ATOM   136  N N   . SER A 1 27  ? 1.684   -13.953 -2.233  1.00 14.81 ? 27   SER A N   1 
ATOM   137  C CA  . SER A 1 27  ? 1.120   -14.424 -0.975  1.00 15.49 ? 27   SER A CA  1 
ATOM   138  C C   . SER A 1 27  ? 2.213   -14.276 0.083   1.00 16.12 ? 27   SER A C   1 
ATOM   139  O O   . SER A 1 27  ? 3.393   -14.495 -0.204  1.00 15.72 ? 27   SER A O   1 
ATOM   140  C CB  . SER A 1 27  ? 0.735   -15.898 -1.094  1.00 16.91 ? 27   SER A CB  1 
ATOM   141  O OG  . SER A 1 27  ? 0.629   -16.499 0.183   1.00 16.56 ? 27   SER A OG  1 
ATOM   142  N N   . SER A 1 28  ? 1.834   -13.905 1.301   1.00 16.80 ? 28   SER A N   1 
ATOM   143  C CA  . SER A 1 28  ? 2.818   -13.765 2.369   1.00 18.85 ? 28   SER A CA  1 
ATOM   144  C C   . SER A 1 28  ? 2.445   -14.612 3.582   1.00 21.73 ? 28   SER A C   1 
ATOM   145  O O   . SER A 1 28  ? 2.676   -14.219 4.725   1.00 20.30 ? 28   SER A O   1 
ATOM   146  C CB  . SER A 1 28  ? 2.958   -12.304 2.790   1.00 16.50 ? 28   SER A CB  1 
ATOM   147  O OG  . SER A 1 28  ? 4.155   -12.121 3.529   1.00 19.98 ? 28   SER A OG  1 
ATOM   148  N N   . ASP A 1 29  ? 1.867   -15.777 3.319   1.00 23.42 ? 29   ASP A N   1 
ATOM   149  C CA  . ASP A 1 29  ? 1.464   -16.686 4.372   1.00 28.60 ? 29   ASP A CA  1 
ATOM   150  C C   . ASP A 1 29  ? 2.664   -17.472 4.905   1.00 31.19 ? 29   ASP A C   1 
ATOM   151  O O   . ASP A 1 29  ? 3.036   -18.503 4.340   1.00 31.30 ? 29   ASP A O   1 
ATOM   152  C CB  . ASP A 1 29  ? 0.405   -17.648 3.836   1.00 30.91 ? 29   ASP A CB  1 
ATOM   153  C CG  . ASP A 1 29  ? -0.113  -18.595 4.895   1.00 31.73 ? 29   ASP A CG  1 
ATOM   154  O OD1 . ASP A 1 29  ? -0.925  -19.472 4.541   1.00 34.16 ? 29   ASP A OD1 1 
ATOM   155  O OD2 . ASP A 1 29  ? 0.289   -18.459 6.071   1.00 31.96 ? 29   ASP A OD2 1 
ATOM   156  N N   . TYR A 1 30  ? 3.262   -16.985 5.991   1.00 34.97 ? 30   TYR A N   1 
ATOM   157  C CA  . TYR A 1 30  ? 4.419   -17.651 6.595   1.00 40.61 ? 30   TYR A CA  1 
ATOM   158  C C   . TYR A 1 30  ? 4.000   -18.872 7.414   1.00 44.41 ? 30   TYR A C   1 
ATOM   159  O O   . TYR A 1 30  ? 4.812   -19.762 7.676   1.00 44.78 ? 30   TYR A O   1 
ATOM   160  C CB  . TYR A 1 30  ? 5.177   -16.706 7.536   1.00 39.30 ? 30   TYR A CB  1 
ATOM   161  C CG  . TYR A 1 30  ? 5.623   -15.384 6.955   1.00 38.35 ? 30   TYR A CG  1 
ATOM   162  C CD1 . TYR A 1 30  ? 4.783   -14.272 6.973   1.00 38.11 ? 30   TYR A CD1 1 
ATOM   163  C CD2 . TYR A 1 30  ? 6.911   -15.229 6.440   1.00 39.50 ? 30   TYR A CD2 1 
ATOM   164  C CE1 . TYR A 1 30  ? 5.217   -13.032 6.502   1.00 38.90 ? 30   TYR A CE1 1 
ATOM   165  C CE2 . TYR A 1 30  ? 7.356   -13.997 5.966   1.00 39.54 ? 30   TYR A CE2 1 
ATOM   166  C CZ  . TYR A 1 30  ? 6.509   -12.904 6.002   1.00 38.92 ? 30   TYR A CZ  1 
ATOM   167  O OH  . TYR A 1 30  ? 6.960   -11.681 5.561   1.00 38.13 ? 30   TYR A OH  1 
ATOM   168  N N   . SER A 1 31  ? 2.736   -18.900 7.826   1.00 49.26 ? 31   SER A N   1 
ATOM   169  C CA  . SER A 1 31  ? 2.205   -19.987 8.645   1.00 54.64 ? 31   SER A CA  1 
ATOM   170  C C   . SER A 1 31  ? 2.121   -21.326 7.924   1.00 58.22 ? 31   SER A C   1 
ATOM   171  O O   . SER A 1 31  ? 1.590   -21.420 6.819   1.00 59.35 ? 31   SER A O   1 
ATOM   172  C CB  . SER A 1 31  ? 0.818   -19.618 9.178   1.00 54.84 ? 31   SER A CB  1 
ATOM   173  O OG  . SER A 1 31  ? 0.894   -18.485 10.035  1.00 57.35 ? 31   SER A OG  1 
ATOM   174  N N   . SER A 1 32  ? 2.648   -22.362 8.571   1.00 61.86 ? 32   SER A N   1 
ATOM   175  C CA  . SER A 1 32  ? 2.644   -23.718 8.028   1.00 65.09 ? 32   SER A CA  1 
ATOM   176  C C   . SER A 1 32  ? 3.563   -23.852 6.811   1.00 67.00 ? 32   SER A C   1 
ATOM   177  O O   . SER A 1 32  ? 4.461   -24.726 6.846   1.00 68.35 ? 32   SER A O   1 
ATOM   178  C CB  . SER A 1 32  ? 1.214   -24.127 7.658   1.00 65.87 ? 32   SER A CB  1 
ATOM   179  O OG  . SER A 1 32  ? 0.352   -24.048 8.780   1.00 67.69 ? 32   SER A OG  1 
ATOM   180  N N   . ASP A 1 40  ? 15.354  -13.474 9.933   1.00 54.98 ? 40   ASP A N   1 
ATOM   181  C CA  . ASP A 1 40  ? 16.762  -12.983 9.899   1.00 54.85 ? 40   ASP A CA  1 
ATOM   182  C C   . ASP A 1 40  ? 17.445  -13.327 8.581   1.00 53.67 ? 40   ASP A C   1 
ATOM   183  O O   . ASP A 1 40  ? 18.324  -12.601 8.117   1.00 54.28 ? 40   ASP A O   1 
ATOM   184  C CB  . ASP A 1 40  ? 17.574  -13.593 11.046  1.00 56.08 ? 40   ASP A CB  1 
ATOM   185  C CG  . ASP A 1 40  ? 17.083  -13.154 12.412  1.00 57.68 ? 40   ASP A CG  1 
ATOM   186  O OD1 . ASP A 1 40  ? 16.900  -11.933 12.619  1.00 57.18 ? 40   ASP A OD1 1 
ATOM   187  O OD2 . ASP A 1 40  ? 16.891  -14.031 13.283  1.00 58.73 ? 40   ASP A OD2 1 
ATOM   188  N N   . ASP A 1 41  ? 17.035  -14.438 7.980   1.00 51.51 ? 41   ASP A N   1 
ATOM   189  C CA  . ASP A 1 41  ? 17.629  -14.887 6.731   1.00 48.65 ? 41   ASP A CA  1 
ATOM   190  C C   . ASP A 1 41  ? 17.456  -13.875 5.601   1.00 45.61 ? 41   ASP A C   1 
ATOM   191  O O   . ASP A 1 41  ? 16.410  -13.236 5.466   1.00 44.52 ? 41   ASP A O   1 
ATOM   192  C CB  . ASP A 1 41  ? 17.035  -16.237 6.329   1.00 51.59 ? 41   ASP A CB  1 
ATOM   193  C CG  . ASP A 1 41  ? 17.892  -16.973 5.322   1.00 54.49 ? 41   ASP A CG  1 
ATOM   194  O OD1 . ASP A 1 41  ? 17.570  -18.140 5.011   1.00 56.58 ? 41   ASP A OD1 1 
ATOM   195  O OD2 . ASP A 1 41  ? 18.889  -16.387 4.844   1.00 56.05 ? 41   ASP A OD2 1 
ATOM   196  N N   . ALA A 1 42  ? 18.498  -13.742 4.790   1.00 41.86 ? 42   ALA A N   1 
ATOM   197  C CA  . ALA A 1 42  ? 18.498  -12.812 3.667   1.00 37.59 ? 42   ALA A CA  1 
ATOM   198  C C   . ALA A 1 42  ? 17.597  -13.261 2.523   1.00 34.16 ? 42   ALA A C   1 
ATOM   199  O O   . ALA A 1 42  ? 17.297  -12.477 1.625   1.00 31.01 ? 42   ALA A O   1 
ATOM   200  C CB  . ALA A 1 42  ? 19.918  -12.624 3.160   1.00 38.71 ? 42   ALA A CB  1 
ATOM   201  N N   . VAL A 1 43  ? 17.172  -14.522 2.553   1.00 31.37 ? 43   VAL A N   1 
ATOM   202  C CA  . VAL A 1 43  ? 16.313  -15.045 1.499   1.00 29.99 ? 43   VAL A CA  1 
ATOM   203  C C   . VAL A 1 43  ? 14.938  -14.389 1.529   1.00 29.10 ? 43   VAL A C   1 
ATOM   204  O O   . VAL A 1 43  ? 14.187  -14.475 0.556   1.00 28.40 ? 43   VAL A O   1 
ATOM   205  C CB  . VAL A 1 43  ? 16.147  -16.582 1.605   1.00 30.66 ? 43   VAL A CB  1 
ATOM   206  C CG1 . VAL A 1 43  ? 17.513  -17.254 1.567   1.00 30.93 ? 43   VAL A CG1 1 
ATOM   207  C CG2 . VAL A 1 43  ? 15.402  -16.943 2.872   1.00 29.09 ? 43   VAL A CG2 1 
ATOM   208  N N   . PHE A 1 44  ? 14.614  -13.736 2.644   1.00 26.52 ? 44   PHE A N   1 
ATOM   209  C CA  . PHE A 1 44  ? 13.333  -13.051 2.785   1.00 25.43 ? 44   PHE A CA  1 
ATOM   210  C C   . PHE A 1 44  ? 13.441  -11.550 2.528   1.00 24.59 ? 44   PHE A C   1 
ATOM   211  O O   . PHE A 1 44  ? 12.536  -10.789 2.864   1.00 23.53 ? 44   PHE A O   1 
ATOM   212  C CB  . PHE A 1 44  ? 12.740  -13.288 4.175   1.00 24.96 ? 44   PHE A CB  1 
ATOM   213  C CG  . PHE A 1 44  ? 12.477  -14.728 4.476   1.00 29.14 ? 44   PHE A CG  1 
ATOM   214  C CD1 . PHE A 1 44  ? 13.412  -15.490 5.169   1.00 29.52 ? 44   PHE A CD1 1 
ATOM   215  C CD2 . PHE A 1 44  ? 11.310  -15.340 4.031   1.00 28.36 ? 44   PHE A CD2 1 
ATOM   216  C CE1 . PHE A 1 44  ? 13.190  -16.847 5.413   1.00 30.57 ? 44   PHE A CE1 1 
ATOM   217  C CE2 . PHE A 1 44  ? 11.079  -16.691 4.268   1.00 29.77 ? 44   PHE A CE2 1 
ATOM   218  C CZ  . PHE A 1 44  ? 12.020  -17.446 4.959   1.00 30.33 ? 44   PHE A CZ  1 
ATOM   219  N N   . ARG A 1 45  ? 14.555  -11.132 1.934   1.00 24.49 ? 45   ARG A N   1 
ATOM   220  C CA  . ARG A 1 45  ? 14.771  -9.728  1.606   1.00 24.55 ? 45   ARG A CA  1 
ATOM   221  C C   . ARG A 1 45  ? 14.476  -9.525  0.128   1.00 22.47 ? 45   ARG A C   1 
ATOM   222  O O   . ARG A 1 45  ? 15.044  -10.211 -0.724  1.00 20.04 ? 45   ARG A O   1 
ATOM   223  C CB  . ARG A 1 45  ? 16.220  -9.316  1.855   1.00 28.61 ? 45   ARG A CB  1 
ATOM   224  C CG  . ARG A 1 45  ? 16.659  -9.206  3.297   1.00 34.42 ? 45   ARG A CG  1 
ATOM   225  C CD  . ARG A 1 45  ? 18.096  -8.709  3.300   1.00 40.34 ? 45   ARG A CD  1 
ATOM   226  N NE  . ARG A 1 45  ? 18.661  -8.539  4.631   1.00 46.17 ? 45   ARG A NE  1 
ATOM   227  C CZ  . ARG A 1 45  ? 19.907  -8.131  4.851   1.00 50.67 ? 45   ARG A CZ  1 
ATOM   228  N NH1 . ARG A 1 45  ? 20.703  -7.858  3.822   1.00 51.75 ? 45   ARG A NH1 1 
ATOM   229  N NH2 . ARG A 1 45  ? 20.359  -7.993  6.092   1.00 52.00 ? 45   ARG A NH2 1 
ATOM   230  N N   . SER A 1 46  ? 13.599  -8.577  -0.176  1.00 20.07 ? 46   SER A N   1 
ATOM   231  C CA  . SER A 1 46  ? 13.253  -8.299  -1.560  1.00 19.87 ? 46   SER A CA  1 
ATOM   232  C C   . SER A 1 46  ? 14.072  -7.152  -2.147  1.00 20.89 ? 46   SER A C   1 
ATOM   233  O O   . SER A 1 46  ? 14.172  -6.078  -1.551  1.00 19.89 ? 46   SER A O   1 
ATOM   234  C CB  . SER A 1 46  ? 11.763  -7.968  -1.679  1.00 17.07 ? 46   SER A CB  1 
ATOM   235  O OG  . SER A 1 46  ? 11.440  -7.570  -3.004  1.00 16.29 ? 46   SER A OG  1 
ATOM   236  N N   . TYR A 1 47  ? 14.650  -7.391  -3.318  1.00 23.09 ? 47   TYR A N   1 
ATOM   237  C CA  . TYR A 1 47  ? 15.442  -6.383  -4.019  1.00 26.61 ? 47   TYR A CA  1 
ATOM   238  C C   . TYR A 1 47  ? 15.050  -6.315  -5.490  1.00 29.00 ? 47   TYR A C   1 
ATOM   239  O O   . TYR A 1 47  ? 14.554  -7.286  -6.060  1.00 29.45 ? 47   TYR A O   1 
ATOM   240  C CB  . TYR A 1 47  ? 16.944  -6.702  -3.951  1.00 27.06 ? 47   TYR A CB  1 
ATOM   241  C CG  . TYR A 1 47  ? 17.587  -6.502  -2.599  1.00 28.21 ? 47   TYR A CG  1 
ATOM   242  C CD1 . TYR A 1 47  ? 17.437  -7.445  -1.585  1.00 29.38 ? 47   TYR A CD1 1 
ATOM   243  C CD2 . TYR A 1 47  ? 18.329  -5.355  -2.327  1.00 29.75 ? 47   TYR A CD2 1 
ATOM   244  C CE1 . TYR A 1 47  ? 18.010  -7.251  -0.329  1.00 31.73 ? 47   TYR A CE1 1 
ATOM   245  C CE2 . TYR A 1 47  ? 18.906  -5.149  -1.076  1.00 32.56 ? 47   TYR A CE2 1 
ATOM   246  C CZ  . TYR A 1 47  ? 18.742  -6.101  -0.082  1.00 33.51 ? 47   TYR A CZ  1 
ATOM   247  O OH  . TYR A 1 47  ? 19.297  -5.890  1.161   1.00 36.10 ? 47   TYR A OH  1 
ATOM   248  N N   . ILE A 1 48  ? 15.261  -5.151  -6.087  1.00 31.84 ? 48   ILE A N   1 
ATOM   249  C CA  . ILE A 1 48  ? 15.015  -4.936  -7.505  1.00 36.10 ? 48   ILE A CA  1 
ATOM   250  C C   . ILE A 1 48  ? 16.270  -4.201  -7.958  1.00 39.41 ? 48   ILE A C   1 
ATOM   251  O O   . ILE A 1 48  ? 16.422  -3.010  -7.688  1.00 40.52 ? 48   ILE A O   1 
ATOM   252  C CB  . ILE A 1 48  ? 13.798  -4.025  -7.786  1.00 36.63 ? 48   ILE A CB  1 
ATOM   253  C CG1 . ILE A 1 48  ? 12.490  -4.736  -7.422  1.00 35.96 ? 48   ILE A CG1 1 
ATOM   254  C CG2 . ILE A 1 48  ? 13.779  -3.649  -9.261  1.00 35.13 ? 48   ILE A CG2 1 
ATOM   255  C CD1 . ILE A 1 48  ? 12.117  -5.863  -8.360  1.00 37.71 ? 48   ILE A CD1 1 
ATOM   256  N N   . ASP A 1 49  ? 17.177  -4.919  -8.612  1.00 42.41 ? 49   ASP A N   1 
ATOM   257  C CA  . ASP A 1 49  ? 18.422  -4.329  -9.091  1.00 44.99 ? 49   ASP A CA  1 
ATOM   258  C C   . ASP A 1 49  ? 19.158  -3.510  -8.029  1.00 44.91 ? 49   ASP A C   1 
ATOM   259  O O   . ASP A 1 49  ? 19.238  -2.285  -8.126  1.00 45.09 ? 49   ASP A O   1 
ATOM   260  C CB  . ASP A 1 49  ? 18.158  -3.449  -10.319 1.00 47.05 ? 49   ASP A CB  1 
ATOM   261  C CG  . ASP A 1 49  ? 17.858  -4.261  -11.565 1.00 49.37 ? 49   ASP A CG  1 
ATOM   262  O OD1 . ASP A 1 49  ? 18.727  -5.064  -11.972 1.00 49.73 ? 49   ASP A OD1 1 
ATOM   263  O OD2 . ASP A 1 49  ? 16.760  -4.096  -12.136 1.00 50.76 ? 49   ASP A OD2 1 
ATOM   264  N N   . ASP A 1 50  ? 19.685  -4.191  -7.018  1.00 45.08 ? 50   ASP A N   1 
ATOM   265  C CA  . ASP A 1 50  ? 20.445  -3.539  -5.951  1.00 44.95 ? 50   ASP A CA  1 
ATOM   266  C C   . ASP A 1 50  ? 19.656  -2.578  -5.062  1.00 42.57 ? 50   ASP A C   1 
ATOM   267  O O   . ASP A 1 50  ? 20.211  -2.012  -4.119  1.00 43.11 ? 50   ASP A O   1 
ATOM   268  C CB  . ASP A 1 50  ? 21.645  -2.793  -6.550  1.00 49.27 ? 50   ASP A CB  1 
ATOM   269  C CG  . ASP A 1 50  ? 22.639  -3.724  -7.233  1.00 52.83 ? 50   ASP A CG  1 
ATOM   270  O OD1 . ASP A 1 50  ? 23.586  -3.212  -7.872  1.00 54.22 ? 50   ASP A OD1 1 
ATOM   271  O OD2 . ASP A 1 50  ? 22.476  -4.961  -7.131  1.00 54.46 ? 50   ASP A OD2 1 
ATOM   272  N N   . GLU A 1 51  ? 18.376  -2.379  -5.355  1.00 39.27 ? 51   GLU A N   1 
ATOM   273  C CA  . GLU A 1 51  ? 17.562  -1.480  -4.543  1.00 34.46 ? 51   GLU A CA  1 
ATOM   274  C C   . GLU A 1 51  ? 16.674  -2.307  -3.622  1.00 31.07 ? 51   GLU A C   1 
ATOM   275  O O   . GLU A 1 51  ? 15.897  -3.147  -4.080  1.00 30.79 ? 51   GLU A O   1 
ATOM   276  C CB  . GLU A 1 51  ? 16.694  -0.585  -5.432  1.00 35.56 ? 51   GLU A CB  1 
ATOM   277  C CG  . GLU A 1 51  ? 16.109  0.611   -4.697  1.00 34.88 ? 51   GLU A CG  1 
ATOM   278  C CD  . GLU A 1 51  ? 17.147  1.682   -4.416  1.00 36.11 ? 51   GLU A CD  1 
ATOM   279  O OE1 . GLU A 1 51  ? 16.905  2.543   -3.543  1.00 34.27 ? 51   GLU A OE1 1 
ATOM   280  O OE2 . GLU A 1 51  ? 18.204  1.668   -5.082  1.00 36.77 ? 51   GLU A OE2 1 
ATOM   281  N N   . TYR A 1 52  ? 16.795  -2.070  -2.322  1.00 27.67 ? 52   TYR A N   1 
ATOM   282  C CA  . TYR A 1 52  ? 16.015  -2.802  -1.334  1.00 24.49 ? 52   TYR A CA  1 
ATOM   283  C C   . TYR A 1 52  ? 14.550  -2.376  -1.357  1.00 22.97 ? 52   TYR A C   1 
ATOM   284  O O   . TYR A 1 52  ? 14.238  -1.193  -1.242  1.00 22.86 ? 52   TYR A O   1 
ATOM   285  C CB  . TYR A 1 52  ? 16.607  -2.586  0.062   1.00 22.53 ? 52   TYR A CB  1 
ATOM   286  C CG  . TYR A 1 52  ? 15.857  -3.293  1.169   1.00 22.65 ? 52   TYR A CG  1 
ATOM   287  C CD1 . TYR A 1 52  ? 15.157  -2.572  2.129   1.00 22.94 ? 52   TYR A CD1 1 
ATOM   288  C CD2 . TYR A 1 52  ? 15.833  -4.687  1.246   1.00 23.57 ? 52   TYR A CD2 1 
ATOM   289  C CE1 . TYR A 1 52  ? 14.451  -3.210  3.134   1.00 22.93 ? 52   TYR A CE1 1 
ATOM   290  C CE2 . TYR A 1 52  ? 15.125  -5.339  2.252   1.00 22.49 ? 52   TYR A CE2 1 
ATOM   291  C CZ  . TYR A 1 52  ? 14.436  -4.590  3.191   1.00 22.93 ? 52   TYR A CZ  1 
ATOM   292  O OH  . TYR A 1 52  ? 13.718  -5.217  4.182   1.00 24.88 ? 52   TYR A OH  1 
ATOM   293  N N   . MET A 1 53  ? 13.659  -3.350  -1.507  1.00 20.74 ? 53   MET A N   1 
ATOM   294  C CA  . MET A 1 53  ? 12.224  -3.088  -1.553  1.00 19.18 ? 53   MET A CA  1 
ATOM   295  C C   . MET A 1 53  ? 11.555  -3.339  -0.212  1.00 19.58 ? 53   MET A C   1 
ATOM   296  O O   . MET A 1 53  ? 10.682  -2.580  0.202   1.00 20.04 ? 53   MET A O   1 
ATOM   297  C CB  . MET A 1 53  ? 11.560  -3.970  -2.614  1.00 17.99 ? 53   MET A CB  1 
ATOM   298  C CG  . MET A 1 53  ? 11.971  -3.642  -4.036  1.00 16.86 ? 53   MET A CG  1 
ATOM   299  S SD  . MET A 1 53  ? 11.490  -1.970  -4.486  1.00 21.95 ? 53   MET A SD  1 
ATOM   300  C CE  . MET A 1 53  ? 13.019  -1.061  -4.155  1.00 20.78 ? 53   MET A CE  1 
ATOM   301  N N   . GLY A 1 54  ? 11.960  -4.413  0.460   1.00 19.49 ? 54   GLY A N   1 
ATOM   302  C CA  . GLY A 1 54  ? 11.368  -4.731  1.744   1.00 18.87 ? 54   GLY A CA  1 
ATOM   303  C C   . GLY A 1 54  ? 11.423  -6.205  2.090   1.00 20.17 ? 54   GLY A C   1 
ATOM   304  O O   . GLY A 1 54  ? 12.161  -6.974  1.473   1.00 21.11 ? 54   GLY A O   1 
ATOM   305  N N   . HIS A 1 55  ? 10.636  -6.595  3.086   1.00 20.94 ? 55   HIS A N   1 
ATOM   306  C CA  . HIS A 1 55  ? 10.578  -7.978  3.551   1.00 21.23 ? 55   HIS A CA  1 
ATOM   307  C C   . HIS A 1 55  ? 9.503   -8.743  2.767   1.00 19.53 ? 55   HIS A C   1 
ATOM   308  O O   . HIS A 1 55  ? 8.381   -8.259  2.608   1.00 18.39 ? 55   HIS A O   1 
ATOM   309  C CB  . HIS A 1 55  ? 10.235  -7.996  5.048   1.00 23.82 ? 55   HIS A CB  1 
ATOM   310  C CG  . HIS A 1 55  ? 10.548  -9.289  5.738   1.00 29.59 ? 55   HIS A CG  1 
ATOM   311  N ND1 . HIS A 1 55  ? 9.931   -9.672  6.911   1.00 33.24 ? 55   HIS A ND1 1 
ATOM   312  C CD2 . HIS A 1 55  ? 11.437  -10.269 5.446   1.00 33.22 ? 55   HIS A CD2 1 
ATOM   313  C CE1 . HIS A 1 55  ? 10.426  -10.831 7.310   1.00 33.73 ? 55   HIS A CE1 1 
ATOM   314  N NE2 . HIS A 1 55  ? 11.340  -11.216 6.438   1.00 33.86 ? 55   HIS A NE2 1 
ATOM   315  N N   . LYS A 1 56  ? 9.858   -9.928  2.281   1.00 17.66 ? 56   LYS A N   1 
ATOM   316  C CA  . LYS A 1 56  ? 8.940   -10.774 1.526   1.00 16.78 ? 56   LYS A CA  1 
ATOM   317  C C   . LYS A 1 56  ? 7.926   -11.410 2.467   1.00 17.67 ? 56   LYS A C   1 
ATOM   318  O O   . LYS A 1 56  ? 8.319   -12.120 3.388   1.00 18.85 ? 56   LYS A O   1 
ATOM   319  C CB  . LYS A 1 56  ? 9.698   -11.910 0.832   1.00 15.09 ? 56   LYS A CB  1 
ATOM   320  C CG  . LYS A 1 56  ? 10.760  -11.487 -0.161  1.00 16.90 ? 56   LYS A CG  1 
ATOM   321  C CD  . LYS A 1 56  ? 11.466  -12.724 -0.729  1.00 16.25 ? 56   LYS A CD  1 
ATOM   322  C CE  . LYS A 1 56  ? 12.566  -12.341 -1.712  1.00 17.20 ? 56   LYS A CE  1 
ATOM   323  N NZ  . LYS A 1 56  ? 13.417  -13.504 -2.086  1.00 13.36 ? 56   LYS A NZ  1 
ATOM   324  N N   . TRP A 1 57  ? 6.632   -11.229 2.204   1.00 16.67 ? 57   TRP A N   1 
ATOM   325  C CA  . TRP A 1 57  ? 6.140   -10.357 1.140   1.00 16.01 ? 57   TRP A CA  1 
ATOM   326  C C   . TRP A 1 57  ? 5.080   -9.523  1.830   1.00 16.79 ? 57   TRP A C   1 
ATOM   327  O O   . TRP A 1 57  ? 3.880   -9.708  1.618   1.00 16.75 ? 57   TRP A O   1 
ATOM   328  C CB  . TRP A 1 57  ? 5.506   -11.159 -0.004  1.00 13.92 ? 57   TRP A CB  1 
ATOM   329  C CG  . TRP A 1 57  ? 6.491   -11.935 -0.832  1.00 11.81 ? 57   TRP A CG  1 
ATOM   330  C CD1 . TRP A 1 57  ? 6.730   -13.277 -0.778  1.00 11.19 ? 57   TRP A CD1 1 
ATOM   331  C CD2 . TRP A 1 57  ? 7.399   -11.404 -1.806  1.00 11.39 ? 57   TRP A CD2 1 
ATOM   332  N NE1 . TRP A 1 57  ? 7.734   -13.616 -1.656  1.00 11.61 ? 57   TRP A NE1 1 
ATOM   333  C CE2 . TRP A 1 57  ? 8.160   -12.487 -2.300  1.00 12.49 ? 57   TRP A CE2 1 
ATOM   334  C CE3 . TRP A 1 57  ? 7.642   -10.118 -2.308  1.00 13.62 ? 57   TRP A CE3 1 
ATOM   335  C CZ2 . TRP A 1 57  ? 9.151   -12.323 -3.276  1.00 11.66 ? 57   TRP A CZ2 1 
ATOM   336  C CZ3 . TRP A 1 57  ? 8.629   -9.953  -3.279  1.00 12.97 ? 57   TRP A CZ3 1 
ATOM   337  C CH2 . TRP A 1 57  ? 9.371   -11.054 -3.753  1.00 13.76 ? 57   TRP A CH2 1 
ATOM   338  N N   . GLN A 1 58  ? 5.535   -8.605  2.672   1.00 17.10 ? 58   GLN A N   1 
ATOM   339  C CA  . GLN A 1 58  ? 4.625   -7.774  3.443   1.00 17.93 ? 58   GLN A CA  1 
ATOM   340  C C   . GLN A 1 58  ? 4.097   -6.538  2.738   1.00 16.73 ? 58   GLN A C   1 
ATOM   341  O O   . GLN A 1 58  ? 4.492   -6.229  1.616   1.00 14.47 ? 58   GLN A O   1 
ATOM   342  C CB  . GLN A 1 58  ? 5.288   -7.390  4.760   1.00 22.35 ? 58   GLN A CB  1 
ATOM   343  C CG  . GLN A 1 58  ? 5.782   -8.608  5.513   1.00 28.85 ? 58   GLN A CG  1 
ATOM   344  C CD  . GLN A 1 58  ? 6.043   -8.349  6.978   1.00 34.28 ? 58   GLN A CD  1 
ATOM   345  O OE1 . GLN A 1 58  ? 6.928   -8.968  7.576   1.00 36.21 ? 58   GLN A OE1 1 
ATOM   346  N NE2 . GLN A 1 58  ? 5.269   -7.444  7.572   1.00 36.61 ? 58   GLN A NE2 1 
ATOM   347  N N   . CYS A 1 59  ? 3.193   -5.841  3.418   1.00 14.58 ? 59   CYS A N   1 
ATOM   348  C CA  . CYS A 1 59  ? 2.558   -4.655  2.872   1.00 14.16 ? 59   CYS A CA  1 
ATOM   349  C C   . CYS A 1 59  ? 3.535   -3.584  2.418   1.00 14.34 ? 59   CYS A C   1 
ATOM   350  O O   . CYS A 1 59  ? 3.395   -3.044  1.321   1.00 13.11 ? 59   CYS A O   1 
ATOM   351  C CB  . CYS A 1 59  ? 1.574   -4.063  3.890   1.00 17.86 ? 59   CYS A CB  1 
ATOM   352  S SG  . CYS A 1 59  ? 2.321   -3.437  5.427   1.00 20.21 ? 59   CYS A SG  1 
ATOM   353  N N   . VAL A 1 60  ? 4.519   -3.271  3.259   1.00 14.19 ? 60   VAL A N   1 
ATOM   354  C CA  . VAL A 1 60  ? 5.505   -2.242  2.929   1.00 13.60 ? 60   VAL A CA  1 
ATOM   355  C C   . VAL A 1 60  ? 6.312   -2.593  1.685   1.00 13.27 ? 60   VAL A C   1 
ATOM   356  O O   . VAL A 1 60  ? 6.591   -1.731  0.855   1.00 12.90 ? 60   VAL A O   1 
ATOM   357  C CB  . VAL A 1 60  ? 6.482   -1.982  4.113   1.00 15.52 ? 60   VAL A CB  1 
ATOM   358  C CG1 . VAL A 1 60  ? 7.528   -0.959  3.714   1.00 12.25 ? 60   VAL A CG1 1 
ATOM   359  C CG2 . VAL A 1 60  ? 5.703   -1.488  5.338   1.00 15.59 ? 60   VAL A CG2 1 
ATOM   360  N N   . GLU A 1 61  ? 6.683   -3.861  1.553   1.00 14.03 ? 61   GLU A N   1 
ATOM   361  C CA  . GLU A 1 61  ? 7.458   -4.301  0.397   1.00 12.46 ? 61   GLU A CA  1 
ATOM   362  C C   . GLU A 1 61  ? 6.693   -4.024  -0.895  1.00 12.71 ? 61   GLU A C   1 
ATOM   363  O O   . GLU A 1 61  ? 7.259   -3.500  -1.852  1.00 12.79 ? 61   GLU A O   1 
ATOM   364  C CB  . GLU A 1 61  ? 7.773   -5.793  0.515   1.00 11.18 ? 61   GLU A CB  1 
ATOM   365  C CG  . GLU A 1 61  ? 8.764   -6.346  -0.512  1.00 10.78 ? 61   GLU A CG  1 
ATOM   366  C CD  . GLU A 1 61  ? 8.165   -6.523  -1.899  1.00 12.68 ? 61   GLU A CD  1 
ATOM   367  O OE1 . GLU A 1 61  ? 6.931   -6.696  -2.006  1.00 11.60 ? 61   GLU A OE1 1 
ATOM   368  O OE2 . GLU A 1 61  ? 8.936   -6.515  -2.884  1.00 13.61 ? 61   GLU A OE2 1 
ATOM   369  N N   . PHE A 1 62  ? 5.402   -4.358  -0.917  1.00 11.16 ? 62   PHE A N   1 
ATOM   370  C CA  . PHE A 1 62  ? 4.589   -4.142  -2.111  1.00 11.79 ? 62   PHE A CA  1 
ATOM   371  C C   . PHE A 1 62  ? 4.470   -2.668  -2.461  1.00 12.67 ? 62   PHE A C   1 
ATOM   372  O O   . PHE A 1 62  ? 4.656   -2.280  -3.616  1.00 11.90 ? 62   PHE A O   1 
ATOM   373  C CB  . PHE A 1 62  ? 3.174   -4.708  -1.937  1.00 9.96  ? 62   PHE A CB  1 
ATOM   374  C CG  . PHE A 1 62  ? 2.240   -4.331  -3.055  1.00 10.24 ? 62   PHE A CG  1 
ATOM   375  C CD1 . PHE A 1 62  ? 2.272   -5.014  -4.272  1.00 8.56  ? 62   PHE A CD1 1 
ATOM   376  C CD2 . PHE A 1 62  ? 1.369   -3.251  -2.916  1.00 10.53 ? 62   PHE A CD2 1 
ATOM   377  C CE1 . PHE A 1 62  ? 1.454   -4.625  -5.329  1.00 7.61  ? 62   PHE A CE1 1 
ATOM   378  C CE2 . PHE A 1 62  ? 0.545   -2.853  -3.971  1.00 8.96  ? 62   PHE A CE2 1 
ATOM   379  C CZ  . PHE A 1 62  ? 0.589   -3.542  -5.177  1.00 10.37 ? 62   PHE A CZ  1 
ATOM   380  N N   . ALA A 1 63  ? 4.144   -1.853  -1.462  1.00 12.05 ? 63   ALA A N   1 
ATOM   381  C CA  . ALA A 1 63  ? 3.983   -0.425  -1.677  1.00 12.31 ? 63   ALA A CA  1 
ATOM   382  C C   . ALA A 1 63  ? 5.256   0.220   -2.198  1.00 12.12 ? 63   ALA A C   1 
ATOM   383  O O   . ALA A 1 63  ? 5.207   1.043   -3.113  1.00 14.64 ? 63   ALA A O   1 
ATOM   384  C CB  . ALA A 1 63  ? 3.540   0.257   -0.387  1.00 13.43 ? 63   ALA A CB  1 
ATOM   385  N N   . ARG A 1 64  ? 6.399   -0.149  -1.630  1.00 11.14 ? 64   ARG A N   1 
ATOM   386  C CA  . ARG A 1 64  ? 7.649   0.443   -2.082  1.00 11.96 ? 64   ARG A CA  1 
ATOM   387  C C   . ARG A 1 64  ? 7.964   -0.003  -3.508  1.00 11.10 ? 64   ARG A C   1 
ATOM   388  O O   . ARG A 1 64  ? 8.337   0.813   -4.344  1.00 10.93 ? 64   ARG A O   1 
ATOM   389  C CB  . ARG A 1 64  ? 8.807   0.084   -1.142  1.00 13.33 ? 64   ARG A CB  1 
ATOM   390  C CG  . ARG A 1 64  ? 10.112  0.784   -1.507  1.00 20.69 ? 64   ARG A CG  1 
ATOM   391  C CD  . ARG A 1 64  ? 11.255  0.529   -0.513  1.00 26.77 ? 64   ARG A CD  1 
ATOM   392  N NE  . ARG A 1 64  ? 11.052  1.199   0.768   1.00 29.11 ? 64   ARG A NE  1 
ATOM   393  C CZ  . ARG A 1 64  ? 10.654  0.586   1.877   1.00 34.34 ? 64   ARG A CZ  1 
ATOM   394  N NH1 . ARG A 1 64  ? 10.492  1.275   2.998   1.00 36.58 ? 64   ARG A NH1 1 
ATOM   395  N NH2 . ARG A 1 64  ? 10.434  -0.723  1.871   1.00 36.11 ? 64   ARG A NH2 1 
ATOM   396  N N   . ARG A 1 65  ? 7.800   -1.292  -3.789  1.00 11.45 ? 65   ARG A N   1 
ATOM   397  C CA  . ARG A 1 65  ? 8.072   -1.817  -5.127  1.00 12.60 ? 65   ARG A CA  1 
ATOM   398  C C   . ARG A 1 65  ? 7.151   -1.176  -6.164  1.00 12.74 ? 65   ARG A C   1 
ATOM   399  O O   . ARG A 1 65  ? 7.574   -0.878  -7.282  1.00 14.56 ? 65   ARG A O   1 
ATOM   400  C CB  . ARG A 1 65  ? 7.911   -3.346  -5.138  1.00 13.53 ? 65   ARG A CB  1 
ATOM   401  C CG  . ARG A 1 65  ? 8.221   -4.039  -6.478  1.00 14.20 ? 65   ARG A CG  1 
ATOM   402  C CD  . ARG A 1 65  ? 8.624   -5.497  -6.261  1.00 11.02 ? 65   ARG A CD  1 
ATOM   403  N NE  . ARG A 1 65  ? 7.711   -6.189  -5.352  1.00 13.94 ? 65   ARG A NE  1 
ATOM   404  C CZ  . ARG A 1 65  ? 6.497   -6.631  -5.679  1.00 15.47 ? 65   ARG A CZ  1 
ATOM   405  N NH1 . ARG A 1 65  ? 6.028   -6.470  -6.910  1.00 13.86 ? 65   ARG A NH1 1 
ATOM   406  N NH2 . ARG A 1 65  ? 5.738   -7.208  -4.759  1.00 13.48 ? 65   ARG A NH2 1 
ATOM   407  N N   . PHE A 1 66  ? 5.896   -0.957  -5.788  1.00 11.87 ? 66   PHE A N   1 
ATOM   408  C CA  . PHE A 1 66  ? 4.923   -0.356  -6.692  1.00 10.96 ? 66   PHE A CA  1 
ATOM   409  C C   . PHE A 1 66  ? 5.378   1.042   -7.110  1.00 11.74 ? 66   PHE A C   1 
ATOM   410  O O   . PHE A 1 66  ? 5.441   1.358   -8.296  1.00 12.68 ? 66   PHE A O   1 
ATOM   411  C CB  . PHE A 1 66  ? 3.558   -0.268  -6.010  1.00 10.01 ? 66   PHE A CB  1 
ATOM   412  C CG  . PHE A 1 66  ? 2.461   0.217   -6.911  1.00 10.37 ? 66   PHE A CG  1 
ATOM   413  C CD1 . PHE A 1 66  ? 1.724   -0.682  -7.677  1.00 10.28 ? 66   PHE A CD1 1 
ATOM   414  C CD2 . PHE A 1 66  ? 2.168   1.579   -7.005  1.00 7.78  ? 66   PHE A CD2 1 
ATOM   415  C CE1 . PHE A 1 66  ? 0.710   -0.235  -8.524  1.00 10.18 ? 66   PHE A CE1 1 
ATOM   416  C CE2 . PHE A 1 66  ? 1.158   2.036   -7.846  1.00 8.20  ? 66   PHE A CE2 1 
ATOM   417  C CZ  . PHE A 1 66  ? 0.426   1.128   -8.608  1.00 9.78  ? 66   PHE A CZ  1 
ATOM   418  N N   . LEU A 1 67  ? 5.688   1.888   -6.134  1.00 12.56 ? 67   LEU A N   1 
ATOM   419  C CA  . LEU A 1 67  ? 6.139   3.239   -6.442  1.00 13.80 ? 67   LEU A CA  1 
ATOM   420  C C   . LEU A 1 67  ? 7.438   3.203   -7.244  1.00 12.19 ? 67   LEU A C   1 
ATOM   421  O O   . LEU A 1 67  ? 7.657   4.031   -8.121  1.00 13.75 ? 67   LEU A O   1 
ATOM   422  C CB  . LEU A 1 67  ? 6.355   4.039   -5.155  1.00 13.43 ? 67   LEU A CB  1 
ATOM   423  C CG  . LEU A 1 67  ? 5.108   4.284   -4.300  1.00 17.84 ? 67   LEU A CG  1 
ATOM   424  C CD1 . LEU A 1 67  ? 5.464   5.191   -3.118  1.00 15.14 ? 67   LEU A CD1 1 
ATOM   425  C CD2 . LEU A 1 67  ? 4.018   4.917   -5.152  1.00 17.06 ? 67   LEU A CD2 1 
ATOM   426  N N   . PHE A 1 68  ? 8.296   2.237   -6.946  1.00 11.84 ? 68   PHE A N   1 
ATOM   427  C CA  . PHE A 1 68  ? 9.571   2.119   -7.643  1.00 13.91 ? 68   PHE A CA  1 
ATOM   428  C C   . PHE A 1 68  ? 9.388   1.771   -9.118  1.00 14.82 ? 68   PHE A C   1 
ATOM   429  O O   . PHE A 1 68  ? 9.956   2.425   -9.997  1.00 12.92 ? 68   PHE A O   1 
ATOM   430  C CB  . PHE A 1 68  ? 10.442  1.048   -6.980  1.00 17.26 ? 68   PHE A CB  1 
ATOM   431  C CG  . PHE A 1 68  ? 11.753  0.820   -7.676  1.00 22.21 ? 68   PHE A CG  1 
ATOM   432  C CD1 . PHE A 1 68  ? 12.773  1.759   -7.587  1.00 25.05 ? 68   PHE A CD1 1 
ATOM   433  C CD2 . PHE A 1 68  ? 11.950  -0.312  -8.461  1.00 24.42 ? 68   PHE A CD2 1 
ATOM   434  C CE1 . PHE A 1 68  ? 13.979  1.578   -8.274  1.00 28.36 ? 68   PHE A CE1 1 
ATOM   435  C CE2 . PHE A 1 68  ? 13.147  -0.505  -9.152  1.00 27.01 ? 68   PHE A CE2 1 
ATOM   436  C CZ  . PHE A 1 68  ? 14.164  0.442   -9.059  1.00 27.52 ? 68   PHE A CZ  1 
ATOM   437  N N   . LEU A 1 69  ? 8.579   0.748   -9.382  1.00 14.63 ? 69   LEU A N   1 
ATOM   438  C CA  . LEU A 1 69  ? 8.339   0.292   -10.749 1.00 15.49 ? 69   LEU A CA  1 
ATOM   439  C C   . LEU A 1 69  ? 7.466   1.210   -11.583 1.00 15.51 ? 69   LEU A C   1 
ATOM   440  O O   . LEU A 1 69  ? 7.670   1.316   -12.787 1.00 17.51 ? 69   LEU A O   1 
ATOM   441  C CB  . LEU A 1 69  ? 7.728   -1.114  -10.735 1.00 12.91 ? 69   LEU A CB  1 
ATOM   442  C CG  . LEU A 1 69  ? 8.682   -2.180  -10.184 1.00 13.56 ? 69   LEU A CG  1 
ATOM   443  C CD1 . LEU A 1 69  ? 7.962   -3.508  -10.051 1.00 14.37 ? 69   LEU A CD1 1 
ATOM   444  C CD2 . LEU A 1 69  ? 9.895   -2.302  -11.108 1.00 10.91 ? 69   LEU A CD2 1 
ATOM   445  N N   . ASN A 1 70  ? 6.500   1.874   -10.955 1.00 15.05 ? 70   ASN A N   1 
ATOM   446  C CA  . ASN A 1 70  ? 5.613   2.763   -11.691 1.00 15.52 ? 70   ASN A CA  1 
ATOM   447  C C   . ASN A 1 70  ? 5.949   4.249   -11.591 1.00 16.35 ? 70   ASN A C   1 
ATOM   448  O O   . ASN A 1 70  ? 5.541   5.020   -12.452 1.00 17.53 ? 70   ASN A O   1 
ATOM   449  C CB  . ASN A 1 70  ? 4.151   2.552   -11.259 1.00 14.67 ? 70   ASN A CB  1 
ATOM   450  C CG  . ASN A 1 70  ? 3.615   1.184   -11.648 1.00 12.04 ? 70   ASN A CG  1 
ATOM   451  O OD1 . ASN A 1 70  ? 4.131   0.545   -12.556 1.00 13.17 ? 70   ASN A OD1 1 
ATOM   452  N ND2 . ASN A 1 70  ? 2.566   0.739   -10.971 1.00 10.08 ? 70   ASN A ND2 1 
ATOM   453  N N   . TYR A 1 71  ? 6.684   4.658   -10.559 1.00 15.15 ? 71   TYR A N   1 
ATOM   454  C CA  . TYR A 1 71  ? 7.013   6.073   -10.406 1.00 17.14 ? 71   TYR A CA  1 
ATOM   455  C C   . TYR A 1 71  ? 8.499   6.394   -10.284 1.00 16.27 ? 71   TYR A C   1 
ATOM   456  O O   . TYR A 1 71  ? 8.883   7.564   -10.273 1.00 17.97 ? 71   TYR A O   1 
ATOM   457  C CB  . TYR A 1 71  ? 6.295   6.664   -9.186  1.00 18.92 ? 71   TYR A CB  1 
ATOM   458  C CG  . TYR A 1 71  ? 4.786   6.720   -9.286  1.00 23.11 ? 71   TYR A CG  1 
ATOM   459  C CD1 . TYR A 1 71  ? 4.003   5.588   -9.049  1.00 22.39 ? 71   TYR A CD1 1 
ATOM   460  C CD2 . TYR A 1 71  ? 4.137   7.917   -9.602  1.00 24.26 ? 71   TYR A CD2 1 
ATOM   461  C CE1 . TYR A 1 71  ? 2.609   5.647   -9.122  1.00 23.41 ? 71   TYR A CE1 1 
ATOM   462  C CE2 . TYR A 1 71  ? 2.747   7.986   -9.677  1.00 24.47 ? 71   TYR A CE2 1 
ATOM   463  C CZ  . TYR A 1 71  ? 1.991   6.850   -9.436  1.00 25.58 ? 71   TYR A CZ  1 
ATOM   464  O OH  . TYR A 1 71  ? 0.619   6.927   -9.501  1.00 26.26 ? 71   TYR A OH  1 
ATOM   465  N N   . GLY A 1 72  ? 9.336   5.371   -10.175 1.00 14.63 ? 72   GLY A N   1 
ATOM   466  C CA  . GLY A 1 72  ? 10.758  5.618   -10.050 1.00 14.48 ? 72   GLY A CA  1 
ATOM   467  C C   . GLY A 1 72  ? 11.143  6.282   -8.735  1.00 15.91 ? 72   GLY A C   1 
ATOM   468  O O   . GLY A 1 72  ? 12.174  6.946   -8.657  1.00 16.83 ? 72   GLY A O   1 
ATOM   469  N N   . VAL A 1 73  ? 10.318  6.106   -7.705  1.00 14.06 ? 73   VAL A N   1 
ATOM   470  C CA  . VAL A 1 73  ? 10.597  6.682   -6.395  1.00 13.78 ? 73   VAL A CA  1 
ATOM   471  C C   . VAL A 1 73  ? 10.303  5.678   -5.283  1.00 14.49 ? 73   VAL A C   1 
ATOM   472  O O   . VAL A 1 73  ? 9.642   4.661   -5.506  1.00 14.65 ? 73   VAL A O   1 
ATOM   473  C CB  . VAL A 1 73  ? 9.733   7.939   -6.125  1.00 15.48 ? 73   VAL A CB  1 
ATOM   474  C CG1 . VAL A 1 73  ? 9.942   8.973   -7.230  1.00 15.44 ? 73   VAL A CG1 1 
ATOM   475  C CG2 . VAL A 1 73  ? 8.263   7.548   -6.022  1.00 10.80 ? 73   VAL A CG2 1 
ATOM   476  N N   . VAL A 1 74  ? 10.797  5.974   -4.084  1.00 13.56 ? 74   VAL A N   1 
ATOM   477  C CA  . VAL A 1 74  ? 10.556  5.128   -2.919  1.00 13.18 ? 74   VAL A CA  1 
ATOM   478  C C   . VAL A 1 74  ? 10.467  6.001   -1.665  1.00 15.34 ? 74   VAL A C   1 
ATOM   479  O O   . VAL A 1 74  ? 10.903  7.154   -1.668  1.00 13.31 ? 74   VAL A O   1 
ATOM   480  C CB  . VAL A 1 74  ? 11.695  4.090   -2.703  1.00 13.15 ? 74   VAL A CB  1 
ATOM   481  C CG1 . VAL A 1 74  ? 11.857  3.211   -3.939  1.00 14.50 ? 74   VAL A CG1 1 
ATOM   482  C CG2 . VAL A 1 74  ? 12.992  4.798   -2.378  1.00 13.15 ? 74   VAL A CG2 1 
ATOM   483  N N   . PHE A 1 75  ? 9.869   5.462   -0.608  1.00 15.96 ? 75   PHE A N   1 
ATOM   484  C CA  . PHE A 1 75  ? 9.803   6.177   0.659   1.00 17.53 ? 75   PHE A CA  1 
ATOM   485  C C   . PHE A 1 75  ? 10.794  5.410   1.525   1.00 18.99 ? 75   PHE A C   1 
ATOM   486  O O   . PHE A 1 75  ? 11.068  4.237   1.268   1.00 17.24 ? 75   PHE A O   1 
ATOM   487  C CB  . PHE A 1 75  ? 8.384   6.167   1.250   1.00 16.37 ? 75   PHE A CB  1 
ATOM   488  C CG  . PHE A 1 75  ? 7.799   4.800   1.437   1.00 18.74 ? 75   PHE A CG  1 
ATOM   489  C CD1 . PHE A 1 75  ? 8.175   4.003   2.517   1.00 19.51 ? 75   PHE A CD1 1 
ATOM   490  C CD2 . PHE A 1 75  ? 6.842   4.317   0.547   1.00 18.86 ? 75   PHE A CD2 1 
ATOM   491  C CE1 . PHE A 1 75  ? 7.605   2.750   2.707   1.00 17.06 ? 75   PHE A CE1 1 
ATOM   492  C CE2 . PHE A 1 75  ? 6.269   3.070   0.728   1.00 18.82 ? 75   PHE A CE2 1 
ATOM   493  C CZ  . PHE A 1 75  ? 6.649   2.281   1.812   1.00 19.51 ? 75   PHE A CZ  1 
ATOM   494  N N   . THR A 1 76  ? 11.343  6.066   2.535   1.00 21.53 ? 76   THR A N   1 
ATOM   495  C CA  . THR A 1 76  ? 12.337  5.422   3.376   1.00 24.67 ? 76   THR A CA  1 
ATOM   496  C C   . THR A 1 76  ? 11.876  4.164   4.125   1.00 26.21 ? 76   THR A C   1 
ATOM   497  O O   . THR A 1 76  ? 10.690  3.966   4.396   1.00 24.21 ? 76   THR A O   1 
ATOM   498  C CB  . THR A 1 76  ? 12.941  6.434   4.369   1.00 24.52 ? 76   THR A CB  1 
ATOM   499  O OG1 . THR A 1 76  ? 14.057  5.835   5.037   1.00 29.05 ? 76   THR A OG1 1 
ATOM   500  C CG2 . THR A 1 76  ? 11.914  6.861   5.380   1.00 22.03 ? 76   THR A CG2 1 
ATOM   501  N N   . ASP A 1 77  ? 12.854  3.320   4.438   1.00 30.58 ? 77   ASP A N   1 
ATOM   502  C CA  . ASP A 1 77  ? 12.675  2.043   5.135   1.00 33.66 ? 77   ASP A CA  1 
ATOM   503  C C   . ASP A 1 77  ? 12.166  2.191   6.576   1.00 33.01 ? 77   ASP A C   1 
ATOM   504  O O   . ASP A 1 77  ? 12.963  2.304   7.504   1.00 35.91 ? 77   ASP A O   1 
ATOM   505  C CB  . ASP A 1 77  ? 14.024  1.300   5.136   1.00 38.30 ? 77   ASP A CB  1 
ATOM   506  C CG  . ASP A 1 77  ? 13.933  -0.102  5.697   1.00 43.23 ? 77   ASP A CG  1 
ATOM   507  O OD1 . ASP A 1 77  ? 15.010  -0.695  5.947   1.00 43.67 ? 77   ASP A OD1 1 
ATOM   508  O OD2 . ASP A 1 77  ? 12.800  -0.609  5.877   1.00 44.22 ? 77   ASP A OD2 1 
ATOM   509  N N   . VAL A 1 78  ? 10.849  2.158   6.767   1.00 30.87 ? 78   VAL A N   1 
ATOM   510  C CA  . VAL A 1 78  ? 10.263  2.284   8.100   1.00 27.62 ? 78   VAL A CA  1 
ATOM   511  C C   . VAL A 1 78  ? 10.144  0.937   8.801   1.00 26.62 ? 78   VAL A C   1 
ATOM   512  O O   . VAL A 1 78  ? 10.120  -0.109  8.156   1.00 26.05 ? 78   VAL A O   1 
ATOM   513  C CB  . VAL A 1 78  ? 8.857   2.905   8.037   1.00 27.62 ? 78   VAL A CB  1 
ATOM   514  C CG1 . VAL A 1 78  ? 8.937   4.342   7.537   1.00 27.46 ? 78   VAL A CG1 1 
ATOM   515  C CG2 . VAL A 1 78  ? 7.970   2.070   7.126   1.00 25.87 ? 78   VAL A CG2 1 
ATOM   516  N N   . GLY A 1 79  ? 10.058  0.974   10.127  1.00 25.12 ? 79   GLY A N   1 
ATOM   517  C CA  . GLY A 1 79  ? 9.932   -0.252  10.896  1.00 23.82 ? 79   GLY A CA  1 
ATOM   518  C C   . GLY A 1 79  ? 8.510   -0.791  10.901  1.00 24.06 ? 79   GLY A C   1 
ATOM   519  O O   . GLY A 1 79  ? 8.294   -1.996  10.823  1.00 22.82 ? 79   GLY A O   1 
ATOM   520  N N   . MET A 1 80  ? 7.537   0.108   11.005  1.00 23.64 ? 80   MET A N   1 
ATOM   521  C CA  . MET A 1 80  ? 6.130   -0.278  11.010  1.00 23.43 ? 80   MET A CA  1 
ATOM   522  C C   . MET A 1 80  ? 5.389   0.562   9.982   1.00 22.16 ? 80   MET A C   1 
ATOM   523  O O   . MET A 1 80  ? 5.636   1.764   9.856   1.00 20.92 ? 80   MET A O   1 
ATOM   524  C CB  . MET A 1 80  ? 5.522   -0.069  12.397  1.00 25.91 ? 80   MET A CB  1 
ATOM   525  C CG  . MET A 1 80  ? 6.189   -0.891  13.487  1.00 31.07 ? 80   MET A CG  1 
ATOM   526  S SD  . MET A 1 80  ? 5.591   -0.455  15.130  1.00 39.03 ? 80   MET A SD  1 
ATOM   527  C CE  . MET A 1 80  ? 6.781   0.826   15.586  1.00 36.39 ? 80   MET A CE  1 
ATOM   528  N N   . ALA A 1 81  ? 4.483   -0.082  9.252   1.00 19.80 ? 81   ALA A N   1 
ATOM   529  C CA  . ALA A 1 81  ? 3.704   0.577   8.209   1.00 17.86 ? 81   ALA A CA  1 
ATOM   530  C C   . ALA A 1 81  ? 3.019   1.876   8.625   1.00 16.46 ? 81   ALA A C   1 
ATOM   531  O O   . ALA A 1 81  ? 2.990   2.830   7.849   1.00 16.07 ? 81   ALA A O   1 
ATOM   532  C CB  . ALA A 1 81  ? 2.665   -0.396  7.646   1.00 15.55 ? 81   ALA A CB  1 
ATOM   533  N N   . TRP A 1 82  ? 2.466   1.931   9.835   1.00 16.99 ? 82   TRP A N   1 
ATOM   534  C CA  . TRP A 1 82  ? 1.774   3.150   10.258  1.00 16.83 ? 82   TRP A CA  1 
ATOM   535  C C   . TRP A 1 82  ? 2.691   4.373   10.267  1.00 16.62 ? 82   TRP A C   1 
ATOM   536  O O   . TRP A 1 82  ? 2.220   5.505   10.156  1.00 17.44 ? 82   TRP A O   1 
ATOM   537  C CB  . TRP A 1 82  ? 1.111   2.969   11.636  1.00 16.08 ? 82   TRP A CB  1 
ATOM   538  C CG  . TRP A 1 82  ? 2.055   2.768   12.771  1.00 18.98 ? 82   TRP A CG  1 
ATOM   539  C CD1 . TRP A 1 82  ? 2.519   1.582   13.253  1.00 18.45 ? 82   TRP A CD1 1 
ATOM   540  C CD2 . TRP A 1 82  ? 2.679   3.793   13.551  1.00 20.41 ? 82   TRP A CD2 1 
ATOM   541  N NE1 . TRP A 1 82  ? 3.397   1.800   14.287  1.00 20.30 ? 82   TRP A NE1 1 
ATOM   542  C CE2 . TRP A 1 82  ? 3.515   3.150   14.491  1.00 20.44 ? 82   TRP A CE2 1 
ATOM   543  C CE3 . TRP A 1 82  ? 2.615   5.193   13.545  1.00 21.36 ? 82   TRP A CE3 1 
ATOM   544  C CZ2 . TRP A 1 82  ? 4.284   3.858   15.420  1.00 22.34 ? 82   TRP A CZ2 1 
ATOM   545  C CZ3 . TRP A 1 82  ? 3.384   5.903   14.473  1.00 23.21 ? 82   TRP A CZ3 1 
ATOM   546  C CH2 . TRP A 1 82  ? 4.208   5.229   15.398  1.00 23.15 ? 82   TRP A CH2 1 
ATOM   547  N N   . GLU A 1 83  ? 3.999   4.142   10.367  1.00 16.21 ? 83   GLU A N   1 
ATOM   548  C CA  . GLU A 1 83  ? 4.979   5.231   10.384  1.00 17.01 ? 83   GLU A CA  1 
ATOM   549  C C   . GLU A 1 83  ? 5.059   5.985   9.065   1.00 17.28 ? 83   GLU A C   1 
ATOM   550  O O   . GLU A 1 83  ? 5.486   7.141   9.027   1.00 15.07 ? 83   GLU A O   1 
ATOM   551  C CB  . GLU A 1 83  ? 6.370   4.699   10.716  1.00 16.77 ? 83   GLU A CB  1 
ATOM   552  C CG  . GLU A 1 83  ? 6.531   4.229   12.137  1.00 23.89 ? 83   GLU A CG  1 
ATOM   553  C CD  . GLU A 1 83  ? 7.950   3.795   12.430  1.00 26.85 ? 83   GLU A CD  1 
ATOM   554  O OE1 . GLU A 1 83  ? 8.356   2.711   11.954  1.00 27.74 ? 83   GLU A OE1 1 
ATOM   555  O OE2 . GLU A 1 83  ? 8.658   4.554   13.122  1.00 29.28 ? 83   GLU A OE2 1 
ATOM   556  N N   . ILE A 1 84  ? 4.659   5.328   7.983   1.00 17.07 ? 84   ILE A N   1 
ATOM   557  C CA  . ILE A 1 84  ? 4.696   5.959   6.673   1.00 15.19 ? 84   ILE A CA  1 
ATOM   558  C C   . ILE A 1 84  ? 3.898   7.258   6.699   1.00 15.73 ? 84   ILE A C   1 
ATOM   559  O O   . ILE A 1 84  ? 4.270   8.236   6.052   1.00 12.60 ? 84   ILE A O   1 
ATOM   560  C CB  . ILE A 1 84  ? 4.123   5.017   5.591   1.00 15.57 ? 84   ILE A CB  1 
ATOM   561  C CG1 . ILE A 1 84  ? 5.037   3.798   5.437   1.00 13.51 ? 84   ILE A CG1 1 
ATOM   562  C CG2 . ILE A 1 84  ? 3.965   5.766   4.269   1.00 10.05 ? 84   ILE A CG2 1 
ATOM   563  C CD1 . ILE A 1 84  ? 4.435   2.659   4.636   1.00 13.66 ? 84   ILE A CD1 1 
ATOM   564  N N   . PHE A 1 85  ? 2.818   7.274   7.470   1.00 16.44 ? 85   PHE A N   1 
ATOM   565  C CA  . PHE A 1 85  ? 1.975   8.461   7.556   1.00 18.07 ? 85   PHE A CA  1 
ATOM   566  C C   . PHE A 1 85  ? 2.710   9.680   8.117   1.00 18.50 ? 85   PHE A C   1 
ATOM   567  O O   . PHE A 1 85  ? 2.199   10.803  8.035   1.00 18.57 ? 85   PHE A O   1 
ATOM   568  C CB  . PHE A 1 85  ? 0.729   8.174   8.403   1.00 17.54 ? 85   PHE A CB  1 
ATOM   569  C CG  . PHE A 1 85  ? -0.416  9.112   8.129   1.00 18.73 ? 85   PHE A CG  1 
ATOM   570  C CD1 . PHE A 1 85  ? -1.028  9.128   6.878   1.00 18.17 ? 85   PHE A CD1 1 
ATOM   571  C CD2 . PHE A 1 85  ? -0.869  9.996   9.111   1.00 20.22 ? 85   PHE A CD2 1 
ATOM   572  C CE1 . PHE A 1 85  ? -2.075  10.017  6.600   1.00 20.34 ? 85   PHE A CE1 1 
ATOM   573  C CE2 . PHE A 1 85  ? -1.918  10.891  8.843   1.00 21.04 ? 85   PHE A CE2 1 
ATOM   574  C CZ  . PHE A 1 85  ? -2.520  10.900  7.584   1.00 19.84 ? 85   PHE A CZ  1 
ATOM   575  N N   . SER A 1 86  ? 3.902   9.465   8.677   1.00 16.81 ? 86   SER A N   1 
ATOM   576  C CA  . SER A 1 86  ? 4.694   10.560  9.246   1.00 17.99 ? 86   SER A CA  1 
ATOM   577  C C   . SER A 1 86  ? 5.820   11.003  8.318   1.00 17.13 ? 86   SER A C   1 
ATOM   578  O O   . SER A 1 86  ? 6.498   11.996  8.592   1.00 18.37 ? 86   SER A O   1 
ATOM   579  C CB  . SER A 1 86  ? 5.301   10.147  10.593  1.00 20.01 ? 86   SER A CB  1 
ATOM   580  O OG  . SER A 1 86  ? 4.295   9.822   11.533  1.00 23.78 ? 86   SER A OG  1 
ATOM   581  N N   . LEU A 1 87  ? 6.037   10.257  7.239   1.00 14.60 ? 87   LEU A N   1 
ATOM   582  C CA  . LEU A 1 87  ? 7.082   10.605  6.285   1.00 13.64 ? 87   LEU A CA  1 
ATOM   583  C C   . LEU A 1 87  ? 6.632   11.834  5.511   1.00 13.58 ? 87   LEU A C   1 
ATOM   584  O O   . LEU A 1 87  ? 5.436   12.061  5.349   1.00 11.87 ? 87   LEU A O   1 
ATOM   585  C CB  . LEU A 1 87  ? 7.347   9.437   5.331   1.00 14.32 ? 87   LEU A CB  1 
ATOM   586  C CG  . LEU A 1 87  ? 7.902   8.173   5.993   1.00 15.00 ? 87   LEU A CG  1 
ATOM   587  C CD1 . LEU A 1 87  ? 8.061   7.070   4.943   1.00 14.18 ? 87   LEU A CD1 1 
ATOM   588  C CD2 . LEU A 1 87  ? 9.245   8.488   6.666   1.00 13.25 ? 87   LEU A CD2 1 
ATOM   589  N N   . ARG A 1 88  ? 7.584   12.629  5.033   1.00 14.68 ? 88   ARG A N   1 
ATOM   590  C CA  . ARG A 1 88  ? 7.246   13.848  4.302   1.00 15.44 ? 88   ARG A CA  1 
ATOM   591  C C   . ARG A 1 88  ? 7.975   14.034  2.973   1.00 16.09 ? 88   ARG A C   1 
ATOM   592  O O   . ARG A 1 88  ? 7.952   15.115  2.390   1.00 16.43 ? 88   ARG A O   1 
ATOM   593  C CB  . ARG A 1 88  ? 7.483   15.064  5.199   1.00 15.51 ? 88   ARG A CB  1 
ATOM   594  C CG  . ARG A 1 88  ? 6.505   15.146  6.370   1.00 16.28 ? 88   ARG A CG  1 
ATOM   595  C CD  . ARG A 1 88  ? 5.088   15.418  5.880   1.00 15.72 ? 88   ARG A CD  1 
ATOM   596  N NE  . ARG A 1 88  ? 4.139   15.550  6.984   1.00 20.45 ? 88   ARG A NE  1 
ATOM   597  C CZ  . ARG A 1 88  ? 3.535   14.533  7.594   1.00 17.27 ? 88   ARG A CZ  1 
ATOM   598  N NH1 . ARG A 1 88  ? 3.767   13.285  7.210   1.00 15.40 ? 88   ARG A NH1 1 
ATOM   599  N NH2 . ARG A 1 88  ? 2.693   14.766  8.595   1.00 15.12 ? 88   ARG A NH2 1 
ATOM   600  N N   . PHE A 1 89  ? 8.625   12.980  2.497   1.00 15.91 ? 89   PHE A N   1 
ATOM   601  C CA  . PHE A 1 89  ? 9.324   13.047  1.231   1.00 14.89 ? 89   PHE A CA  1 
ATOM   602  C C   . PHE A 1 89  ? 9.417   11.677  0.572   1.00 15.93 ? 89   PHE A C   1 
ATOM   603  O O   . PHE A 1 89  ? 9.178   10.647  1.208   1.00 16.55 ? 89   PHE A O   1 
ATOM   604  C CB  . PHE A 1 89  ? 10.738  13.607  1.418   1.00 13.96 ? 89   PHE A CB  1 
ATOM   605  C CG  . PHE A 1 89  ? 10.777  15.017  1.954   0.50 15.17 ? 89   PHE A CG  1 
ATOM   606  C CD1 . PHE A 1 89  ? 10.874  15.259  3.323   0.50 13.90 ? 89   PHE A CD1 1 
ATOM   607  C CD2 . PHE A 1 89  ? 10.705  16.103  1.088   0.50 14.98 ? 89   PHE A CD2 1 
ATOM   608  C CE1 . PHE A 1 89  ? 10.898  16.562  3.821   0.50 13.61 ? 89   PHE A CE1 1 
ATOM   609  C CE2 . PHE A 1 89  ? 10.728  17.412  1.574   0.50 14.33 ? 89   PHE A CE2 1 
ATOM   610  C CZ  . PHE A 1 89  ? 10.825  17.642  2.941   0.50 13.64 ? 89   PHE A CZ  1 
ATOM   611  N N   . LEU A 1 90  ? 9.744   11.685  -0.715  1.00 17.08 ? 90   LEU A N   1 
ATOM   612  C CA  . LEU A 1 90  ? 9.936   10.465  -1.493  1.00 16.28 ? 90   LEU A CA  1 
ATOM   613  C C   . LEU A 1 90  ? 11.289  10.662  -2.169  1.00 17.00 ? 90   LEU A C   1 
ATOM   614  O O   . LEU A 1 90  ? 11.660  11.788  -2.502  1.00 17.43 ? 90   LEU A O   1 
ATOM   615  C CB  . LEU A 1 90  ? 8.846   10.304  -2.561  1.00 15.33 ? 90   LEU A CB  1 
ATOM   616  C CG  . LEU A 1 90  ? 7.408   10.018  -2.121  1.00 15.04 ? 90   LEU A CG  1 
ATOM   617  C CD1 . LEU A 1 90  ? 6.527   9.894   -3.349  1.00 12.37 ? 90   LEU A CD1 1 
ATOM   618  C CD2 . LEU A 1 90  ? 7.353   8.741   -1.292  1.00 14.13 ? 90   LEU A CD2 1 
ATOM   619  N N   . ARG A 1 91  ? 12.031  9.580   -2.357  1.00 16.73 ? 91   ARG A N   1 
ATOM   620  C CA  . ARG A 1 91  ? 13.332  9.668   -3.001  1.00 16.75 ? 91   ARG A CA  1 
ATOM   621  C C   . ARG A 1 91  ? 13.267  9.145   -4.437  1.00 17.31 ? 91   ARG A C   1 
ATOM   622  O O   . ARG A 1 91  ? 12.785  8.044   -4.690  1.00 17.93 ? 91   ARG A O   1 
ATOM   623  C CB  . ARG A 1 91  ? 14.372  8.875   -2.206  1.00 15.85 ? 91   ARG A CB  1 
ATOM   624  C CG  . ARG A 1 91  ? 15.771  8.912   -2.811  1.00 18.07 ? 91   ARG A CG  1 
ATOM   625  C CD  . ARG A 1 91  ? 16.793  8.339   -1.842  1.00 17.87 ? 91   ARG A CD  1 
ATOM   626  N NE  . ARG A 1 91  ? 16.494  6.955   -1.475  1.00 18.23 ? 91   ARG A NE  1 
ATOM   627  C CZ  . ARG A 1 91  ? 16.801  5.905   -2.227  1.00 14.79 ? 91   ARG A CZ  1 
ATOM   628  N NH1 . ARG A 1 91  ? 17.419  6.082   -3.382  1.00 14.44 ? 91   ARG A NH1 1 
ATOM   629  N NH2 . ARG A 1 91  ? 16.496  4.683   -1.823  1.00 16.82 ? 91   ARG A NH2 1 
ATOM   630  N N   . GLU A 1 92  ? 13.743  9.955   -5.372  1.00 18.43 ? 92   GLU A N   1 
ATOM   631  C CA  . GLU A 1 92  ? 13.766  9.591   -6.783  1.00 19.56 ? 92   GLU A CA  1 
ATOM   632  C C   . GLU A 1 92  ? 15.015  8.723   -6.931  1.00 19.78 ? 92   GLU A C   1 
ATOM   633  O O   . GLU A 1 92  ? 16.136  9.219   -6.867  1.00 19.16 ? 92   GLU A O   1 
ATOM   634  C CB  . GLU A 1 92  ? 13.872  10.864  -7.620  1.00 21.17 ? 92   GLU A CB  1 
ATOM   635  C CG  . GLU A 1 92  ? 13.689  10.671  -9.107  1.00 26.34 ? 92   GLU A CG  1 
ATOM   636  C CD  . GLU A 1 92  ? 13.512  11.984  -9.836  1.00 28.03 ? 92   GLU A CD  1 
ATOM   637  O OE1 . GLU A 1 92  ? 13.395  11.956  -11.079 1.00 29.03 ? 92   GLU A OE1 1 
ATOM   638  O OE2 . GLU A 1 92  ? 13.487  13.040  -9.164  1.00 28.18 ? 92   GLU A OE2 1 
ATOM   639  N N   . VAL A 1 93  ? 14.810  7.423   -7.121  1.00 19.06 ? 93   VAL A N   1 
ATOM   640  C CA  . VAL A 1 93  ? 15.911  6.469   -7.213  1.00 20.69 ? 93   VAL A CA  1 
ATOM   641  C C   . VAL A 1 93  ? 17.019  6.706   -8.248  1.00 21.49 ? 93   VAL A C   1 
ATOM   642  O O   . VAL A 1 93  ? 18.165  6.310   -8.026  1.00 20.21 ? 93   VAL A O   1 
ATOM   643  C CB  . VAL A 1 93  ? 15.356  5.038   -7.392  1.00 21.89 ? 93   VAL A CB  1 
ATOM   644  C CG1 . VAL A 1 93  ? 16.500  4.028   -7.466  1.00 24.87 ? 93   VAL A CG1 1 
ATOM   645  C CG2 . VAL A 1 93  ? 14.439  4.702   -6.226  1.00 22.62 ? 93   VAL A CG2 1 
ATOM   646  N N   . VAL A 1 94  ? 16.702  7.355   -9.361  1.00 20.87 ? 94   VAL A N   1 
ATOM   647  C CA  . VAL A 1 94  ? 17.710  7.582   -10.390 1.00 22.51 ? 94   VAL A CA  1 
ATOM   648  C C   . VAL A 1 94  ? 18.769  8.644   -10.070 1.00 22.30 ? 94   VAL A C   1 
ATOM   649  O O   . VAL A 1 94  ? 19.890  8.568   -10.566 1.00 22.80 ? 94   VAL A O   1 
ATOM   650  C CB  . VAL A 1 94  ? 17.055  7.949   -11.743 1.00 22.53 ? 94   VAL A CB  1 
ATOM   651  C CG1 . VAL A 1 94  ? 16.474  9.357   -11.678 1.00 20.61 ? 94   VAL A CG1 1 
ATOM   652  C CG2 . VAL A 1 94  ? 18.080  7.843   -12.856 1.00 24.43 ? 94   VAL A CG2 1 
ATOM   653  N N   . ASN A 1 95  ? 18.428  9.630   -9.251  1.00 22.50 ? 95   ASN A N   1 
ATOM   654  C CA  . ASN A 1 95  ? 19.385  10.686  -8.927  1.00 23.14 ? 95   ASN A CA  1 
ATOM   655  C C   . ASN A 1 95  ? 19.341  11.117  -7.466  1.00 22.33 ? 95   ASN A C   1 
ATOM   656  O O   . ASN A 1 95  ? 19.913  12.141  -7.101  1.00 19.82 ? 95   ASN A O   1 
ATOM   657  C CB  . ASN A 1 95  ? 19.133  11.911  -9.809  1.00 24.58 ? 95   ASN A CB  1 
ATOM   658  C CG  . ASN A 1 95  ? 17.701  12.399  -9.720  1.00 27.12 ? 95   ASN A CG  1 
ATOM   659  O OD1 . ASN A 1 95  ? 17.039  12.223  -8.696  1.00 26.99 ? 95   ASN A OD1 1 
ATOM   660  N ND2 . ASN A 1 95  ? 17.215  13.022  -10.789 1.00 28.89 ? 95   ASN A ND2 1 
ATOM   661  N N   . ASP A 1 96  ? 18.651  10.340  -6.642  1.00 21.62 ? 96   ASP A N   1 
ATOM   662  C CA  . ASP A 1 96  ? 18.527  10.640  -5.221  1.00 22.53 ? 96   ASP A CA  1 
ATOM   663  C C   . ASP A 1 96  ? 17.953  12.017  -4.904  1.00 23.78 ? 96   ASP A C   1 
ATOM   664  O O   . ASP A 1 96  ? 18.235  12.585  -3.851  1.00 23.81 ? 96   ASP A O   1 
ATOM   665  C CB  . ASP A 1 96  ? 19.875  10.474  -4.511  1.00 22.94 ? 96   ASP A CB  1 
ATOM   666  C CG  . ASP A 1 96  ? 20.288  9.019   -4.384  1.00 25.62 ? 96   ASP A CG  1 
ATOM   667  O OD1 . ASP A 1 96  ? 19.409  8.165   -4.158  1.00 25.90 ? 96   ASP A OD1 1 
ATOM   668  O OD2 . ASP A 1 96  ? 21.493  8.733   -4.498  1.00 28.89 ? 96   ASP A OD2 1 
ATOM   669  N N   . ASN A 1 97  ? 17.153  12.563  -5.814  1.00 24.41 ? 97   ASN A N   1 
ATOM   670  C CA  . ASN A 1 97  ? 16.526  13.852  -5.563  1.00 24.32 ? 97   ASN A CA  1 
ATOM   671  C C   . ASN A 1 97  ? 15.360  13.607  -4.611  1.00 24.39 ? 97   ASN A C   1 
ATOM   672  O O   . ASN A 1 97  ? 14.714  12.556  -4.663  1.00 22.37 ? 97   ASN A O   1 
ATOM   673  C CB  . ASN A 1 97  ? 16.019  14.479  -6.862  1.00 27.64 ? 97   ASN A CB  1 
ATOM   674  C CG  . ASN A 1 97  ? 17.133  15.123  -7.673  1.00 31.62 ? 97   ASN A CG  1 
ATOM   675  O OD1 . ASN A 1 97  ? 16.892  15.687  -8.742  1.00 34.94 ? 97   ASN A OD1 1 
ATOM   676  N ND2 . ASN A 1 97  ? 18.360  15.046  -7.165  1.00 31.82 ? 97   ASN A ND2 1 
ATOM   677  N N   . ILE A 1 98  ? 15.100  14.574  -3.738  1.00 22.69 ? 98   ILE A N   1 
ATOM   678  C CA  . ILE A 1 98  ? 14.028  14.459  -2.760  1.00 21.87 ? 98   ILE A CA  1 
ATOM   679  C C   . ILE A 1 98  ? 12.762  15.179  -3.214  1.00 20.96 ? 98   ILE A C   1 
ATOM   680  O O   . ILE A 1 98  ? 12.818  16.329  -3.646  1.00 22.23 ? 98   ILE A O   1 
ATOM   681  C CB  . ILE A 1 98  ? 14.471  15.046  -1.407  1.00 23.43 ? 98   ILE A CB  1 
ATOM   682  C CG1 . ILE A 1 98  ? 15.760  14.366  -0.939  1.00 22.37 ? 98   ILE A CG1 1 
ATOM   683  C CG2 . ILE A 1 98  ? 13.372  14.870  -0.385  1.00 23.69 ? 98   ILE A CG2 1 
ATOM   684  C CD1 . ILE A 1 98  ? 15.626  12.874  -0.679  1.00 23.07 ? 98   ILE A CD1 1 
ATOM   685  N N   . LEU A 1 99  ? 11.624  14.498  -3.095  1.00 19.11 ? 99   LEU A N   1 
ATOM   686  C CA  . LEU A 1 99  ? 10.329  15.053  -3.498  1.00 19.33 ? 99   LEU A CA  1 
ATOM   687  C C   . LEU A 1 99  ? 9.374   15.116  -2.313  1.00 19.78 ? 99   LEU A C   1 
ATOM   688  O O   . LEU A 1 99  ? 9.272   14.166  -1.541  1.00 19.50 ? 99   LEU A O   1 
ATOM   689  C CB  . LEU A 1 99  ? 9.704   14.193  -4.601  1.00 16.84 ? 99   LEU A CB  1 
ATOM   690  C CG  . LEU A 1 99  ? 10.559  13.990  -5.854  1.00 16.08 ? 99   LEU A CG  1 
ATOM   691  C CD1 . LEU A 1 99  ? 9.832   13.071  -6.819  1.00 15.80 ? 99   LEU A CD1 1 
ATOM   692  C CD2 . LEU A 1 99  ? 10.847  15.336  -6.502  1.00 16.58 ? 99   LEU A CD2 1 
ATOM   693  N N   . PRO A 1 100 ? 8.649   16.234  -2.163  1.00 19.84 ? 100  PRO A N   1 
ATOM   694  C CA  . PRO A 1 100 ? 7.701   16.415  -1.061  1.00 19.03 ? 100  PRO A CA  1 
ATOM   695  C C   . PRO A 1 100 ? 6.513   15.457  -1.043  1.00 19.79 ? 100  PRO A C   1 
ATOM   696  O O   . PRO A 1 100 ? 5.923   15.144  -2.079  1.00 19.31 ? 100  PRO A O   1 
ATOM   697  C CB  . PRO A 1 100 ? 7.272   17.873  -1.216  1.00 20.22 ? 100  PRO A CB  1 
ATOM   698  C CG  . PRO A 1 100 ? 7.350   18.081  -2.690  1.00 19.88 ? 100  PRO A CG  1 
ATOM   699  C CD  . PRO A 1 100 ? 8.664   17.422  -3.034  1.00 19.72 ? 100  PRO A CD  1 
ATOM   700  N N   . LEU A 1 101 ? 6.175   15.001  0.157   1.00 18.93 ? 101  LEU A N   1 
ATOM   701  C CA  . LEU A 1 101 ? 5.060   14.089  0.378   1.00 19.39 ? 101  LEU A CA  1 
ATOM   702  C C   . LEU A 1 101 ? 4.226   14.668  1.518   1.00 21.00 ? 101  LEU A C   1 
ATOM   703  O O   . LEU A 1 101 ? 4.776   15.095  2.534   1.00 20.54 ? 101  LEU A O   1 
ATOM   704  C CB  . LEU A 1 101 ? 5.573   12.704  0.781   1.00 17.77 ? 101  LEU A CB  1 
ATOM   705  C CG  . LEU A 1 101 ? 4.492   11.632  0.964   1.00 17.65 ? 101  LEU A CG  1 
ATOM   706  C CD1 . LEU A 1 101 ? 3.928   11.252  -0.397  1.00 18.47 ? 101  LEU A CD1 1 
ATOM   707  C CD2 . LEU A 1 101 ? 5.069   10.408  1.656   1.00 16.54 ? 101  LEU A CD2 1 
ATOM   708  N N   . GLN A 1 102 ? 2.907   14.691  1.354   1.00 22.27 ? 102  GLN A N   1 
ATOM   709  C CA  . GLN A 1 102 ? 2.035   15.235  2.388   1.00 23.67 ? 102  GLN A CA  1 
ATOM   710  C C   . GLN A 1 102 ? 0.965   14.231  2.789   1.00 22.77 ? 102  GLN A C   1 
ATOM   711  O O   . GLN A 1 102 ? 0.475   13.460  1.962   1.00 21.28 ? 102  GLN A O   1 
ATOM   712  C CB  . GLN A 1 102 ? 1.380   16.538  1.910   1.00 27.45 ? 102  GLN A CB  1 
ATOM   713  C CG  . GLN A 1 102 ? 2.381   17.603  1.462   1.00 33.49 ? 102  GLN A CG  1 
ATOM   714  C CD  . GLN A 1 102 ? 3.391   17.960  2.549   1.00 37.64 ? 102  GLN A CD  1 
ATOM   715  O OE1 . GLN A 1 102 ? 4.488   18.441  2.261   1.00 39.25 ? 102  GLN A OE1 1 
ATOM   716  N NE2 . GLN A 1 102 ? 3.019   17.736  3.803   1.00 38.17 ? 102  GLN A NE2 1 
ATOM   717  N N   . ALA A 1 103 ? 0.615   14.250  4.071   1.00 20.81 ? 103  ALA A N   1 
ATOM   718  C CA  . ALA A 1 103 ? -0.382  13.340  4.611   1.00 20.63 ? 103  ALA A CA  1 
ATOM   719  C C   . ALA A 1 103 ? -1.760  13.986  4.675   1.00 20.70 ? 103  ALA A C   1 
ATOM   720  O O   . ALA A 1 103 ? -1.888  15.159  5.011   1.00 23.33 ? 103  ALA A O   1 
ATOM   721  C CB  . ALA A 1 103 ? 0.043   12.876  6.003   1.00 19.13 ? 103  ALA A CB  1 
ATOM   722  N N   . PHE A 1 104 ? -2.786  13.212  4.342   1.00 21.08 ? 104  PHE A N   1 
ATOM   723  C CA  . PHE A 1 104 ? -4.158  13.699  4.388   1.00 21.81 ? 104  PHE A CA  1 
ATOM   724  C C   . PHE A 1 104 ? -5.016  12.746  5.214   1.00 19.46 ? 104  PHE A C   1 
ATOM   725  O O   . PHE A 1 104 ? -5.334  11.643  4.779   1.00 17.98 ? 104  PHE A O   1 
ATOM   726  C CB  . PHE A 1 104 ? -4.739  13.846  2.975   1.00 23.83 ? 104  PHE A CB  1 
ATOM   727  C CG  . PHE A 1 104 ? -4.015  14.850  2.128   1.00 28.27 ? 104  PHE A CG  1 
ATOM   728  C CD1 . PHE A 1 104 ? -2.980  14.456  1.285   1.00 31.14 ? 104  PHE A CD1 1 
ATOM   729  C CD2 . PHE A 1 104 ? -4.335  16.199  2.207   1.00 30.19 ? 104  PHE A CD2 1 
ATOM   730  C CE1 . PHE A 1 104 ? -2.271  15.395  0.534   1.00 31.21 ? 104  PHE A CE1 1 
ATOM   731  C CE2 . PHE A 1 104 ? -3.633  17.147  1.463   1.00 31.81 ? 104  PHE A CE2 1 
ATOM   732  C CZ  . PHE A 1 104 ? -2.599  16.745  0.625   1.00 33.00 ? 104  PHE A CZ  1 
ATOM   733  N N   . PRO A 1 105 ? -5.389  13.167  6.431   1.00 20.15 ? 105  PRO A N   1 
ATOM   734  C CA  . PRO A 1 105 ? -6.213  12.383  7.358   1.00 19.67 ? 105  PRO A CA  1 
ATOM   735  C C   . PRO A 1 105 ? -7.521  11.907  6.728   1.00 20.09 ? 105  PRO A C   1 
ATOM   736  O O   . PRO A 1 105 ? -8.120  12.609  5.917   1.00 18.05 ? 105  PRO A O   1 
ATOM   737  C CB  . PRO A 1 105 ? -6.452  13.355  8.507   1.00 20.79 ? 105  PRO A CB  1 
ATOM   738  C CG  . PRO A 1 105 ? -5.203  14.183  8.507   1.00 20.65 ? 105  PRO A CG  1 
ATOM   739  C CD  . PRO A 1 105 ? -5.001  14.452  7.035   1.00 18.35 ? 105  PRO A CD  1 
ATOM   740  N N   . ASN A 1 106 ? -7.958  10.709  7.096   1.00 20.56 ? 106  ASN A N   1 
ATOM   741  C CA  . ASN A 1 106 ? -9.206  10.186  6.563   1.00 22.20 ? 106  ASN A CA  1 
ATOM   742  C C   . ASN A 1 106 ? -10.292 11.204  6.911   1.00 24.48 ? 106  ASN A C   1 
ATOM   743  O O   . ASN A 1 106 ? -10.345 11.700  8.039   1.00 25.56 ? 106  ASN A O   1 
ATOM   744  C CB  . ASN A 1 106 ? -9.512  8.823   7.187   1.00 19.56 ? 106  ASN A CB  1 
ATOM   745  C CG  . ASN A 1 106 ? -10.627 8.095   6.468   1.00 20.71 ? 106  ASN A CG  1 
ATOM   746  O OD1 . ASN A 1 106 ? -10.899 8.363   5.297   1.00 19.47 ? 106  ASN A OD1 1 
ATOM   747  N ND2 . ASN A 1 106 ? -11.271 7.157   7.160   1.00 21.01 ? 106  ASN A ND2 1 
ATOM   748  N N   . GLY A 1 107 ? -11.137 11.530  5.938   1.00 25.79 ? 107  GLY A N   1 
ATOM   749  C CA  . GLY A 1 107 ? -12.188 12.505  6.165   1.00 28.70 ? 107  GLY A CA  1 
ATOM   750  C C   . GLY A 1 107 ? -11.779 13.883  5.670   1.00 30.78 ? 107  GLY A C   1 
ATOM   751  O O   . GLY A 1 107 ? -12.469 14.876  5.902   1.00 31.74 ? 107  GLY A O   1 
ATOM   752  N N   . SER A 1 108 ? -10.649 13.937  4.974   1.00 31.25 ? 108  SER A N   1 
ATOM   753  C CA  . SER A 1 108 ? -10.110 15.180  4.438   1.00 30.93 ? 108  SER A CA  1 
ATOM   754  C C   . SER A 1 108 ? -10.810 15.648  3.160   1.00 30.83 ? 108  SER A C   1 
ATOM   755  O O   . SER A 1 108 ? -11.341 14.842  2.394   1.00 30.40 ? 108  SER A O   1 
ATOM   756  C CB  . SER A 1 108 ? -8.614  15.000  4.160   1.00 31.49 ? 108  SER A CB  1 
ATOM   757  O OG  . SER A 1 108 ? -8.093  16.064  3.380   1.00 33.44 ? 108  SER A OG  1 
ATOM   758  N N   . PRO A 1 109 ? -10.830 16.969  2.920   1.00 30.41 ? 109  PRO A N   1 
ATOM   759  C CA  . PRO A 1 109 ? -11.465 17.517  1.721   1.00 30.65 ? 109  PRO A CA  1 
ATOM   760  C C   . PRO A 1 109 ? -10.583 17.253  0.497   1.00 30.82 ? 109  PRO A C   1 
ATOM   761  O O   . PRO A 1 109 ? -10.997 17.457  -0.646  1.00 29.49 ? 109  PRO A O   1 
ATOM   762  C CB  . PRO A 1 109 ? -11.586 19.003  2.048   1.00 31.31 ? 109  PRO A CB  1 
ATOM   763  C CG  . PRO A 1 109 ? -10.377 19.248  2.894   1.00 31.57 ? 109  PRO A CG  1 
ATOM   764  C CD  . PRO A 1 109 ? -10.392 18.052  3.820   1.00 30.28 ? 109  PRO A CD  1 
ATOM   765  N N   . ARG A 1 110 ? -9.359  16.801  0.749   1.00 30.78 ? 110  ARG A N   1 
ATOM   766  C CA  . ARG A 1 110 ? -8.431  16.487  -0.324  1.00 31.81 ? 110  ARG A CA  1 
ATOM   767  C C   . ARG A 1 110 ? -8.691  15.039  -0.707  1.00 31.70 ? 110  ARG A C   1 
ATOM   768  O O   . ARG A 1 110 ? -8.265  14.118  -0.009  1.00 32.70 ? 110  ARG A O   1 
ATOM   769  C CB  . ARG A 1 110 ? -6.983  16.660  0.145   1.00 34.95 ? 110  ARG A CB  1 
ATOM   770  C CG  . ARG A 1 110 ? -5.943  16.427  -0.945  1.00 38.84 ? 110  ARG A CG  1 
ATOM   771  C CD  . ARG A 1 110 ? -6.182  17.335  -2.143  1.00 41.69 ? 110  ARG A CD  1 
ATOM   772  N NE  . ARG A 1 110 ? -5.360  16.958  -3.290  1.00 44.74 ? 110  ARG A NE  1 
ATOM   773  C CZ  . ARG A 1 110 ? -4.087  17.309  -3.457  1.00 46.36 ? 110  ARG A CZ  1 
ATOM   774  N NH1 . ARG A 1 110 ? -3.470  18.058  -2.550  1.00 45.93 ? 110  ARG A NH1 1 
ATOM   775  N NH2 . ARG A 1 110 ? -3.430  16.904  -4.537  1.00 46.16 ? 110  ARG A NH2 1 
ATOM   776  N N   . ALA A 1 111 ? -9.405  14.850  -1.812  1.00 29.87 ? 111  ALA A N   1 
ATOM   777  C CA  . ALA A 1 111 ? -9.759  13.524  -2.298  1.00 27.78 ? 111  ALA A CA  1 
ATOM   778  C C   . ALA A 1 111 ? -8.562  12.646  -2.638  1.00 26.38 ? 111  ALA A C   1 
ATOM   779  O O   . ALA A 1 111 ? -7.495  13.138  -3.002  1.00 26.43 ? 111  ALA A O   1 
ATOM   780  C CB  . ALA A 1 111 ? -10.657 13.650  -3.514  1.00 28.16 ? 111  ALA A CB  1 
ATOM   781  N N   . PRO A 1 112 ? -8.727  11.323  -2.503  1.00 24.85 ? 112  PRO A N   1 
ATOM   782  C CA  . PRO A 1 112 ? -7.650  10.382  -2.812  1.00 24.15 ? 112  PRO A CA  1 
ATOM   783  C C   . PRO A 1 112 ? -7.468  10.365  -4.326  1.00 23.19 ? 112  PRO A C   1 
ATOM   784  O O   . PRO A 1 112 ? -8.367  10.765  -5.067  1.00 21.66 ? 112  PRO A O   1 
ATOM   785  C CB  . PRO A 1 112 ? -8.196  9.047   -2.305  1.00 23.62 ? 112  PRO A CB  1 
ATOM   786  C CG  . PRO A 1 112 ? -9.170  9.444   -1.244  1.00 26.76 ? 112  PRO A CG  1 
ATOM   787  C CD  . PRO A 1 112 ? -9.854  10.628  -1.863  1.00 24.56 ? 112  PRO A CD  1 
ATOM   788  N N   . VAL A 1 113 ? -6.308  9.901   -4.778  1.00 22.55 ? 113  VAL A N   1 
ATOM   789  C CA  . VAL A 1 113 ? -6.019  9.810   -6.204  1.00 22.24 ? 113  VAL A CA  1 
ATOM   790  C C   . VAL A 1 113 ? -5.285  8.504   -6.476  1.00 22.30 ? 113  VAL A C   1 
ATOM   791  O O   . VAL A 1 113 ? -4.667  7.929   -5.579  1.00 23.08 ? 113  VAL A O   1 
ATOM   792  C CB  . VAL A 1 113 ? -5.129  10.977  -6.683  1.00 23.31 ? 113  VAL A CB  1 
ATOM   793  C CG1 . VAL A 1 113 ? -5.806  12.307  -6.381  1.00 23.04 ? 113  VAL A CG1 1 
ATOM   794  C CG2 . VAL A 1 113 ? -3.766  10.899  -6.017  1.00 21.59 ? 113  VAL A CG2 1 
ATOM   795  N N   . ALA A 1 114 ? -5.356  8.040   -7.717  1.00 21.89 ? 114  ALA A N   1 
ATOM   796  C CA  . ALA A 1 114 ? -4.694  6.808   -8.113  1.00 21.99 ? 114  ALA A CA  1 
ATOM   797  C C   . ALA A 1 114 ? -3.201  6.893   -7.816  1.00 21.15 ? 114  ALA A C   1 
ATOM   798  O O   . ALA A 1 114 ? -2.559  7.905   -8.096  1.00 20.43 ? 114  ALA A O   1 
ATOM   799  C CB  . ALA A 1 114 ? -4.922  6.555   -9.602  1.00 23.97 ? 114  ALA A CB  1 
ATOM   800  N N   . GLY A 1 115 ? -2.657  5.832   -7.233  1.00 19.03 ? 115  GLY A N   1 
ATOM   801  C CA  . GLY A 1 115 ? -1.240  5.811   -6.935  1.00 17.53 ? 115  GLY A CA  1 
ATOM   802  C C   . GLY A 1 115 ? -0.884  6.323   -5.556  1.00 18.02 ? 115  GLY A C   1 
ATOM   803  O O   . GLY A 1 115 ? 0.274   6.234   -5.136  1.00 18.63 ? 115  GLY A O   1 
ATOM   804  N N   . ALA A 1 116 ? -1.872  6.858   -4.846  1.00 16.28 ? 116  ALA A N   1 
ATOM   805  C CA  . ALA A 1 116 ? -1.634  7.381   -3.505  1.00 14.30 ? 116  ALA A CA  1 
ATOM   806  C C   . ALA A 1 116 ? -1.435  6.258   -2.492  1.00 13.32 ? 116  ALA A C   1 
ATOM   807  O O   . ALA A 1 116 ? -1.971  5.161   -2.649  1.00 9.10  ? 116  ALA A O   1 
ATOM   808  C CB  . ALA A 1 116 ? -2.803  8.262   -3.070  1.00 16.68 ? 116  ALA A CB  1 
ATOM   809  N N   . LEU A 1 117 ? -0.653  6.539   -1.455  1.00 13.44 ? 117  LEU A N   1 
ATOM   810  C CA  . LEU A 1 117 ? -0.411  5.568   -0.396  1.00 14.15 ? 117  LEU A CA  1 
ATOM   811  C C   . LEU A 1 117 ? -1.558  5.680   0.599   1.00 15.01 ? 117  LEU A C   1 
ATOM   812  O O   . LEU A 1 117 ? -1.950  6.786   0.962   1.00 16.49 ? 117  LEU A O   1 
ATOM   813  C CB  . LEU A 1 117 ? 0.899   5.883   0.326   1.00 14.26 ? 117  LEU A CB  1 
ATOM   814  C CG  . LEU A 1 117 ? 2.215   5.650   -0.417  1.00 14.99 ? 117  LEU A CG  1 
ATOM   815  C CD1 . LEU A 1 117 ? 3.307   6.507   0.211   1.00 15.20 ? 117  LEU A CD1 1 
ATOM   816  C CD2 . LEU A 1 117 ? 2.577   4.168   -0.361  1.00 14.22 ? 117  LEU A CD2 1 
ATOM   817  N N   . LEU A 1 118 ? -2.101  4.543   1.029   1.00 14.48 ? 118  LEU A N   1 
ATOM   818  C CA  . LEU A 1 118 ? -3.189  4.539   2.009   1.00 15.04 ? 118  LEU A CA  1 
ATOM   819  C C   . LEU A 1 118 ? -2.637  3.900   3.284   1.00 15.83 ? 118  LEU A C   1 
ATOM   820  O O   . LEU A 1 118 ? -2.241  2.735   3.280   1.00 16.04 ? 118  LEU A O   1 
ATOM   821  C CB  . LEU A 1 118 ? -4.391  3.741   1.485   1.00 14.74 ? 118  LEU A CB  1 
ATOM   822  C CG  . LEU A 1 118 ? -5.643  3.738   2.377   1.00 15.65 ? 118  LEU A CG  1 
ATOM   823  C CD1 . LEU A 1 118 ? -6.071  5.167   2.695   1.00 13.03 ? 118  LEU A CD1 1 
ATOM   824  C CD2 . LEU A 1 118 ? -6.763  2.989   1.661   1.00 15.48 ? 118  LEU A CD2 1 
ATOM   825  N N   . ILE A 1 119 ? -2.614  4.663   4.372   1.00 15.57 ? 119  ILE A N   1 
ATOM   826  C CA  . ILE A 1 119 ? -2.057  4.168   5.623   1.00 14.43 ? 119  ILE A CA  1 
ATOM   827  C C   . ILE A 1 119 ? -3.060  3.867   6.725   1.00 16.17 ? 119  ILE A C   1 
ATOM   828  O O   . ILE A 1 119 ? -4.012  4.621   6.953   1.00 16.50 ? 119  ILE A O   1 
ATOM   829  C CB  . ILE A 1 119 ? -1.027  5.157   6.202   1.00 15.02 ? 119  ILE A CB  1 
ATOM   830  C CG1 . ILE A 1 119 ? -0.111  5.674   5.091   1.00 13.50 ? 119  ILE A CG1 1 
ATOM   831  C CG2 . ILE A 1 119 ? -0.201  4.469   7.295   1.00 11.93 ? 119  ILE A CG2 1 
ATOM   832  C CD1 . ILE A 1 119 ? 0.681   4.589   4.397   1.00 14.09 ? 119  ILE A CD1 1 
ATOM   833  N N   . TRP A 1 120 ? -2.822  2.752   7.408   1.00 17.05 ? 120  TRP A N   1 
ATOM   834  C CA  . TRP A 1 120 ? -3.650  2.302   8.524   1.00 18.20 ? 120  TRP A CA  1 
ATOM   835  C C   . TRP A 1 120 ? -2.823  2.442   9.794   1.00 19.51 ? 120  TRP A C   1 
ATOM   836  O O   . TRP A 1 120 ? -1.619  2.186   9.786   1.00 17.45 ? 120  TRP A O   1 
ATOM   837  C CB  . TRP A 1 120 ? -4.002  0.826   8.367   1.00 19.64 ? 120  TRP A CB  1 
ATOM   838  C CG  . TRP A 1 120 ? -5.221  0.513   7.567   1.00 19.30 ? 120  TRP A CG  1 
ATOM   839  C CD1 . TRP A 1 120 ? -6.448  0.154   8.053   1.00 19.20 ? 120  TRP A CD1 1 
ATOM   840  C CD2 . TRP A 1 120 ? -5.311  0.426   6.140   1.00 18.31 ? 120  TRP A CD2 1 
ATOM   841  N NE1 . TRP A 1 120 ? -7.292  -0.165  7.016   1.00 21.04 ? 120  TRP A NE1 1 
ATOM   842  C CE2 . TRP A 1 120 ? -6.622  -0.007  5.831   1.00 18.60 ? 120  TRP A CE2 1 
ATOM   843  C CE3 . TRP A 1 120 ? -4.411  0.664   5.094   1.00 16.55 ? 120  TRP A CE3 1 
ATOM   844  C CZ2 . TRP A 1 120 ? -7.053  -0.206  4.514   1.00 18.82 ? 120  TRP A CZ2 1 
ATOM   845  C CZ3 . TRP A 1 120 ? -4.838  0.465   3.783   1.00 13.54 ? 120  TRP A CZ3 1 
ATOM   846  C CH2 . TRP A 1 120 ? -6.150  0.033   3.507   1.00 17.17 ? 120  TRP A CH2 1 
ATOM   847  N N   . ASP A 1 121 ? -3.463  2.847   10.882  1.00 22.08 ? 121  ASP A N   1 
ATOM   848  C CA  . ASP A 1 121 ? -2.766  2.962   12.156  1.00 22.29 ? 121  ASP A CA  1 
ATOM   849  C C   . ASP A 1 121 ? -2.777  1.534   12.717  1.00 23.60 ? 121  ASP A C   1 
ATOM   850  O O   . ASP A 1 121 ? -3.468  0.657   12.185  1.00 19.78 ? 121  ASP A O   1 
ATOM   851  C CB  . ASP A 1 121 ? -3.531  3.894   13.106  1.00 23.49 ? 121  ASP A CB  1 
ATOM   852  C CG  . ASP A 1 121 ? -2.697  4.337   14.303  1.00 24.06 ? 121  ASP A CG  1 
ATOM   853  O OD1 . ASP A 1 121 ? -1.613  3.763   14.539  1.00 24.65 ? 121  ASP A OD1 1 
ATOM   854  O OD2 . ASP A 1 121 ? -3.132  5.262   15.019  1.00 25.53 ? 121  ASP A OD2 1 
ATOM   855  N N   . LYS A 1 122 ? -2.003  1.294   13.769  1.00 23.55 ? 122  LYS A N   1 
ATOM   856  C CA  . LYS A 1 122 ? -1.984  -0.026  14.390  1.00 25.56 ? 122  LYS A CA  1 
ATOM   857  C C   . LYS A 1 122 ? -3.378  -0.217  14.992  1.00 25.79 ? 122  LYS A C   1 
ATOM   858  O O   . LYS A 1 122 ? -4.064  0.765   15.277  1.00 24.75 ? 122  LYS A O   1 
ATOM   859  C CB  . LYS A 1 122 ? -0.941  -0.069  15.505  1.00 28.99 ? 122  LYS A CB  1 
ATOM   860  C CG  . LYS A 1 122 ? -1.163  1.002   16.563  1.00 33.79 ? 122  LYS A CG  1 
ATOM   861  C CD  . LYS A 1 122 ? -0.315  0.780   17.800  1.00 37.16 ? 122  LYS A CD  1 
ATOM   862  C CE  . LYS A 1 122 ? 1.164   0.913   17.511  1.00 39.41 ? 122  LYS A CE  1 
ATOM   863  N NZ  . LYS A 1 122 ? 1.934   0.719   18.764  1.00 41.09 ? 122  LYS A NZ  1 
ATOM   864  N N   . GLY A 1 123 ? -3.800  -1.465  15.178  1.00 25.29 ? 123  GLY A N   1 
ATOM   865  C CA  . GLY A 1 123 ? -5.111  -1.706  15.757  1.00 25.54 ? 123  GLY A CA  1 
ATOM   866  C C   . GLY A 1 123 ? -5.983  -2.702  15.012  1.00 27.05 ? 123  GLY A C   1 
ATOM   867  O O   . GLY A 1 123 ? -5.985  -2.753  13.778  1.00 26.86 ? 123  GLY A O   1 
ATOM   868  N N   . GLY A 1 124 ? -6.733  -3.496  15.770  1.00 27.01 ? 124  GLY A N   1 
ATOM   869  C CA  . GLY A 1 124 ? -7.608  -4.484  15.170  1.00 27.28 ? 124  GLY A CA  1 
ATOM   870  C C   . GLY A 1 124 ? -6.854  -5.461  14.288  1.00 27.01 ? 124  GLY A C   1 
ATOM   871  O O   . GLY A 1 124 ? -5.800  -5.965  14.665  1.00 27.29 ? 124  GLY A O   1 
ATOM   872  N N   . GLU A 1 125 ? -7.397  -5.724  13.105  1.00 27.04 ? 125  GLU A N   1 
ATOM   873  C CA  . GLU A 1 125 ? -6.784  -6.647  12.155  1.00 27.50 ? 125  GLU A CA  1 
ATOM   874  C C   . GLU A 1 125 ? -5.290  -6.397  11.956  1.00 27.14 ? 125  GLU A C   1 
ATOM   875  O O   . GLU A 1 125 ? -4.523  -7.329  11.729  1.00 27.08 ? 125  GLU A O   1 
ATOM   876  C CB  . GLU A 1 125 ? -7.486  -6.546  10.798  1.00 28.59 ? 125  GLU A CB  1 
ATOM   877  C CG  . GLU A 1 125 ? -6.996  -7.565  9.771   1.00 31.34 ? 125  GLU A CG  1 
ATOM   878  C CD  . GLU A 1 125 ? -7.571  -8.954  10.004  1.00 33.56 ? 125  GLU A CD  1 
ATOM   879  O OE1 . GLU A 1 125 ? -7.056  -9.925  9.409   1.00 34.46 ? 125  GLU A OE1 1 
ATOM   880  O OE2 . GLU A 1 125 ? -8.547  -9.073  10.776  1.00 34.28 ? 125  GLU A OE2 1 
ATOM   881  N N   . PHE A 1 126 ? -4.880  -5.136  12.044  1.00 27.52 ? 126  PHE A N   1 
ATOM   882  C CA  . PHE A 1 126 ? -3.486  -4.781  11.837  1.00 28.69 ? 126  PHE A CA  1 
ATOM   883  C C   . PHE A 1 126 ? -2.716  -4.529  13.124  1.00 32.36 ? 126  PHE A C   1 
ATOM   884  O O   . PHE A 1 126 ? -1.936  -3.581  13.236  1.00 34.20 ? 126  PHE A O   1 
ATOM   885  C CB  . PHE A 1 126 ? -3.409  -3.580  10.896  1.00 25.62 ? 126  PHE A CB  1 
ATOM   886  C CG  . PHE A 1 126 ? -4.108  -3.812  9.585   1.00 23.82 ? 126  PHE A CG  1 
ATOM   887  C CD1 . PHE A 1 126 ? -5.171  -3.004  9.193   1.00 21.76 ? 126  PHE A CD1 1 
ATOM   888  C CD2 . PHE A 1 126 ? -3.729  -4.870  8.758   1.00 23.23 ? 126  PHE A CD2 1 
ATOM   889  C CE1 . PHE A 1 126 ? -5.849  -3.245  7.999   1.00 23.94 ? 126  PHE A CE1 1 
ATOM   890  C CE2 . PHE A 1 126 ? -4.403  -5.121  7.559   1.00 23.61 ? 126  PHE A CE2 1 
ATOM   891  C CZ  . PHE A 1 126 ? -5.465  -4.308  7.180   1.00 21.75 ? 126  PHE A CZ  1 
ATOM   892  N N   . LYS A 1 127 ? -2.956  -5.410  14.086  1.00 35.28 ? 127  LYS A N   1 
ATOM   893  C CA  . LYS A 1 127 ? -2.321  -5.414  15.399  1.00 37.50 ? 127  LYS A CA  1 
ATOM   894  C C   . LYS A 1 127 ? -1.412  -4.228  15.745  1.00 38.15 ? 127  LYS A C   1 
ATOM   895  O O   . LYS A 1 127 ? -1.892  -3.114  15.943  1.00 40.04 ? 127  LYS A O   1 
ATOM   896  C CB  . LYS A 1 127 ? -1.544  -6.724  15.546  1.00 40.59 ? 127  LYS A CB  1 
ATOM   897  C CG  . LYS A 1 127 ? -2.313  -7.926  15.000  1.00 44.41 ? 127  LYS A CG  1 
ATOM   898  C CD  . LYS A 1 127 ? -1.477  -9.195  14.969  1.00 46.69 ? 127  LYS A CD  1 
ATOM   899  C CE  . LYS A 1 127 ? -2.257  -10.335 14.319  1.00 49.38 ? 127  LYS A CE  1 
ATOM   900  N NZ  . LYS A 1 127 ? -1.492  -11.614 14.317  1.00 50.82 ? 127  LYS A NZ  1 
ATOM   901  N N   . ASP A 1 128 ? -0.105  -4.474  15.818  1.00 36.92 ? 128  ASP A N   1 
ATOM   902  C CA  . ASP A 1 128 ? 0.868   -3.438  16.176  1.00 35.87 ? 128  ASP A CA  1 
ATOM   903  C C   . ASP A 1 128 ? 1.687   -2.903  15.008  1.00 33.43 ? 128  ASP A C   1 
ATOM   904  O O   . ASP A 1 128 ? 2.602   -2.100  15.205  1.00 33.23 ? 128  ASP A O   1 
ATOM   905  C CB  . ASP A 1 128 ? 1.849   -3.982  17.220  1.00 40.50 ? 128  ASP A CB  1 
ATOM   906  C CG  . ASP A 1 128 ? 1.189   -4.285  18.544  1.00 44.77 ? 128  ASP A CG  1 
ATOM   907  O OD1 . ASP A 1 128 ? 0.784   -3.325  19.237  1.00 47.02 ? 128  ASP A OD1 1 
ATOM   908  O OD2 . ASP A 1 128 ? 1.074   -5.483  18.891  1.00 46.00 ? 128  ASP A OD2 1 
ATOM   909  N N   . THR A 1 129 ? 1.370   -3.336  13.797  1.00 28.65 ? 129  THR A N   1 
ATOM   910  C CA  . THR A 1 129 ? 2.130   -2.905  12.633  1.00 24.30 ? 129  THR A CA  1 
ATOM   911  C C   . THR A 1 129 ? 1.452   -1.820  11.818  1.00 21.29 ? 129  THR A C   1 
ATOM   912  O O   . THR A 1 129 ? 2.114   -0.992  11.201  1.00 19.50 ? 129  THR A O   1 
ATOM   913  C CB  . THR A 1 129 ? 2.386   -4.086  11.682  1.00 25.30 ? 129  THR A CB  1 
ATOM   914  O OG1 . THR A 1 129 ? 1.135   -4.544  11.149  1.00 25.62 ? 129  THR A OG1 1 
ATOM   915  C CG2 . THR A 1 129 ? 3.049   -5.231  12.425  1.00 26.24 ? 129  THR A CG2 1 
ATOM   916  N N   . GLY A 1 130 ? 0.128   -1.820  11.823  1.00 18.75 ? 130  GLY A N   1 
ATOM   917  C CA  . GLY A 1 130 ? -0.585  -0.862  11.009  1.00 18.64 ? 130  GLY A CA  1 
ATOM   918  C C   . GLY A 1 130 ? -0.631  -1.529  9.647   1.00 16.59 ? 130  GLY A C   1 
ATOM   919  O O   . GLY A 1 130 ? -0.542  -2.749  9.566   1.00 17.54 ? 130  GLY A O   1 
ATOM   920  N N   . HIS A 1 131 ? -0.748  -0.758  8.577   1.00 16.67 ? 131  HIS A N   1 
ATOM   921  C CA  . HIS A 1 131 ? -0.801  -1.350  7.243   1.00 16.10 ? 131  HIS A CA  1 
ATOM   922  C C   . HIS A 1 131 ? -0.675  -0.266  6.186   1.00 16.84 ? 131  HIS A C   1 
ATOM   923  O O   . HIS A 1 131 ? -0.929  0.910   6.455   1.00 13.55 ? 131  HIS A O   1 
ATOM   924  C CB  . HIS A 1 131 ? -2.128  -2.102  7.059   1.00 16.24 ? 131  HIS A CB  1 
ATOM   925  C CG  . HIS A 1 131 ? -2.278  -2.773  5.727   1.00 18.60 ? 131  HIS A CG  1 
ATOM   926  N ND1 . HIS A 1 131 ? -1.449  -3.789  5.304   1.00 18.68 ? 131  HIS A ND1 1 
ATOM   927  C CD2 . HIS A 1 131 ? -3.189  -2.597  4.736   1.00 17.81 ? 131  HIS A CD2 1 
ATOM   928  C CE1 . HIS A 1 131 ? -1.843  -4.213  4.116   1.00 18.61 ? 131  HIS A CE1 1 
ATOM   929  N NE2 . HIS A 1 131 ? -2.896  -3.505  3.750   1.00 18.81 ? 131  HIS A NE2 1 
ATOM   930  N N   . VAL A 1 132 ? -0.269  -0.671  4.985   1.00 16.52 ? 132  VAL A N   1 
ATOM   931  C CA  . VAL A 1 132 ? -0.135  0.254   3.874   1.00 14.51 ? 132  VAL A CA  1 
ATOM   932  C C   . VAL A 1 132 ? -0.629  -0.405  2.595   1.00 15.63 ? 132  VAL A C   1 
ATOM   933  O O   . VAL A 1 132 ? -0.415  -1.598  2.367   1.00 15.75 ? 132  VAL A O   1 
ATOM   934  C CB  . VAL A 1 132 ? 1.333   0.716   3.674   1.00 15.18 ? 132  VAL A CB  1 
ATOM   935  C CG1 . VAL A 1 132 ? 2.235   -0.480  3.365   1.00 15.47 ? 132  VAL A CG1 1 
ATOM   936  C CG2 . VAL A 1 132 ? 1.397   1.734   2.540   1.00 10.89 ? 132  VAL A CG2 1 
ATOM   937  N N   . ALA A 1 133 ? -1.308  0.375   1.768   1.00 14.20 ? 133  ALA A N   1 
ATOM   938  C CA  . ALA A 1 133 ? -1.817  -0.134  0.506   1.00 14.98 ? 133  ALA A CA  1 
ATOM   939  C C   . ALA A 1 133 ? -1.741  0.970   -0.532  1.00 14.65 ? 133  ALA A C   1 
ATOM   940  O O   . ALA A 1 133 ? -1.541  2.139   -0.199  1.00 14.52 ? 133  ALA A O   1 
ATOM   941  C CB  . ALA A 1 133 ? -3.261  -0.612  0.663   1.00 12.84 ? 133  ALA A CB  1 
ATOM   942  N N   . ILE A 1 134 ? -1.887  0.582   -1.792  1.00 14.38 ? 134  ILE A N   1 
ATOM   943  C CA  . ILE A 1 134 ? -1.852  1.524   -2.896  1.00 13.96 ? 134  ILE A CA  1 
ATOM   944  C C   . ILE A 1 134 ? -3.275  1.687   -3.426  1.00 15.22 ? 134  ILE A C   1 
ATOM   945  O O   . ILE A 1 134 ? -3.957  0.700   -3.692  1.00 16.82 ? 134  ILE A O   1 
ATOM   946  C CB  . ILE A 1 134 ? -0.962  0.997   -4.049  1.00 13.80 ? 134  ILE A CB  1 
ATOM   947  C CG1 . ILE A 1 134 ? 0.497   0.874   -3.582  1.00 14.04 ? 134  ILE A CG1 1 
ATOM   948  C CG2 . ILE A 1 134 ? -1.107  1.893   -5.271  1.00 11.79 ? 134  ILE A CG2 1 
ATOM   949  C CD1 . ILE A 1 134 ? 1.162   2.187   -3.178  1.00 10.17 ? 134  ILE A CD1 1 
ATOM   950  N N   . ILE A 1 135 ? -3.734  2.923   -3.557  1.00 16.09 ? 135  ILE A N   1 
ATOM   951  C CA  . ILE A 1 135 ? -5.064  3.159   -4.104  1.00 15.65 ? 135  ILE A CA  1 
ATOM   952  C C   . ILE A 1 135 ? -4.875  3.091   -5.617  1.00 16.12 ? 135  ILE A C   1 
ATOM   953  O O   . ILE A 1 135 ? -4.062  3.832   -6.171  1.00 16.97 ? 135  ILE A O   1 
ATOM   954  C CB  . ILE A 1 135 ? -5.601  4.553   -3.714  1.00 15.91 ? 135  ILE A CB  1 
ATOM   955  C CG1 . ILE A 1 135 ? -5.897  4.594   -2.212  1.00 16.12 ? 135  ILE A CG1 1 
ATOM   956  C CG2 . ILE A 1 135 ? -6.866  4.866   -4.513  1.00 17.07 ? 135  ILE A CG2 1 
ATOM   957  C CD1 . ILE A 1 135 ? -6.256  5.972   -1.685  1.00 16.94 ? 135  ILE A CD1 1 
ATOM   958  N N   . THR A 1 136 ? -5.606  2.201   -6.283  1.00 14.83 ? 136  THR A N   1 
ATOM   959  C CA  . THR A 1 136 ? -5.470  2.052   -7.731  1.00 15.45 ? 136  THR A CA  1 
ATOM   960  C C   . THR A 1 136 ? -6.585  2.664   -8.580  1.00 16.85 ? 136  THR A C   1 
ATOM   961  O O   . THR A 1 136 ? -6.350  3.045   -9.725  1.00 18.11 ? 136  THR A O   1 
ATOM   962  C CB  . THR A 1 136 ? -5.366  0.570   -8.128  1.00 16.34 ? 136  THR A CB  1 
ATOM   963  O OG1 . THR A 1 136 ? -6.547  -0.117  -7.695  1.00 13.67 ? 136  THR A OG1 1 
ATOM   964  C CG2 . THR A 1 136 ? -4.125  -0.076  -7.495  1.00 14.60 ? 136  THR A CG2 1 
ATOM   965  N N   . GLN A 1 137 ? -7.794  2.750   -8.034  1.00 17.31 ? 137  GLN A N   1 
ATOM   966  C CA  . GLN A 1 137 ? -8.912  3.302   -8.787  1.00 18.57 ? 137  GLN A CA  1 
ATOM   967  C C   . GLN A 1 137 ? -9.843  4.161   -7.956  1.00 20.23 ? 137  GLN A C   1 
ATOM   968  O O   . GLN A 1 137 ? -10.094 3.879   -6.782  1.00 20.73 ? 137  GLN A O   1 
ATOM   969  C CB  . GLN A 1 137 ? -9.747  2.182   -9.405  1.00 19.95 ? 137  GLN A CB  1 
ATOM   970  C CG  . GLN A 1 137 ? -9.032  1.299   -10.405 1.00 18.31 ? 137  GLN A CG  1 
ATOM   971  C CD  . GLN A 1 137 ? -9.938  0.198   -10.920 1.00 20.38 ? 137  GLN A CD  1 
ATOM   972  O OE1 . GLN A 1 137 ? -9.544  -0.604  -11.767 1.00 19.98 ? 137  GLN A OE1 1 
ATOM   973  N NE2 . GLN A 1 137 ? -11.168 0.154   -10.403 1.00 15.42 ? 137  GLN A NE2 1 
ATOM   974  N N   . LEU A 1 138 ? -10.366 5.204   -8.586  1.00 21.82 ? 138  LEU A N   1 
ATOM   975  C CA  . LEU A 1 138 ? -11.303 6.102   -7.934  1.00 24.28 ? 138  LEU A CA  1 
ATOM   976  C C   . LEU A 1 138 ? -12.667 6.001   -8.598  1.00 25.93 ? 138  LEU A C   1 
ATOM   977  O O   . LEU A 1 138 ? -12.786 6.035   -9.823  1.00 24.61 ? 138  LEU A O   1 
ATOM   978  C CB  . LEU A 1 138 ? -10.799 7.544   -8.002  1.00 24.67 ? 138  LEU A CB  1 
ATOM   979  C CG  . LEU A 1 138 ? -9.931  8.013   -6.833  1.00 25.30 ? 138  LEU A CG  1 
ATOM   980  C CD1 . LEU A 1 138 ? -10.803 8.189   -5.600  1.00 26.65 ? 138  LEU A CD1 1 
ATOM   981  C CD2 . LEU A 1 138 ? -8.820  7.015   -6.570  1.00 24.13 ? 138  LEU A CD2 1 
ATOM   982  N N   . HIS A 1 139 ? -13.695 5.858   -7.773  1.00 27.27 ? 139  HIS A N   1 
ATOM   983  C CA  . HIS A 1 139 ? -15.061 5.770   -8.259  1.00 29.29 ? 139  HIS A CA  1 
ATOM   984  C C   . HIS A 1 139 ? -15.905 6.708   -7.410  1.00 29.51 ? 139  HIS A C   1 
ATOM   985  O O   . HIS A 1 139 ? -15.432 7.235   -6.403  1.00 29.23 ? 139  HIS A O   1 
ATOM   986  C CB  . HIS A 1 139 ? -15.564 4.332   -8.148  1.00 29.56 ? 139  HIS A CB  1 
ATOM   987  C CG  . HIS A 1 139 ? -14.823 3.372   -9.026  1.00 32.06 ? 139  HIS A CG  1 
ATOM   988  N ND1 . HIS A 1 139 ? -14.997 3.330   -10.393 1.00 30.56 ? 139  HIS A ND1 1 
ATOM   989  C CD2 . HIS A 1 139 ? -13.877 2.447   -8.738  1.00 32.64 ? 139  HIS A CD2 1 
ATOM   990  C CE1 . HIS A 1 139 ? -14.189 2.421   -10.910 1.00 32.73 ? 139  HIS A CE1 1 
ATOM   991  N NE2 . HIS A 1 139 ? -13.498 1.871   -9.927  1.00 33.67 ? 139  HIS A NE2 1 
ATOM   992  N N   . GLY A 1 140 ? -17.150 6.917   -7.813  1.00 29.83 ? 140  GLY A N   1 
ATOM   993  C CA  . GLY A 1 140 ? -18.012 7.814   -7.070  1.00 29.18 ? 140  GLY A CA  1 
ATOM   994  C C   . GLY A 1 140 ? -18.253 7.433   -5.622  1.00 29.38 ? 140  GLY A C   1 
ATOM   995  O O   . GLY A 1 140 ? -18.301 8.299   -4.753  1.00 30.23 ? 140  GLY A O   1 
ATOM   996  N N   . ASN A 1 141 ? -18.385 6.141   -5.352  1.00 29.67 ? 141  ASN A N   1 
ATOM   997  C CA  . ASN A 1 141 ? -18.665 5.695   -3.997  1.00 31.06 ? 141  ASN A CA  1 
ATOM   998  C C   . ASN A 1 141 ? -17.737 4.606   -3.488  1.00 30.87 ? 141  ASN A C   1 
ATOM   999  O O   . ASN A 1 141 ? -18.104 3.845   -2.592  1.00 32.96 ? 141  ASN A O   1 
ATOM   1000 C CB  . ASN A 1 141 ? -20.108 5.203   -3.923  1.00 34.01 ? 141  ASN A CB  1 
ATOM   1001 C CG  . ASN A 1 141 ? -20.336 3.963   -4.760  1.00 37.19 ? 141  ASN A CG  1 
ATOM   1002 O OD1 . ASN A 1 141 ? -19.812 3.843   -5.870  1.00 39.32 ? 141  ASN A OD1 1 
ATOM   1003 N ND2 . ASN A 1 141 ? -21.127 3.033   -4.237  1.00 41.13 ? 141  ASN A ND2 1 
ATOM   1004 N N   . LYS A 1 142 ? -16.539 4.525   -4.050  1.00 29.17 ? 142  LYS A N   1 
ATOM   1005 C CA  . LYS A 1 142 ? -15.579 3.522   -3.613  1.00 28.35 ? 142  LYS A CA  1 
ATOM   1006 C C   . LYS A 1 142 ? -14.223 3.694   -4.284  1.00 27.52 ? 142  LYS A C   1 
ATOM   1007 O O   . LYS A 1 142 ? -14.080 4.434   -5.258  1.00 26.61 ? 142  LYS A O   1 
ATOM   1008 C CB  . LYS A 1 142 ? -16.103 2.116   -3.915  1.00 28.78 ? 142  LYS A CB  1 
ATOM   1009 C CG  . LYS A 1 142 ? -16.147 1.788   -5.397  1.00 29.48 ? 142  LYS A CG  1 
ATOM   1010 C CD  . LYS A 1 142 ? -16.635 0.369   -5.639  1.00 30.81 ? 142  LYS A CD  1 
ATOM   1011 C CE  . LYS A 1 142 ? -16.694 0.065   -7.124  1.00 34.94 ? 142  LYS A CE  1 
ATOM   1012 N NZ  . LYS A 1 142 ? -17.229 -1.301  -7.404  1.00 38.69 ? 142  LYS A NZ  1 
ATOM   1013 N N   . VAL A 1 143 ? -13.227 3.007   -3.737  1.00 25.65 ? 143  VAL A N   1 
ATOM   1014 C CA  . VAL A 1 143 ? -11.884 3.027   -4.288  1.00 24.05 ? 143  VAL A CA  1 
ATOM   1015 C C   . VAL A 1 143 ? -11.403 1.589   -4.330  1.00 21.73 ? 143  VAL A C   1 
ATOM   1016 O O   . VAL A 1 143 ? -11.803 0.768   -3.502  1.00 19.72 ? 143  VAL A O   1 
ATOM   1017 C CB  . VAL A 1 143 ? -10.893 3.844   -3.417  1.00 25.11 ? 143  VAL A CB  1 
ATOM   1018 C CG1 . VAL A 1 143 ? -11.312 5.303   -3.371  1.00 27.07 ? 143  VAL A CG1 1 
ATOM   1019 C CG2 . VAL A 1 143 ? -10.821 3.256   -2.018  1.00 23.82 ? 143  VAL A CG2 1 
ATOM   1020 N N   . ARG A 1 144 ? -10.575 1.279   -5.319  1.00 19.80 ? 144  ARG A N   1 
ATOM   1021 C CA  . ARG A 1 144 ? -9.998  -0.050  -5.439  1.00 18.70 ? 144  ARG A CA  1 
ATOM   1022 C C   . ARG A 1 144 ? -8.569  0.115   -4.931  1.00 15.71 ? 144  ARG A C   1 
ATOM   1023 O O   . ARG A 1 144 ? -7.938  1.138   -5.187  1.00 13.72 ? 144  ARG A O   1 
ATOM   1024 C CB  . ARG A 1 144 ? -9.983  -0.508  -6.900  1.00 21.75 ? 144  ARG A CB  1 
ATOM   1025 C CG  . ARG A 1 144 ? -11.147 -1.415  -7.312  1.00 26.15 ? 144  ARG A CG  1 
ATOM   1026 C CD  . ARG A 1 144 ? -12.485 -0.703  -7.259  1.00 30.67 ? 144  ARG A CD  1 
ATOM   1027 N NE  . ARG A 1 144 ? -13.597 -1.582  -7.625  1.00 34.90 ? 144  ARG A NE  1 
ATOM   1028 C CZ  . ARG A 1 144 ? -13.748 -2.160  -8.813  1.00 35.82 ? 144  ARG A CZ  1 
ATOM   1029 N NH1 . ARG A 1 144 ? -12.856 -1.963  -9.775  1.00 37.62 ? 144  ARG A NH1 1 
ATOM   1030 N NH2 . ARG A 1 144 ? -14.802 -2.933  -9.043  1.00 38.20 ? 144  ARG A NH2 1 
ATOM   1031 N N   . ILE A 1 145 ? -8.067  -0.868  -4.193  1.00 13.78 ? 145  ILE A N   1 
ATOM   1032 C CA  . ILE A 1 145 ? -6.703  -0.797  -3.676  1.00 12.47 ? 145  ILE A CA  1 
ATOM   1033 C C   . ILE A 1 145 ? -5.935  -2.079  -3.977  1.00 12.08 ? 145  ILE A C   1 
ATOM   1034 O O   . ILE A 1 145 ? -6.527  -3.129  -4.220  1.00 12.90 ? 145  ILE A O   1 
ATOM   1035 C CB  . ILE A 1 145 ? -6.666  -0.597  -2.137  1.00 10.70 ? 145  ILE A CB  1 
ATOM   1036 C CG1 . ILE A 1 145 ? -7.355  -1.772  -1.441  1.00 11.30 ? 145  ILE A CG1 1 
ATOM   1037 C CG2 . ILE A 1 145 ? -7.313  0.714   -1.759  1.00 13.47 ? 145  ILE A CG2 1 
ATOM   1038 C CD1 . ILE A 1 145 ? -7.186  -1.780  0.085   1.00 8.94  ? 145  ILE A CD1 1 
ATOM   1039 N N   . ALA A 1 146 ? -4.612  -1.983  -3.962  1.00 12.01 ? 146  ALA A N   1 
ATOM   1040 C CA  . ALA A 1 146 ? -3.746  -3.138  -4.190  1.00 11.64 ? 146  ALA A CA  1 
ATOM   1041 C C   . ALA A 1 146 ? -2.823  -3.216  -2.976  1.00 12.35 ? 146  ALA A C   1 
ATOM   1042 O O   . ALA A 1 146 ? -2.319  -2.193  -2.506  1.00 12.54 ? 146  ALA A O   1 
ATOM   1043 C CB  . ALA A 1 146 ? -2.935  -2.957  -5.463  1.00 10.49 ? 146  ALA A CB  1 
ATOM   1044 N N   . GLU A 1 147 ? -2.598  -4.419  -2.465  1.00 13.01 ? 147  GLU A N   1 
ATOM   1045 C CA  . GLU A 1 147 ? -1.752  -4.573  -1.290  1.00 14.78 ? 147  GLU A CA  1 
ATOM   1046 C C   . GLU A 1 147 ? -1.267  -6.011  -1.110  1.00 15.19 ? 147  GLU A C   1 
ATOM   1047 O O   . GLU A 1 147 ? -1.770  -6.937  -1.747  1.00 13.36 ? 147  GLU A O   1 
ATOM   1048 C CB  . GLU A 1 147 ? -2.550  -4.175  -0.049  1.00 13.44 ? 147  GLU A CB  1 
ATOM   1049 C CG  . GLU A 1 147 ? -3.620  -5.220  0.310   1.00 15.78 ? 147  GLU A CG  1 
ATOM   1050 C CD  . GLU A 1 147 ? -4.879  -4.615  0.914   1.00 14.83 ? 147  GLU A CD  1 
ATOM   1051 O OE1 . GLU A 1 147 ? -4.769  -3.841  1.886   1.00 16.77 ? 147  GLU A OE1 1 
ATOM   1052 O OE2 . GLU A 1 147 ? -5.986  -4.921  0.421   1.00 15.36 ? 147  GLU A OE2 1 
ATOM   1053 N N   . GLN A 1 148 ? -0.283  -6.179  -0.233  1.00 12.56 ? 148  GLN A N   1 
ATOM   1054 C CA  . GLN A 1 148 ? 0.237   -7.494  0.092   1.00 12.58 ? 148  GLN A CA  1 
ATOM   1055 C C   . GLN A 1 148 ? -0.031  -7.755  1.573   1.00 13.99 ? 148  GLN A C   1 
ATOM   1056 O O   . GLN A 1 148 ? -0.233  -6.820  2.349   1.00 13.21 ? 148  GLN A O   1 
ATOM   1057 C CB  . GLN A 1 148 ? 1.740   -7.582  -0.200  1.00 12.18 ? 148  GLN A CB  1 
ATOM   1058 C CG  . GLN A 1 148 ? 2.051   -8.057  -1.620  1.00 11.28 ? 148  GLN A CG  1 
ATOM   1059 C CD  . GLN A 1 148 ? 3.531   -8.254  -1.903  1.00 11.61 ? 148  GLN A CD  1 
ATOM   1060 O OE1 . GLN A 1 148 ? 3.897   -8.883  -2.896  1.00 12.54 ? 148  GLN A OE1 1 
ATOM   1061 N NE2 . GLN A 1 148 ? 4.388   -7.713  -1.042  1.00 10.00 ? 148  GLN A NE2 1 
ATOM   1062 N N   . ASN A 1 149 ? -0.062  -9.032  1.939   1.00 15.49 ? 149  ASN A N   1 
ATOM   1063 C CA  . ASN A 1 149 ? -0.278  -9.471  3.316   1.00 18.47 ? 149  ASN A CA  1 
ATOM   1064 C C   . ASN A 1 149 ? -1.683  -9.266  3.893   1.00 19.84 ? 149  ASN A C   1 
ATOM   1065 O O   . ASN A 1 149 ? -1.850  -9.079  5.098   1.00 20.60 ? 149  ASN A O   1 
ATOM   1066 C CB  . ASN A 1 149 ? 0.755   -8.828  4.247   1.00 18.24 ? 149  ASN A CB  1 
ATOM   1067 C CG  . ASN A 1 149 ? 1.165   -9.757  5.376   1.00 21.07 ? 149  ASN A CG  1 
ATOM   1068 O OD1 . ASN A 1 149 ? 0.589   -10.830 5.542   1.00 22.76 ? 149  ASN A OD1 1 
ATOM   1069 N ND2 . ASN A 1 149 ? 2.162   -9.352  6.152   1.00 22.96 ? 149  ASN A ND2 1 
ATOM   1070 N N   . VAL A 1 150 ? -2.688  -9.282  3.029   1.00 20.10 ? 150  VAL A N   1 
ATOM   1071 C CA  . VAL A 1 150 ? -4.077  -9.170  3.456   1.00 20.28 ? 150  VAL A CA  1 
ATOM   1072 C C   . VAL A 1 150 ? -4.749  -10.311 2.716   1.00 20.87 ? 150  VAL A C   1 
ATOM   1073 O O   . VAL A 1 150 ? -5.321  -11.215 3.317   1.00 22.51 ? 150  VAL A O   1 
ATOM   1074 C CB  . VAL A 1 150 ? -4.725  -7.828  3.038   1.00 21.32 ? 150  VAL A CB  1 
ATOM   1075 C CG1 . VAL A 1 150 ? -6.242  -7.899  3.238   1.00 19.92 ? 150  VAL A CG1 1 
ATOM   1076 C CG2 . VAL A 1 150 ? -4.156  -6.688  3.876   1.00 20.34 ? 150  VAL A CG2 1 
ATOM   1077 N N   . ILE A 1 151 ? -4.649  -10.263 1.395   1.00 22.03 ? 151  ILE A N   1 
ATOM   1078 C CA  . ILE A 1 151 ? -5.198  -11.298 0.536   1.00 22.08 ? 151  ILE A CA  1 
ATOM   1079 C C   . ILE A 1 151 ? -4.049  -12.245 0.180   1.00 22.02 ? 151  ILE A C   1 
ATOM   1080 O O   . ILE A 1 151 ? -3.010  -11.806 -0.313  1.00 20.15 ? 151  ILE A O   1 
ATOM   1081 C CB  . ILE A 1 151 ? -5.768  -10.693 -0.761  1.00 22.98 ? 151  ILE A CB  1 
ATOM   1082 C CG1 . ILE A 1 151 ? -6.926  -9.744  -0.430  1.00 22.75 ? 151  ILE A CG1 1 
ATOM   1083 C CG2 . ILE A 1 151 ? -6.204  -11.803 -1.701  1.00 23.84 ? 151  ILE A CG2 1 
ATOM   1084 C CD1 . ILE A 1 151 ? -8.081  -10.402 0.303   1.00 24.65 ? 151  ILE A CD1 1 
ATOM   1085 N N   . HIS A 1 152 ? -4.240  -13.536 0.438   1.00 22.39 ? 152  HIS A N   1 
ATOM   1086 C CA  . HIS A 1 152 ? -3.224  -14.544 0.150   1.00 23.01 ? 152  HIS A CA  1 
ATOM   1087 C C   . HIS A 1 152 ? -3.681  -15.543 -0.917  1.00 23.03 ? 152  HIS A C   1 
ATOM   1088 O O   . HIS A 1 152 ? -2.942  -16.465 -1.265  1.00 23.42 ? 152  HIS A O   1 
ATOM   1089 C CB  . HIS A 1 152 ? -2.855  -15.293 1.434   1.00 24.05 ? 152  HIS A CB  1 
ATOM   1090 C CG  . HIS A 1 152 ? -2.255  -14.418 2.491   1.00 26.10 ? 152  HIS A CG  1 
ATOM   1091 N ND1 . HIS A 1 152 ? -0.981  -13.898 2.394   1.00 26.24 ? 152  HIS A ND1 1 
ATOM   1092 C CD2 . HIS A 1 152 ? -2.760  -13.955 3.660   1.00 26.23 ? 152  HIS A CD2 1 
ATOM   1093 C CE1 . HIS A 1 152 ? -0.729  -13.153 3.455   1.00 27.10 ? 152  HIS A CE1 1 
ATOM   1094 N NE2 . HIS A 1 152 ? -1.793  -13.171 4.239   1.00 26.43 ? 152  HIS A NE2 1 
ATOM   1095 N N   . SER A 1 153 ? -4.895  -15.357 -1.430  1.00 21.79 ? 153  SER A N   1 
ATOM   1096 C CA  . SER A 1 153 ? -5.437  -16.239 -2.461  1.00 21.91 ? 153  SER A CA  1 
ATOM   1097 C C   . SER A 1 153 ? -5.332  -15.591 -3.843  1.00 21.81 ? 153  SER A C   1 
ATOM   1098 O O   . SER A 1 153 ? -5.405  -14.371 -3.971  1.00 21.66 ? 153  SER A O   1 
ATOM   1099 C CB  . SER A 1 153 ? -6.898  -16.582 -2.151  1.00 22.02 ? 153  SER A CB  1 
ATOM   1100 O OG  . SER A 1 153 ? -7.667  -15.408 -1.950  1.00 25.05 ? 153  SER A OG  1 
ATOM   1101 N N   . PRO A 1 154 ? -5.160  -16.404 -4.899  1.00 22.12 ? 154  PRO A N   1 
ATOM   1102 C CA  . PRO A 1 154 ? -5.044  -15.875 -6.266  1.00 22.76 ? 154  PRO A CA  1 
ATOM   1103 C C   . PRO A 1 154 ? -6.195  -14.938 -6.623  1.00 22.37 ? 154  PRO A C   1 
ATOM   1104 O O   . PRO A 1 154 ? -7.345  -15.203 -6.281  1.00 22.59 ? 154  PRO A O   1 
ATOM   1105 C CB  . PRO A 1 154 ? -5.047  -17.138 -7.130  1.00 22.88 ? 154  PRO A CB  1 
ATOM   1106 C CG  . PRO A 1 154 ? -4.450  -18.167 -6.232  1.00 22.86 ? 154  PRO A CG  1 
ATOM   1107 C CD  . PRO A 1 154 ? -5.129  -17.876 -4.908  1.00 23.03 ? 154  PRO A CD  1 
ATOM   1108 N N   . LEU A 1 155 ? -5.882  -13.846 -7.313  1.00 22.42 ? 155  LEU A N   1 
ATOM   1109 C CA  . LEU A 1 155 ? -6.901  -12.885 -7.710  1.00 21.26 ? 155  LEU A CA  1 
ATOM   1110 C C   . LEU A 1 155 ? -7.596  -13.341 -8.986  1.00 22.45 ? 155  LEU A C   1 
ATOM   1111 O O   . LEU A 1 155 ? -6.996  -14.019 -9.820  1.00 22.27 ? 155  LEU A O   1 
ATOM   1112 C CB  . LEU A 1 155 ? -6.275  -11.512 -7.946  1.00 20.76 ? 155  LEU A CB  1 
ATOM   1113 C CG  . LEU A 1 155 ? -5.564  -10.866 -6.757  1.00 21.49 ? 155  LEU A CG  1 
ATOM   1114 C CD1 . LEU A 1 155 ? -5.002  -9.515  -7.182  1.00 19.85 ? 155  LEU A CD1 1 
ATOM   1115 C CD2 . LEU A 1 155 ? -6.537  -10.706 -5.599  1.00 20.38 ? 155  LEU A CD2 1 
ATOM   1116 N N   . PRO A 1 156 ? -8.880  -12.980 -9.151  1.00 23.24 ? 156  PRO A N   1 
ATOM   1117 C CA  . PRO A 1 156 ? -9.628  -13.368 -10.353 1.00 24.78 ? 156  PRO A CA  1 
ATOM   1118 C C   . PRO A 1 156 ? -8.896  -12.841 -11.581 1.00 25.60 ? 156  PRO A C   1 
ATOM   1119 O O   . PRO A 1 156 ? -8.195  -11.834 -11.496 1.00 24.60 ? 156  PRO A O   1 
ATOM   1120 C CB  . PRO A 1 156 ? -10.977 -12.676 -10.163 1.00 23.93 ? 156  PRO A CB  1 
ATOM   1121 C CG  . PRO A 1 156 ? -11.123 -12.617 -8.666  1.00 23.97 ? 156  PRO A CG  1 
ATOM   1122 C CD  . PRO A 1 156 ? -9.735  -12.228 -8.215  1.00 23.08 ? 156  PRO A CD  1 
ATOM   1123 N N   . GLN A 1 157 ? -9.055  -13.517 -12.714 1.00 28.87 ? 157  GLN A N   1 
ATOM   1124 C CA  . GLN A 1 157 ? -8.410  -13.089 -13.952 1.00 31.08 ? 157  GLN A CA  1 
ATOM   1125 C C   . GLN A 1 157 ? -8.818  -11.661 -14.304 1.00 28.85 ? 157  GLN A C   1 
ATOM   1126 O O   . GLN A 1 157 ? -9.992  -11.309 -14.231 1.00 28.33 ? 157  GLN A O   1 
ATOM   1127 C CB  . GLN A 1 157 ? -8.793  -14.022 -15.108 1.00 36.05 ? 157  GLN A CB  1 
ATOM   1128 C CG  . GLN A 1 157 ? -8.241  -15.440 -14.997 1.00 43.24 ? 157  GLN A CG  1 
ATOM   1129 C CD  . GLN A 1 157 ? -6.718  -15.501 -15.092 1.00 47.13 ? 157  GLN A CD  1 
ATOM   1130 O OE1 . GLN A 1 157 ? -6.005  -15.008 -14.215 1.00 48.89 ? 157  GLN A OE1 1 
ATOM   1131 N NE2 . GLN A 1 157 ? -6.217  -16.107 -16.162 1.00 48.26 ? 157  GLN A NE2 1 
ATOM   1132 N N   . GLY A 1 158 ? -7.841  -10.841 -14.672 1.00 26.94 ? 158  GLY A N   1 
ATOM   1133 C CA  . GLY A 1 158 ? -8.134  -9.468  -15.036 1.00 25.91 ? 158  GLY A CA  1 
ATOM   1134 C C   . GLY A 1 158 ? -8.309  -8.513  -13.870 1.00 25.09 ? 158  GLY A C   1 
ATOM   1135 O O   . GLY A 1 158 ? -8.438  -7.307  -14.073 1.00 24.32 ? 158  GLY A O   1 
ATOM   1136 N N   . GLN A 1 159 ? -8.324  -9.036  -12.648 1.00 24.41 ? 159  GLN A N   1 
ATOM   1137 C CA  . GLN A 1 159 ? -8.489  -8.177  -11.484 1.00 24.53 ? 159  GLN A CA  1 
ATOM   1138 C C   . GLN A 1 159 ? -7.132  -7.687  -10.991 1.00 23.38 ? 159  GLN A C   1 
ATOM   1139 O O   . GLN A 1 159 ? -6.295  -8.480  -10.556 1.00 23.89 ? 159  GLN A O   1 
ATOM   1140 C CB  . GLN A 1 159 ? -9.217  -8.918  -10.360 1.00 24.24 ? 159  GLN A CB  1 
ATOM   1141 C CG  . GLN A 1 159 ? -9.722  -7.992  -9.269  1.00 25.00 ? 159  GLN A CG  1 
ATOM   1142 C CD  . GLN A 1 159 ? -10.535 -8.707  -8.212  1.00 27.78 ? 159  GLN A CD  1 
ATOM   1143 O OE1 . GLN A 1 159 ? -11.574 -9.304  -8.507  1.00 28.98 ? 159  GLN A OE1 1 
ATOM   1144 N NE2 . GLN A 1 159 ? -10.070 -8.648  -6.967  1.00 27.68 ? 159  GLN A NE2 1 
ATOM   1145 N N   . GLN A 1 160 ? -6.918  -6.376  -11.059 1.00 21.15 ? 160  GLN A N   1 
ATOM   1146 C CA  . GLN A 1 160 ? -5.650  -5.794  -10.632 1.00 21.35 ? 160  GLN A CA  1 
ATOM   1147 C C   . GLN A 1 160 ? -5.755  -4.981  -9.343  1.00 20.59 ? 160  GLN A C   1 
ATOM   1148 O O   . GLN A 1 160 ? -5.150  -3.919  -9.200  1.00 19.57 ? 160  GLN A O   1 
ATOM   1149 C CB  . GLN A 1 160 ? -5.068  -4.946  -11.761 1.00 22.30 ? 160  GLN A CB  1 
ATOM   1150 C CG  . GLN A 1 160 ? -5.007  -5.698  -13.081 1.00 21.99 ? 160  GLN A CG  1 
ATOM   1151 C CD  . GLN A 1 160 ? -3.917  -5.197  -14.005 1.00 24.89 ? 160  GLN A CD  1 
ATOM   1152 O OE1 . GLN A 1 160 ? -3.806  -4.003  -14.263 1.00 24.64 ? 160  GLN A OE1 1 
ATOM   1153 N NE2 . GLN A 1 160 ? -3.107  -6.115  -14.516 1.00 25.90 ? 160  GLN A NE2 1 
ATOM   1154 N N   . TRP A 1 161 ? -6.546  -5.498  -8.411  1.00 19.81 ? 161  TRP A N   1 
ATOM   1155 C CA  . TRP A 1 161 ? -6.725  -4.887  -7.105  1.00 19.73 ? 161  TRP A CA  1 
ATOM   1156 C C   . TRP A 1 161 ? -7.077  -6.012  -6.139  1.00 19.65 ? 161  TRP A C   1 
ATOM   1157 O O   . TRP A 1 161 ? -7.554  -7.067  -6.556  1.00 19.27 ? 161  TRP A O   1 
ATOM   1158 C CB  . TRP A 1 161 ? -7.835  -3.825  -7.121  1.00 21.45 ? 161  TRP A CB  1 
ATOM   1159 C CG  . TRP A 1 161 ? -9.110  -4.249  -7.777  1.00 23.08 ? 161  TRP A CG  1 
ATOM   1160 C CD1 . TRP A 1 161 ? -9.426  -4.133  -9.100  1.00 23.62 ? 161  TRP A CD1 1 
ATOM   1161 C CD2 . TRP A 1 161 ? -10.245 -4.851  -7.145  1.00 23.85 ? 161  TRP A CD2 1 
ATOM   1162 N NE1 . TRP A 1 161 ? -10.689 -4.620  -9.330  1.00 24.16 ? 161  TRP A NE1 1 
ATOM   1163 C CE2 . TRP A 1 161 ? -11.214 -5.069  -8.148  1.00 24.61 ? 161  TRP A CE2 1 
ATOM   1164 C CE3 . TRP A 1 161 ? -10.536 -5.229  -5.827  1.00 25.29 ? 161  TRP A CE3 1 
ATOM   1165 C CZ2 . TRP A 1 161 ? -12.455 -5.647  -7.877  1.00 24.77 ? 161  TRP A CZ2 1 
ATOM   1166 C CZ3 . TRP A 1 161 ? -11.772 -5.806  -5.556  1.00 25.98 ? 161  TRP A CZ3 1 
ATOM   1167 C CH2 . TRP A 1 161 ? -12.716 -6.008  -6.579  1.00 27.87 ? 161  TRP A CH2 1 
ATOM   1168 N N   . THR A 1 162 ? -6.830  -5.798  -4.853  1.00 17.50 ? 162  THR A N   1 
ATOM   1169 C CA  . THR A 1 162 ? -7.118  -6.825  -3.862  1.00 18.21 ? 162  THR A CA  1 
ATOM   1170 C C   . THR A 1 162 ? -8.412  -6.585  -3.096  1.00 18.83 ? 162  THR A C   1 
ATOM   1171 O O   . THR A 1 162 ? -9.091  -7.538  -2.718  1.00 20.43 ? 162  THR A O   1 
ATOM   1172 C CB  . THR A 1 162 ? -5.958  -6.962  -2.858  1.00 17.11 ? 162  THR A CB  1 
ATOM   1173 O OG1 . THR A 1 162 ? -5.677  -5.683  -2.274  1.00 16.30 ? 162  THR A OG1 1 
ATOM   1174 C CG2 . THR A 1 162 ? -4.709  -7.478  -3.556  1.00 15.46 ? 162  THR A CG2 1 
ATOM   1175 N N   . ARG A 1 163 ? -8.752  -5.321  -2.864  1.00 16.46 ? 163  ARG A N   1 
ATOM   1176 C CA  . ARG A 1 163 ? -9.976  -4.987  -2.141  1.00 18.80 ? 163  ARG A CA  1 
ATOM   1177 C C   . ARG A 1 163 ? -10.555 -3.656  -2.607  1.00 19.38 ? 163  ARG A C   1 
ATOM   1178 O O   . ARG A 1 163 ? -9.845  -2.817  -3.161  1.00 20.32 ? 163  ARG A O   1 
ATOM   1179 C CB  . ARG A 1 163 ? -9.713  -4.883  -0.630  1.00 17.16 ? 163  ARG A CB  1 
ATOM   1180 C CG  . ARG A 1 163 ? -9.339  -6.177  0.094   1.00 13.73 ? 163  ARG A CG  1 
ATOM   1181 C CD  . ARG A 1 163 ? -9.274  -5.923  1.609   1.00 13.95 ? 163  ARG A CD  1 
ATOM   1182 N NE  . ARG A 1 163 ? -8.218  -4.971  1.959   1.00 16.23 ? 163  ARG A NE  1 
ATOM   1183 C CZ  . ARG A 1 163 ? -8.219  -4.206  3.049   1.00 15.38 ? 163  ARG A CZ  1 
ATOM   1184 N NH1 . ARG A 1 163 ? -9.226  -4.266  3.913   1.00 14.95 ? 163  ARG A NH1 1 
ATOM   1185 N NH2 . ARG A 1 163 ? -7.207  -3.381  3.282   1.00 13.77 ? 163  ARG A NH2 1 
ATOM   1186 N N   . GLU A 1 164 ? -11.853 -3.478  -2.396  1.00 20.50 ? 164  GLU A N   1 
ATOM   1187 C CA  . GLU A 1 164 ? -12.504 -2.220  -2.736  1.00 22.43 ? 164  GLU A CA  1 
ATOM   1188 C C   . GLU A 1 164 ? -13.093 -1.669  -1.445  1.00 21.62 ? 164  GLU A C   1 
ATOM   1189 O O   . GLU A 1 164 ? -13.732 -2.389  -0.686  1.00 21.06 ? 164  GLU A O   1 
ATOM   1190 C CB  . GLU A 1 164 ? -13.592 -2.399  -3.805  1.00 23.59 ? 164  GLU A CB  1 
ATOM   1191 C CG  . GLU A 1 164 ? -14.299 -3.730  -3.828  1.00 30.40 ? 164  GLU A CG  1 
ATOM   1192 C CD  . GLU A 1 164 ? -15.451 -3.751  -4.831  1.00 32.22 ? 164  GLU A CD  1 
ATOM   1193 O OE1 . GLU A 1 164 ? -15.270 -3.290  -5.986  1.00 29.74 ? 164  GLU A OE1 1 
ATOM   1194 O OE2 . GLU A 1 164 ? -16.540 -4.240  -4.462  1.00 35.15 ? 164  GLU A OE2 1 
ATOM   1195 N N   . LEU A 1 165 ? -12.844 -0.394  -1.185  1.00 22.32 ? 165  LEU A N   1 
ATOM   1196 C CA  . LEU A 1 165 ? -13.331 0.236   0.032   1.00 22.98 ? 165  LEU A CA  1 
ATOM   1197 C C   . LEU A 1 165 ? -14.407 1.263   -0.275  1.00 23.01 ? 165  LEU A C   1 
ATOM   1198 O O   . LEU A 1 165 ? -14.305 2.012   -1.246  1.00 22.73 ? 165  LEU A O   1 
ATOM   1199 C CB  . LEU A 1 165 ? -12.179 0.923   0.772   1.00 22.08 ? 165  LEU A CB  1 
ATOM   1200 C CG  . LEU A 1 165 ? -10.920 0.118   1.099   1.00 23.28 ? 165  LEU A CG  1 
ATOM   1201 C CD1 . LEU A 1 165 ? -9.965  0.998   1.903   1.00 25.04 ? 165  LEU A CD1 1 
ATOM   1202 C CD2 . LEU A 1 165 ? -11.273 -1.124  1.889   1.00 24.99 ? 165  LEU A CD2 1 
ATOM   1203 N N   . GLU A 1 166 ? -15.438 1.293   0.558   1.00 24.02 ? 166  GLU A N   1 
ATOM   1204 C CA  . GLU A 1 166 ? -16.517 2.248   0.372   1.00 25.33 ? 166  GLU A CA  1 
ATOM   1205 C C   . GLU A 1 166 ? -15.975 3.642   0.647   1.00 24.45 ? 166  GLU A C   1 
ATOM   1206 O O   . GLU A 1 166 ? -15.205 3.850   1.589   1.00 22.71 ? 166  GLU A O   1 
ATOM   1207 C CB  . GLU A 1 166 ? -17.672 1.958   1.335   1.00 27.18 ? 166  GLU A CB  1 
ATOM   1208 C CG  . GLU A 1 166 ? -18.861 2.899   1.163   1.00 31.23 ? 166  GLU A CG  1 
ATOM   1209 C CD  . GLU A 1 166 ? -19.985 2.625   2.149   1.00 33.53 ? 166  GLU A CD  1 
ATOM   1210 O OE1 . GLU A 1 166 ? -21.096 3.166   1.946   1.00 33.56 ? 166  GLU A OE1 1 
ATOM   1211 O OE2 . GLU A 1 166 ? -19.757 1.876   3.128   1.00 34.89 ? 166  GLU A OE2 1 
ATOM   1212 N N   . MET A 1 167 ? -16.356 4.592   -0.191  1.00 24.17 ? 167  MET A N   1 
ATOM   1213 C CA  . MET A 1 167 ? -15.926 5.964   0.007   1.00 25.02 ? 167  MET A CA  1 
ATOM   1214 C C   . MET A 1 167 ? -17.170 6.825   0.132   1.00 25.39 ? 167  MET A C   1 
ATOM   1215 O O   . MET A 1 167 ? -18.050 6.789   -0.726  1.00 23.57 ? 167  MET A O   1 
ATOM   1216 C CB  . MET A 1 167 ? -15.061 6.456   -1.160  1.00 23.40 ? 167  MET A CB  1 
ATOM   1217 C CG  . MET A 1 167 ? -14.605 7.906   -0.988  1.00 25.45 ? 167  MET A CG  1 
ATOM   1218 S SD  . MET A 1 167 ? -13.354 8.462   -2.171  1.00 26.52 ? 167  MET A SD  1 
ATOM   1219 C CE  . MET A 1 167 ? -14.302 8.460   -3.715  1.00 25.90 ? 167  MET A CE  1 
ATOM   1220 N N   . VAL A 1 168 ? -17.241 7.577   1.222   1.00 27.40 ? 168  VAL A N   1 
ATOM   1221 C CA  . VAL A 1 168 ? -18.365 8.458   1.475   1.00 31.34 ? 168  VAL A CA  1 
ATOM   1222 C C   . VAL A 1 168 ? -17.946 9.894   1.204   1.00 33.78 ? 168  VAL A C   1 
ATOM   1223 O O   . VAL A 1 168 ? -17.053 10.429  1.866   1.00 33.54 ? 168  VAL A O   1 
ATOM   1224 C CB  . VAL A 1 168 ? -18.847 8.347   2.940   1.00 32.10 ? 168  VAL A CB  1 
ATOM   1225 C CG1 . VAL A 1 168 ? -19.948 9.368   3.210   1.00 30.34 ? 168  VAL A CG1 1 
ATOM   1226 C CG2 . VAL A 1 168 ? -19.358 6.935   3.212   1.00 31.29 ? 168  VAL A CG2 1 
ATOM   1227 N N   . VAL A 1 169 ? -18.589 10.509  0.219   1.00 36.18 ? 169  VAL A N   1 
ATOM   1228 C CA  . VAL A 1 169 ? -18.294 11.888  -0.137  1.00 39.89 ? 169  VAL A CA  1 
ATOM   1229 C C   . VAL A 1 169 ? -19.433 12.763  0.375   1.00 42.07 ? 169  VAL A C   1 
ATOM   1230 O O   . VAL A 1 169 ? -20.532 12.751  -0.180  1.00 43.26 ? 169  VAL A O   1 
ATOM   1231 C CB  . VAL A 1 169 ? -18.173 12.055  -1.665  1.00 40.53 ? 169  VAL A CB  1 
ATOM   1232 C CG1 . VAL A 1 169 ? -17.739 13.470  -2.004  1.00 42.00 ? 169  VAL A CG1 1 
ATOM   1233 C CG2 . VAL A 1 169 ? -17.181 11.047  -2.218  1.00 40.19 ? 169  VAL A CG2 1 
ATOM   1234 N N   . GLU A 1 170 ? -19.172 13.509  1.445   1.00 43.72 ? 170  GLU A N   1 
ATOM   1235 C CA  . GLU A 1 170 ? -20.186 14.379  2.026   1.00 45.56 ? 170  GLU A CA  1 
ATOM   1236 C C   . GLU A 1 170 ? -19.632 15.716  2.488   1.00 46.17 ? 170  GLU A C   1 
ATOM   1237 O O   . GLU A 1 170 ? -18.548 15.791  3.074   1.00 45.13 ? 170  GLU A O   1 
ATOM   1238 C CB  . GLU A 1 170 ? -20.860 13.703  3.219   1.00 47.77 ? 170  GLU A CB  1 
ATOM   1239 C CG  . GLU A 1 170 ? -21.595 12.423  2.894   1.00 51.84 ? 170  GLU A CG  1 
ATOM   1240 C CD  . GLU A 1 170 ? -22.369 11.893  4.084   1.00 54.09 ? 170  GLU A CD  1 
ATOM   1241 O OE1 . GLU A 1 170 ? -21.752 11.670  5.149   1.00 54.59 ? 170  GLU A OE1 1 
ATOM   1242 O OE2 . GLU A 1 170 ? -23.596 11.701  3.953   1.00 56.51 ? 170  GLU A OE2 1 
ATOM   1243 N N   . ASN A 1 171 ? -20.397 16.769  2.226   1.00 45.99 ? 171  ASN A N   1 
ATOM   1244 C CA  . ASN A 1 171 ? -20.027 18.114  2.630   1.00 46.37 ? 171  ASN A CA  1 
ATOM   1245 C C   . ASN A 1 171 ? -18.565 18.428  2.323   1.00 45.90 ? 171  ASN A C   1 
ATOM   1246 O O   . ASN A 1 171 ? -17.836 18.933  3.175   1.00 45.78 ? 171  ASN A O   1 
ATOM   1247 C CB  . ASN A 1 171 ? -20.306 18.275  4.124   1.00 48.32 ? 171  ASN A CB  1 
ATOM   1248 C CG  . ASN A 1 171 ? -21.698 17.787  4.508   1.00 50.86 ? 171  ASN A CG  1 
ATOM   1249 O OD1 . ASN A 1 171 ? -22.709 18.368  4.103   1.00 49.87 ? 171  ASN A OD1 1 
ATOM   1250 N ND2 . ASN A 1 171 ? -21.754 16.704  5.278   1.00 51.35 ? 171  ASN A ND2 1 
ATOM   1251 N N   . GLY A 1 172 ? -18.146 18.113  1.101   1.00 44.23 ? 172  GLY A N   1 
ATOM   1252 C CA  . GLY A 1 172 ? -16.785 18.387  0.685   1.00 43.08 ? 172  GLY A CA  1 
ATOM   1253 C C   . GLY A 1 172 ? -15.693 17.521  1.288   1.00 42.02 ? 172  GLY A C   1 
ATOM   1254 O O   . GLY A 1 172 ? -14.509 17.798  1.089   1.00 42.54 ? 172  GLY A O   1 
ATOM   1255 N N   . CYS A 1 173 ? -16.069 16.475  2.016   1.00 39.68 ? 173  CYS A N   1 
ATOM   1256 C CA  . CYS A 1 173 ? -15.077 15.600  2.628   1.00 39.17 ? 173  CYS A CA  1 
ATOM   1257 C C   . CYS A 1 173 ? -15.120 14.184  2.082   1.00 37.85 ? 173  CYS A C   1 
ATOM   1258 O O   . CYS A 1 173 ? -16.155 13.719  1.601   1.00 36.69 ? 173  CYS A O   1 
ATOM   1259 C CB  . CYS A 1 173 ? -15.260 15.554  4.147   1.00 39.33 ? 173  CYS A CB  1 
ATOM   1260 S SG  . CYS A 1 173 ? -14.782 17.066  4.988   1.00 40.78 ? 173  CYS A SG  1 
ATOM   1261 N N   . TYR A 1 174 ? -13.981 13.502  2.166   1.00 35.53 ? 174  TYR A N   1 
ATOM   1262 C CA  . TYR A 1 174 ? -13.876 12.132  1.692   1.00 33.82 ? 174  TYR A CA  1 
ATOM   1263 C C   . TYR A 1 174 ? -13.480 11.230  2.840   1.00 32.55 ? 174  TYR A C   1 
ATOM   1264 O O   . TYR A 1 174 ? -12.439 11.424  3.470   1.00 31.42 ? 174  TYR A O   1 
ATOM   1265 C CB  . TYR A 1 174 ? -12.839 12.025  0.578   1.00 35.53 ? 174  TYR A CB  1 
ATOM   1266 C CG  . TYR A 1 174 ? -13.143 12.893  -0.614  1.00 36.74 ? 174  TYR A CG  1 
ATOM   1267 C CD1 . TYR A 1 174 ? -12.852 14.257  -0.599  1.00 37.89 ? 174  TYR A CD1 1 
ATOM   1268 C CD2 . TYR A 1 174 ? -13.736 12.357  -1.755  1.00 37.89 ? 174  TYR A CD2 1 
ATOM   1269 C CE1 . TYR A 1 174 ? -13.143 15.068  -1.693  1.00 38.43 ? 174  TYR A CE1 1 
ATOM   1270 C CE2 . TYR A 1 174 ? -14.034 13.158  -2.854  1.00 39.61 ? 174  TYR A CE2 1 
ATOM   1271 C CZ  . TYR A 1 174 ? -13.733 14.512  -2.817  1.00 39.87 ? 174  TYR A CZ  1 
ATOM   1272 O OH  . TYR A 1 174 ? -14.012 15.305  -3.905  1.00 41.16 ? 174  TYR A OH  1 
ATOM   1273 N N   . THR A 1 175 ? -14.322 10.245  3.114   1.00 30.21 ? 175  THR A N   1 
ATOM   1274 C CA  . THR A 1 175 ? -14.057 9.310   4.191   1.00 29.45 ? 175  THR A CA  1 
ATOM   1275 C C   . THR A 1 175 ? -14.066 7.898   3.642   1.00 28.54 ? 175  THR A C   1 
ATOM   1276 O O   . THR A 1 175 ? -15.020 7.488   2.982   1.00 28.03 ? 175  THR A O   1 
ATOM   1277 C CB  . THR A 1 175 ? -15.123 9.409   5.308   1.00 29.53 ? 175  THR A CB  1 
ATOM   1278 O OG1 . THR A 1 175 ? -15.139 10.738  5.848   1.00 31.27 ? 175  THR A OG1 1 
ATOM   1279 C CG2 . THR A 1 175 ? -14.816 8.422   6.420   1.00 30.13 ? 175  THR A CG2 1 
ATOM   1280 N N   . LEU A 1 176 ? -12.993 7.162   3.902   1.00 26.88 ? 176  LEU A N   1 
ATOM   1281 C CA  . LEU A 1 176 ? -12.905 5.785   3.454   1.00 25.78 ? 176  LEU A CA  1 
ATOM   1282 C C   . LEU A 1 176 ? -13.281 4.874   4.610   1.00 26.13 ? 176  LEU A C   1 
ATOM   1283 O O   . LEU A 1 176 ? -12.931 5.141   5.761   1.00 25.11 ? 176  LEU A O   1 
ATOM   1284 C CB  . LEU A 1 176 ? -11.488 5.448   2.983   1.00 25.10 ? 176  LEU A CB  1 
ATOM   1285 C CG  . LEU A 1 176 ? -10.951 6.122   1.720   1.00 24.32 ? 176  LEU A CG  1 
ATOM   1286 C CD1 . LEU A 1 176 ? -9.558  5.581   1.417   1.00 22.76 ? 176  LEU A CD1 1 
ATOM   1287 C CD2 . LEU A 1 176 ? -11.885 5.854   0.550   1.00 23.44 ? 176  LEU A CD2 1 
ATOM   1288 N N   . LYS A 1 177 ? -14.010 3.810   4.298   1.00 26.40 ? 177  LYS A N   1 
ATOM   1289 C CA  . LYS A 1 177 ? -14.423 2.836   5.294   1.00 27.46 ? 177  LYS A CA  1 
ATOM   1290 C C   . LYS A 1 177 ? -13.729 1.531   4.941   1.00 26.44 ? 177  LYS A C   1 
ATOM   1291 O O   . LYS A 1 177 ? -13.755 1.099   3.791   1.00 25.47 ? 177  LYS A O   1 
ATOM   1292 C CB  . LYS A 1 177 ? -15.943 2.650   5.268   1.00 31.33 ? 177  LYS A CB  1 
ATOM   1293 C CG  . LYS A 1 177 ? -16.732 3.890   5.677   1.00 36.54 ? 177  LYS A CG  1 
ATOM   1294 C CD  . LYS A 1 177 ? -18.229 3.617   5.686   1.00 43.12 ? 177  LYS A CD  1 
ATOM   1295 C CE  . LYS A 1 177 ? -19.014 4.832   6.183   1.00 46.41 ? 177  LYS A CE  1 
ATOM   1296 N NZ  . LYS A 1 177 ? -20.491 4.601   6.210   1.00 47.02 ? 177  LYS A NZ  1 
ATOM   1297 N N   . ASP A 1 178 ? -13.100 0.908   5.928   1.00 24.69 ? 178  ASP A N   1 
ATOM   1298 C CA  . ASP A 1 178 ? -12.387 -0.338  5.695   1.00 24.09 ? 178  ASP A CA  1 
ATOM   1299 C C   . ASP A 1 178 ? -13.347 -1.522  5.629   1.00 24.67 ? 178  ASP A C   1 
ATOM   1300 O O   . ASP A 1 178 ? -14.504 -1.414  6.038   1.00 24.63 ? 178  ASP A O   1 
ATOM   1301 C CB  . ASP A 1 178 ? -11.351 -0.546  6.808   1.00 23.70 ? 178  ASP A CB  1 
ATOM   1302 C CG  . ASP A 1 178 ? -10.386 -1.665  6.506   1.00 23.20 ? 178  ASP A CG  1 
ATOM   1303 O OD1 . ASP A 1 178 ? -10.291 -2.066  5.328   1.00 23.73 ? 178  ASP A OD1 1 
ATOM   1304 O OD2 . ASP A 1 178 ? -9.706  -2.138  7.442   1.00 23.04 ? 178  ASP A OD2 1 
ATOM   1305 N N   . THR A 1 179 ? -12.868 -2.642  5.092   1.00 24.49 ? 179  THR A N   1 
ATOM   1306 C CA  . THR A 1 179 ? -13.675 -3.852  5.001   1.00 23.85 ? 179  THR A CA  1 
ATOM   1307 C C   . THR A 1 179 ? -13.701 -4.512  6.374   1.00 25.46 ? 179  THR A C   1 
ATOM   1308 O O   . THR A 1 179 ? -14.609 -5.280  6.680   1.00 28.15 ? 179  THR A O   1 
ATOM   1309 C CB  . THR A 1 179 ? -13.094 -4.861  3.983   1.00 22.82 ? 179  THR A CB  1 
ATOM   1310 O OG1 . THR A 1 179 ? -11.740 -5.163  4.331   1.00 22.86 ? 179  THR A OG1 1 
ATOM   1311 C CG2 . THR A 1 179 ? -13.142 -4.295  2.574   1.00 20.93 ? 179  THR A CG2 1 
ATOM   1312 N N   . PHE A 1 180 ? -12.696 -4.219  7.194   1.00 26.06 ? 180  PHE A N   1 
ATOM   1313 C CA  . PHE A 1 180 ? -12.627 -4.771  8.544   1.00 26.39 ? 180  PHE A CA  1 
ATOM   1314 C C   . PHE A 1 180 ? -13.326 -3.801  9.491   1.00 28.36 ? 180  PHE A C   1 
ATOM   1315 O O   . PHE A 1 180 ? -13.343 -2.592  9.249   1.00 28.83 ? 180  PHE A O   1 
ATOM   1316 C CB  . PHE A 1 180 ? -11.174 -4.966  8.988   1.00 24.02 ? 180  PHE A CB  1 
ATOM   1317 C CG  . PHE A 1 180 ? -10.405 -5.944  8.145   1.00 24.32 ? 180  PHE A CG  1 
ATOM   1318 C CD1 . PHE A 1 180 ? -9.512  -5.497  7.173   1.00 23.79 ? 180  PHE A CD1 1 
ATOM   1319 C CD2 . PHE A 1 180 ? -10.564 -7.312  8.331   1.00 22.76 ? 180  PHE A CD2 1 
ATOM   1320 C CE1 . PHE A 1 180 ? -8.785  -6.400  6.400   1.00 22.53 ? 180  PHE A CE1 1 
ATOM   1321 C CE2 . PHE A 1 180 ? -9.842  -8.228  7.562   1.00 24.83 ? 180  PHE A CE2 1 
ATOM   1322 C CZ  . PHE A 1 180 ? -8.949  -7.770  6.594   1.00 24.29 ? 180  PHE A CZ  1 
ATOM   1323 N N   . ASP A 1 181 ? -13.883 -4.330  10.576  1.00 29.71 ? 181  ASP A N   1 
ATOM   1324 C CA  . ASP A 1 181 ? -14.612 -3.517  11.542  1.00 33.05 ? 181  ASP A CA  1 
ATOM   1325 C C   . ASP A 1 181 ? -13.821 -3.029  12.757  1.00 32.72 ? 181  ASP A C   1 
ATOM   1326 O O   . ASP A 1 181 ? -14.273 -2.128  13.458  1.00 34.60 ? 181  ASP A O   1 
ATOM   1327 C CB  . ASP A 1 181 ? -15.850 -4.283  12.028  1.00 36.44 ? 181  ASP A CB  1 
ATOM   1328 C CG  . ASP A 1 181 ? -16.879 -4.505  10.926  1.00 40.97 ? 181  ASP A CG  1 
ATOM   1329 O OD1 . ASP A 1 181 ? -17.860 -5.239  11.165  1.00 44.85 ? 181  ASP A OD1 1 
ATOM   1330 O OD2 . ASP A 1 181 ? -16.714 -3.943  9.820   1.00 44.35 ? 181  ASP A OD2 1 
ATOM   1331 N N   . ASP A 1 182 ? -12.651 -3.605  13.012  1.00 32.22 ? 182  ASP A N   1 
ATOM   1332 C CA  . ASP A 1 182 ? -11.861 -3.201  14.177  1.00 32.05 ? 182  ASP A CA  1 
ATOM   1333 C C   . ASP A 1 182 ? -10.595 -2.413  13.849  1.00 30.92 ? 182  ASP A C   1 
ATOM   1334 O O   . ASP A 1 182 ? -9.763  -2.168  14.727  1.00 32.57 ? 182  ASP A O   1 
ATOM   1335 C CB  . ASP A 1 182 ? -11.481 -4.434  15.007  1.00 32.21 ? 182  ASP A CB  1 
ATOM   1336 C CG  . ASP A 1 182 ? -10.649 -5.434  14.222  1.00 35.02 ? 182  ASP A CG  1 
ATOM   1337 O OD1 . ASP A 1 182 ? -10.299 -5.147  13.054  1.00 35.72 ? 182  ASP A OD1 1 
ATOM   1338 O OD2 . ASP A 1 182 ? -10.340 -6.511  14.778  1.00 35.12 ? 182  ASP A OD2 1 
ATOM   1339 N N   . THR A 1 183 ? -10.459 -2.004  12.593  1.00 29.32 ? 183  THR A N   1 
ATOM   1340 C CA  . THR A 1 183 ? -9.282  -1.259  12.149  1.00 26.51 ? 183  THR A CA  1 
ATOM   1341 C C   . THR A 1 183 ? -9.451  0.252   12.201  1.00 25.45 ? 183  THR A C   1 
ATOM   1342 O O   . THR A 1 183 ? -10.539 0.766   12.457  1.00 26.15 ? 183  THR A O   1 
ATOM   1343 C CB  . THR A 1 183 ? -8.923  -1.618  10.707  1.00 23.78 ? 183  THR A CB  1 
ATOM   1344 O OG1 . THR A 1 183 ? -10.062 -1.384  9.875   1.00 22.28 ? 183  THR A OG1 1 
ATOM   1345 C CG2 . THR A 1 183 ? -8.503  -3.074  10.601  1.00 22.37 ? 183  THR A CG2 1 
ATOM   1346 N N   . THR A 1 184 ? -8.357  0.957   11.939  1.00 24.64 ? 184  THR A N   1 
ATOM   1347 C CA  . THR A 1 184 ? -8.364  2.411   11.923  1.00 22.94 ? 184  THR A CA  1 
ATOM   1348 C C   . THR A 1 184 ? -7.511  2.933   10.771  1.00 22.70 ? 184  THR A C   1 
ATOM   1349 O O   . THR A 1 184 ? -6.304  2.677   10.711  1.00 21.20 ? 184  THR A O   1 
ATOM   1350 C CB  . THR A 1 184 ? -7.818  2.988   13.239  1.00 23.84 ? 184  THR A CB  1 
ATOM   1351 O OG1 . THR A 1 184 ? -8.712  2.665   14.312  1.00 26.63 ? 184  THR A OG1 1 
ATOM   1352 C CG2 . THR A 1 184 ? -7.673  4.496   13.136  1.00 22.97 ? 184  THR A CG2 1 
ATOM   1353 N N   . ILE A 1 185 ? -8.144  3.655   9.850   1.00 21.71 ? 185  ILE A N   1 
ATOM   1354 C CA  . ILE A 1 185 ? -7.430  4.225   8.712   1.00 21.29 ? 185  ILE A CA  1 
ATOM   1355 C C   . ILE A 1 185 ? -6.903  5.607   9.067   1.00 21.10 ? 185  ILE A C   1 
ATOM   1356 O O   . ILE A 1 185 ? -7.659  6.476   9.497   1.00 23.05 ? 185  ILE A O   1 
ATOM   1357 C CB  . ILE A 1 185 ? -8.339  4.365   7.479   1.00 19.01 ? 185  ILE A CB  1 
ATOM   1358 C CG1 . ILE A 1 185 ? -8.706  2.983   6.941   1.00 19.51 ? 185  ILE A CG1 1 
ATOM   1359 C CG2 . ILE A 1 185 ? -7.637  5.178   6.407   1.00 19.50 ? 185  ILE A CG2 1 
ATOM   1360 C CD1 . ILE A 1 185 ? -9.612  3.027   5.722   1.00 19.60 ? 185  ILE A CD1 1 
ATOM   1361 N N   . LEU A 1 186 ? -5.602  5.807   8.894   1.00 19.63 ? 186  LEU A N   1 
ATOM   1362 C CA  . LEU A 1 186 ? -5.000  7.100   9.182   1.00 19.96 ? 186  LEU A CA  1 
ATOM   1363 C C   . LEU A 1 186 ? -5.309  8.089   8.064   1.00 19.72 ? 186  LEU A C   1 
ATOM   1364 O O   . LEU A 1 186 ? -5.828  9.174   8.312   1.00 21.71 ? 186  LEU A O   1 
ATOM   1365 C CB  . LEU A 1 186 ? -3.484  6.955   9.346   1.00 19.68 ? 186  LEU A CB  1 
ATOM   1366 C CG  . LEU A 1 186 ? -3.058  6.320   10.674  1.00 21.66 ? 186  LEU A CG  1 
ATOM   1367 C CD1 . LEU A 1 186 ? -1.563  6.040   10.678  1.00 21.75 ? 186  LEU A CD1 1 
ATOM   1368 C CD2 . LEU A 1 186 ? -3.443  7.254   11.809  1.00 21.25 ? 186  LEU A CD2 1 
ATOM   1369 N N   . GLY A 1 187 ? -4.997  7.704   6.831   1.00 18.94 ? 187  GLY A N   1 
ATOM   1370 C CA  . GLY A 1 187 ? -5.245  8.575   5.697   1.00 18.78 ? 187  GLY A CA  1 
ATOM   1371 C C   . GLY A 1 187 ? -4.385  8.213   4.500   1.00 17.88 ? 187  GLY A C   1 
ATOM   1372 O O   . GLY A 1 187 ? -3.777  7.143   4.463   1.00 15.81 ? 187  GLY A O   1 
ATOM   1373 N N   . TRP A 1 188 ? -4.331  9.106   3.518   1.00 17.78 ? 188  TRP A N   1 
ATOM   1374 C CA  . TRP A 1 188 ? -3.541  8.850   2.322   1.00 19.80 ? 188  TRP A CA  1 
ATOM   1375 C C   . TRP A 1 188 ? -2.431  9.874   2.096   1.00 20.67 ? 188  TRP A C   1 
ATOM   1376 O O   . TRP A 1 188 ? -2.525  11.023  2.535   1.00 19.77 ? 188  TRP A O   1 
ATOM   1377 C CB  . TRP A 1 188 ? -4.461  8.773   1.100   1.00 19.91 ? 188  TRP A CB  1 
ATOM   1378 C CG  . TRP A 1 188 ? -5.456  9.886   1.005   1.00 21.19 ? 188  TRP A CG  1 
ATOM   1379 C CD1 . TRP A 1 188 ? -5.299  11.077  0.352   1.00 19.28 ? 188  TRP A CD1 1 
ATOM   1380 C CD2 . TRP A 1 188 ? -6.773  9.907   1.570   1.00 19.37 ? 188  TRP A CD2 1 
ATOM   1381 N NE1 . TRP A 1 188 ? -6.440  11.835  0.472   1.00 17.17 ? 188  TRP A NE1 1 
ATOM   1382 C CE2 . TRP A 1 188 ? -7.361  11.143  1.214   1.00 18.72 ? 188  TRP A CE2 1 
ATOM   1383 C CE3 . TRP A 1 188 ? -7.514  9.001   2.342   1.00 19.48 ? 188  TRP A CE3 1 
ATOM   1384 C CZ2 . TRP A 1 188 ? -8.662  11.498  1.605   1.00 17.41 ? 188  TRP A CZ2 1 
ATOM   1385 C CZ3 . TRP A 1 188 ? -8.809  9.353   2.733   1.00 18.89 ? 188  TRP A CZ3 1 
ATOM   1386 C CH2 . TRP A 1 188 ? -9.366  10.593  2.359   1.00 17.63 ? 188  TRP A CH2 1 
ATOM   1387 N N   . MET A 1 189 ? -1.371  9.434   1.422   1.00 21.36 ? 189  MET A N   1 
ATOM   1388 C CA  . MET A 1 189 ? -0.216  10.279  1.134   1.00 21.61 ? 189  MET A CA  1 
ATOM   1389 C C   . MET A 1 189 ? -0.198  10.654  -0.347  1.00 22.00 ? 189  MET A C   1 
ATOM   1390 O O   . MET A 1 189 ? -0.504  9.828   -1.207  1.00 23.30 ? 189  MET A O   1 
ATOM   1391 C CB  . MET A 1 189 ? 1.089   9.536   1.458   1.00 22.51 ? 189  MET A CB  1 
ATOM   1392 C CG  . MET A 1 189 ? 1.107   8.704   2.754   1.00 23.62 ? 189  MET A CG  1 
ATOM   1393 S SD  . MET A 1 189 ? 1.160   9.652   4.267   0.50 23.30 ? 189  MET A SD  1 
ATOM   1394 C CE  . MET A 1 189 ? 2.819   10.238  4.233   1.00 21.74 ? 189  MET A CE  1 
ATOM   1395 N N   . ILE A 1 190 ? 0.178   11.894  -0.644  1.00 20.32 ? 190  ILE A N   1 
ATOM   1396 C CA  . ILE A 1 190 ? 0.256   12.353  -2.023  1.00 20.25 ? 190  ILE A CA  1 
ATOM   1397 C C   . ILE A 1 190 ? 1.554   13.129  -2.255  1.00 19.84 ? 190  ILE A C   1 
ATOM   1398 O O   . ILE A 1 190 ? 2.019   13.862  -1.384  1.00 19.38 ? 190  ILE A O   1 
ATOM   1399 C CB  . ILE A 1 190 ? -0.944  13.259  -2.384  1.00 22.24 ? 190  ILE A CB  1 
ATOM   1400 C CG1 . ILE A 1 190 ? -2.255  12.481  -2.216  1.00 22.59 ? 190  ILE A CG1 1 
ATOM   1401 C CG2 . ILE A 1 190 ? -0.804  13.767  -3.834  1.00 22.91 ? 190  ILE A CG2 1 
ATOM   1402 C CD1 . ILE A 1 190 ? -3.495  13.304  -2.518  1.00 22.97 ? 190  ILE A CD1 1 
ATOM   1403 N N   . GLN A 1 191 ? 2.145   12.957  -3.430  1.00 20.90 ? 191  GLN A N   1 
ATOM   1404 C CA  . GLN A 1 191 ? 3.379   13.660  -3.743  1.00 23.81 ? 191  GLN A CA  1 
ATOM   1405 C C   . GLN A 1 191 ? 3.033   15.104  -4.098  1.00 25.47 ? 191  GLN A C   1 
ATOM   1406 O O   . GLN A 1 191 ? 2.549   15.388  -5.194  1.00 25.12 ? 191  GLN A O   1 
ATOM   1407 C CB  . GLN A 1 191 ? 4.109   12.968  -4.904  1.00 21.71 ? 191  GLN A CB  1 
ATOM   1408 C CG  . GLN A 1 191 ? 5.564   13.408  -5.068  1.00 20.86 ? 191  GLN A CG  1 
ATOM   1409 C CD  . GLN A 1 191 ? 5.707   14.794  -5.678  1.00 22.71 ? 191  GLN A CD  1 
ATOM   1410 O OE1 . GLN A 1 191 ? 5.579   14.966  -6.890  1.00 19.40 ? 191  GLN A OE1 1 
ATOM   1411 N NE2 . GLN A 1 191 ? 5.970   15.790  -4.835  1.00 21.48 ? 191  GLN A NE2 1 
ATOM   1412 N N   . THR A 1 192 ? 3.269   16.007  -3.152  1.00 28.56 ? 192  THR A N   1 
ATOM   1413 C CA  . THR A 1 192 ? 2.981   17.426  -3.343  1.00 32.13 ? 192  THR A CA  1 
ATOM   1414 C C   . THR A 1 192 ? 3.569   18.256  -2.208  1.00 35.93 ? 192  THR A C   1 
ATOM   1415 O O   . THR A 1 192 ? 3.958   17.717  -1.170  1.00 37.27 ? 192  THR A O   1 
ATOM   1416 C CB  . THR A 1 192 ? 1.467   17.695  -3.385  1.00 31.10 ? 192  THR A CB  1 
ATOM   1417 O OG1 . THR A 1 192 ? 1.240   19.089  -3.630  1.00 31.74 ? 192  THR A OG1 1 
ATOM   1418 C CG2 . THR A 1 192 ? 0.818   17.314  -2.063  1.00 30.71 ? 192  THR A CG2 1 
ATOM   1419 N N   . GLU A 1 193 ? 3.624   19.568  -2.407  1.00 39.66 ? 193  GLU A N   1 
ATOM   1420 C CA  . GLU A 1 193 ? 4.157   20.466  -1.391  1.00 42.31 ? 193  GLU A CA  1 
ATOM   1421 C C   . GLU A 1 193 ? 3.012   21.003  -0.541  1.00 43.70 ? 193  GLU A C   1 
ATOM   1422 O O   . GLU A 1 193 ? 1.876   21.058  -1.054  1.00 44.23 ? 193  GLU A O   1 
ATOM   1423 C CB  . GLU A 1 193 ? 4.909   21.625  -2.055  1.00 43.51 ? 193  GLU A CB  1 
ATOM   1424 C CG  . GLU A 1 193 ? 5.581   22.580  -1.082  1.00 46.70 ? 193  GLU A CG  1 
ATOM   1425 C CD  . GLU A 1 193 ? 6.531   21.874  -0.129  1.00 49.60 ? 193  GLU A CD  1 
ATOM   1426 O OE1 . GLU A 1 193 ? 6.050   21.149  0.770   1.00 50.75 ? 193  GLU A OE1 1 
ATOM   1427 O OE2 . GLU A 1 193 ? 7.759   22.040  -0.287  1.00 50.68 ? 193  GLU A OE2 1 
HETATM 1428 C C   . ACT B 2 .   ? 1.969   -5.585  6.793   1.00 30.00 ? 2001 ACT A C   1 
HETATM 1429 O O   . ACT B 2 .   ? 1.667   -4.514  6.270   1.00 28.66 ? 2001 ACT A O   1 
HETATM 1430 O OXT . ACT B 2 .   ? 2.504   -6.470  6.130   1.00 26.81 ? 2001 ACT A OXT 1 
HETATM 1431 C CH3 . ACT B 2 .   ? 1.681   -5.814  8.253   1.00 28.91 ? 2001 ACT A CH3 1 
HETATM 1432 O O   . HOH C 3 .   ? -1.006  -6.080  6.643   1.00 21.48 ? 1001 HOH A O   1 
HETATM 1433 O O   . HOH C 3 .   ? -0.238  -11.061 0.085   1.00 11.72 ? 1002 HOH A O   1 
HETATM 1434 O O   . HOH C 3 .   ? -2.716  -8.946  -0.049  1.00 20.24 ? 1003 HOH A O   1 
HETATM 1435 O O   . HOH C 3 .   ? 0.852   -3.402  0.615   1.00 9.09  ? 1004 HOH A O   1 
HETATM 1436 O O   . HOH C 3 .   ? 4.473   -3.114  8.772   1.00 31.35 ? 1005 HOH A O   1 
HETATM 1437 O O   . HOH C 3 .   ? -5.804  -0.585  12.086  1.00 21.03 ? 1006 HOH A O   1 
HETATM 1438 O O   . HOH C 3 .   ? -1.170  -7.962  9.431   1.00 43.93 ? 1007 HOH A O   1 
HETATM 1439 O O   . HOH C 3 .   ? 3.045   -10.453 9.470   1.00 40.71 ? 1008 HOH A O   1 
HETATM 1440 O O   . HOH C 3 .   ? 9.166   -4.616  4.181   1.00 22.11 ? 1009 HOH A O   1 
HETATM 1441 O O   . HOH C 3 .   ? 11.995  -8.442  -5.544  1.00 24.98 ? 1010 HOH A O   1 
HETATM 1442 O O   . HOH C 3 .   ? 10.659  -9.049  -7.538  1.00 37.92 ? 1011 HOH A O   1 
HETATM 1443 O O   . HOH C 3 .   ? 8.464   -8.835  -8.915  1.00 26.81 ? 1012 HOH A O   1 
HETATM 1444 O O   . HOH C 3 .   ? 7.147   -6.920  -9.654  1.00 17.05 ? 1013 HOH A O   1 
HETATM 1445 O O   . HOH C 3 .   ? -1.325  -2.994  -15.759 1.00 16.86 ? 1014 HOH A O   1 
HETATM 1446 O O   . HOH C 3 .   ? -6.741  -0.336  -12.393 1.00 27.13 ? 1015 HOH A O   1 
HETATM 1447 O O   . HOH C 3 .   ? -6.652  -1.698  -9.962  1.00 24.92 ? 1016 HOH A O   1 
HETATM 1448 O O   . HOH C 3 .   ? -8.740  -14.764 0.437   1.00 39.39 ? 1017 HOH A O   1 
HETATM 1449 O O   . HOH C 3 .   ? -6.551  -14.367 1.732   1.00 32.20 ? 1018 HOH A O   1 
HETATM 1450 O O   . HOH C 3 .   ? -11.018 -19.170 -2.919  1.00 38.37 ? 1019 HOH A O   1 
HETATM 1451 O O   . HOH C 3 .   ? -4.773  -21.296 -3.693  1.00 37.23 ? 1020 HOH A O   1 
HETATM 1452 O O   . HOH C 3 .   ? -8.643  -14.074 -4.082  1.00 27.61 ? 1021 HOH A O   1 
HETATM 1453 O O   . HOH C 3 .   ? -10.190 -16.838 -7.610  1.00 41.91 ? 1022 HOH A O   1 
HETATM 1454 O O   . HOH C 3 .   ? -13.696 -10.033 -6.458  1.00 36.63 ? 1023 HOH A O   1 
HETATM 1455 O O   . HOH C 3 .   ? -17.069 -9.358  -4.147  1.00 48.17 ? 1024 HOH A O   1 
HETATM 1456 O O   . HOH C 3 .   ? -13.063 -6.183  -1.333  1.00 21.05 ? 1025 HOH A O   1 
HETATM 1457 O O   . HOH C 3 .   ? -4.457  -14.409 -10.846 1.00 19.35 ? 1026 HOH A O   1 
HETATM 1458 O O   . HOH C 3 .   ? -4.255  -9.672  -11.597 1.00 18.50 ? 1027 HOH A O   1 
HETATM 1459 O O   . HOH C 3 .   ? -3.558  -9.020  -14.364 1.00 27.89 ? 1028 HOH A O   1 
HETATM 1460 O O   . HOH C 3 .   ? -3.880  3.187   -10.791 1.00 29.25 ? 1029 HOH A O   1 
HETATM 1461 O O   . HOH C 3 .   ? -4.930  2.114   -13.037 1.00 37.07 ? 1030 HOH A O   1 
HETATM 1462 O O   . HOH C 3 .   ? 2.309   8.563   -5.195  1.00 29.13 ? 1031 HOH A O   1 
HETATM 1463 O O   . HOH C 3 .   ? -0.294  10.611  -7.875  1.00 44.25 ? 1032 HOH A O   1 
HETATM 1464 O O   . HOH C 3 .   ? 3.980   9.508   -6.855  1.00 44.50 ? 1033 HOH A O   1 
HETATM 1465 O O   . HOH C 3 .   ? 2.163   8.392   -2.672  1.00 41.77 ? 1034 HOH A O   1 
HETATM 1466 O O   . HOH C 3 .   ? -0.697  17.748  -5.401  1.00 31.32 ? 1035 HOH A O   1 
HETATM 1467 O O   . HOH C 3 .   ? 1.152   14.123  -6.780  1.00 27.38 ? 1036 HOH A O   1 
HETATM 1468 O O   . HOH C 3 .   ? 2.594   7.963   11.270  1.00 26.35 ? 1037 HOH A O   1 
HETATM 1469 O O   . HOH C 3 .   ? 1.019   12.705  9.831   1.00 21.35 ? 1038 HOH A O   1 
HETATM 1470 O O   . HOH C 3 .   ? -1.493  14.130  9.443   1.00 30.21 ? 1039 HOH A O   1 
HETATM 1471 O O   . HOH C 3 .   ? 1.392   16.682  5.359   1.00 34.53 ? 1040 HOH A O   1 
HETATM 1472 O O   . HOH C 3 .   ? 7.263   18.098  2.696   1.00 35.44 ? 1041 HOH A O   1 
HETATM 1473 O O   . HOH C 3 .   ? 3.481   18.431  8.789   1.00 39.47 ? 1042 HOH A O   1 
HETATM 1474 O O   . HOH C 3 .   ? 9.585   12.227  8.534   1.00 16.76 ? 1044 HOH A O   1 
HETATM 1475 O O   . HOH C 3 .   ? 10.860  8.701   2.662   1.00 13.48 ? 1045 HOH A O   1 
HETATM 1476 O O   . HOH C 3 .   ? 6.786   -21.111 -0.366  0.50 27.07 ? 1046 HOH A O   1 
HETATM 1477 O O   . HOH C 3 .   ? 9.177   -18.208 -1.594  1.00 25.22 ? 1047 HOH A O   1 
HETATM 1478 O O   . HOH C 3 .   ? 9.435   -15.979 -2.523  1.00 23.34 ? 1048 HOH A O   1 
HETATM 1479 O O   . HOH C 3 .   ? 11.729  -14.936 -3.872  1.00 17.79 ? 1049 HOH A O   1 
HETATM 1480 O O   . HOH C 3 .   ? 3.058   -21.527 2.905   1.00 34.19 ? 1050 HOH A O   1 
HETATM 1481 O O   . HOH C 3 .   ? -2.072  -11.855 7.149   1.00 41.74 ? 1051 HOH A O   1 
HETATM 1482 O O   . HOH C 3 .   ? -5.371  -9.561  7.339   1.00 39.85 ? 1052 HOH A O   1 
HETATM 1483 O O   . HOH C 3 .   ? -4.776  -12.040 6.435   1.00 35.12 ? 1053 HOH A O   1 
HETATM 1484 O O   . HOH C 3 .   ? -5.936  -11.961 12.346  1.00 50.89 ? 1054 HOH A O   1 
HETATM 1485 O O   . HOH C 3 .   ? -10.545 -10.811 10.300  1.00 38.97 ? 1055 HOH A O   1 
HETATM 1486 O O   . HOH C 3 .   ? -13.624 -7.136  11.057  1.00 33.13 ? 1056 HOH A O   1 
HETATM 1487 O O   . HOH C 3 .   ? -12.696 -0.133  10.231  1.00 28.97 ? 1057 HOH A O   1 
HETATM 1488 O O   . HOH C 3 .   ? -13.671 0.670   12.983  1.00 36.98 ? 1058 HOH A O   1 
HETATM 1489 O O   . HOH C 3 .   ? -15.976 -1.852  8.250   1.00 36.66 ? 1059 HOH A O   1 
HETATM 1490 O O   . HOH C 3 .   ? -10.357 6.584   9.939   1.00 26.69 ? 1060 HOH A O   1 
HETATM 1491 O O   . HOH C 3 .   ? -6.279  10.278  10.746  1.00 38.37 ? 1061 HOH A O   1 
HETATM 1492 O O   . HOH C 3 .   ? -3.941  11.683  12.088  1.00 38.98 ? 1062 HOH A O   1 
HETATM 1493 O O   . HOH C 3 .   ? -3.542  9.963   14.631  1.00 43.31 ? 1063 HOH A O   1 
HETATM 1494 O O   . HOH C 3 .   ? 0.420   4.230   17.025  1.00 27.05 ? 1064 HOH A O   1 
HETATM 1495 O O   . HOH C 3 .   ? 1.004   6.756   17.322  1.00 34.09 ? 1065 HOH A O   1 
HETATM 1496 O O   . HOH C 3 .   ? 0.363   8.297   13.335  1.00 46.95 ? 1066 HOH A O   1 
HETATM 1497 O O   . HOH C 3 .   ? 5.234   -4.802  6.555   1.00 32.72 ? 1067 HOH A O   1 
HETATM 1498 O O   . HOH C 3 .   ? 7.129   -5.710  3.671   1.00 49.40 ? 1068 HOH A O   1 
HETATM 1499 O O   . HOH C 3 .   ? 10.693  -0.558  4.848   1.00 37.44 ? 1069 HOH A O   1 
HETATM 1500 O O   . HOH C 3 .   ? 15.048  1.362   -0.751  1.00 35.06 ? 1070 HOH A O   1 
HETATM 1501 O O   . HOH C 3 .   ? 19.452  2.460   -0.834  1.00 41.51 ? 1071 HOH A O   1 
HETATM 1502 O O   . HOH C 3 .   ? 17.720  -8.107  -11.429 1.00 39.59 ? 1072 HOH A O   1 
HETATM 1503 O O   . HOH C 3 .   ? 19.651  -8.191  -6.977  1.00 54.46 ? 1073 HOH A O   1 
HETATM 1504 O O   . HOH C 3 .   ? 17.927  -10.282 -6.409  1.00 44.22 ? 1074 HOH A O   1 
HETATM 1505 O O   . HOH C 3 .   ? 14.611  -9.249  -8.618  1.00 33.05 ? 1075 HOH A O   1 
HETATM 1506 O O   . HOH C 3 .   ? 20.345  6.053   -6.699  1.00 33.41 ? 1076 HOH A O   1 
HETATM 1507 O O   . HOH C 3 .   ? 16.336  4.409   1.148   1.00 35.76 ? 1077 HOH A O   1 
HETATM 1508 O O   . HOH C 3 .   ? 15.115  3.871   3.391   1.00 30.70 ? 1078 HOH A O   1 
HETATM 1509 O O   . HOH C 3 .   ? 14.622  6.162   0.424   1.00 26.48 ? 1079 HOH A O   1 
HETATM 1510 O O   . HOH C 3 .   ? 13.982  10.157  1.829   1.00 31.89 ? 1080 HOH A O   1 
HETATM 1511 O O   . HOH C 3 .   ? 12.201  10.911  4.024   1.00 28.99 ? 1081 HOH A O   1 
HETATM 1512 O O   . HOH C 3 .   ? 10.024  -3.006  5.813   1.00 45.79 ? 1082 HOH A O   1 
HETATM 1513 O O   . HOH C 3 .   ? 21.402  5.614   -3.890  1.00 42.52 ? 1083 HOH A O   1 
HETATM 1514 O O   . HOH C 3 .   ? 8.166   -3.414  18.629  1.00 45.82 ? 1084 HOH A O   1 
HETATM 1515 O O   . HOH C 3 .   ? 16.665  16.929  -3.641  1.00 34.05 ? 1085 HOH A O   1 
HETATM 1516 O O   . HOH C 3 .   ? -10.062 15.560  9.597   1.00 38.66 ? 1086 HOH A O   1 
HETATM 1517 O O   . HOH C 3 .   ? -21.990 20.864  3.049   1.00 54.80 ? 1087 HOH A O   1 
HETATM 1518 O O   . HOH C 3 .   ? -13.310 18.992  -1.389  1.00 33.79 ? 1088 HOH A O   1 
HETATM 1519 O O   . HOH C 3 .   ? -10.043 17.134  -3.687  1.00 38.77 ? 1089 HOH A O   1 
HETATM 1520 O O   . HOH C 3 .   ? -3.287  -8.719  8.193   1.00 58.11 ? 1090 HOH A O   1 
HETATM 1521 O O   . HOH C 3 .   ? 6.134   12.165  -8.168  1.00 32.46 ? 1091 HOH A O   1 
HETATM 1522 O O   . HOH C 3 .   ? 1.235   10.779  -5.767  1.00 49.71 ? 1092 HOH A O   1 
HETATM 1523 O O   . HOH C 3 .   ? 8.827   22.148  -2.842  1.00 37.93 ? 1093 HOH A O   1 
HETATM 1524 O O   . HOH C 3 .   ? 7.848   18.767  5.897   1.00 36.21 ? 1094 HOH A O   1 
HETATM 1525 O O   . HOH C 3 .   ? 10.905  20.949  -3.841  1.00 33.16 ? 1095 HOH A O   1 
HETATM 1526 O O   . HOH C 3 .   ? 12.328  19.263  -2.327  1.00 43.72 ? 1096 HOH A O   1 
HETATM 1527 O O   . HOH C 3 .   ? 14.522  15.288  -10.008 1.00 38.31 ? 1097 HOH A O   1 
HETATM 1528 O O   . HOH C 3 .   ? 15.927  16.007  -12.055 1.00 35.50 ? 1098 HOH A O   1 
HETATM 1529 O O   . HOH C 3 .   ? 18.895  17.755  -10.069 1.00 38.30 ? 1099 HOH A O   1 
HETATM 1530 O O   . HOH C 3 .   ? -6.707  15.312  -4.439  1.00 23.98 ? 1100 HOH A O   1 
HETATM 1531 O O   . HOH C 3 .   ? 2.668   21.357  -4.449  1.00 31.98 ? 1102 HOH A O   1 
HETATM 1532 O O   . HOH C 3 .   ? -7.562  -0.199  18.528  1.00 32.91 ? 1103 HOH A O   1 
HETATM 1533 O O   . HOH C 3 .   ? -8.371  0.280   15.154  1.00 28.88 ? 1104 HOH A O   1 
HETATM 1534 O O   . HOH C 3 .   ? -10.931 4.139   10.012  1.00 32.07 ? 1105 HOH A O   1 
HETATM 1535 O O   . HOH C 3 .   ? -12.786 2.156   8.848   1.00 34.22 ? 1106 HOH A O   1 
HETATM 1536 O O   . HOH C 3 .   ? -13.221 9.539   10.560  1.00 43.50 ? 1107 HOH A O   1 
HETATM 1537 O O   . HOH C 3 .   ? -15.588 -0.786  2.887   1.00 28.12 ? 1108 HOH A O   1 
HETATM 1538 O O   . HOH C 3 .   ? -19.916 1.097   -2.033  1.00 45.48 ? 1109 HOH A O   1 
HETATM 1539 O O   . HOH C 3 .   ? -23.451 2.161   1.392   1.00 42.98 ? 1110 HOH A O   1 
HETATM 1540 O O   . HOH C 3 .   ? -20.557 0.428   -6.581  1.00 43.73 ? 1111 HOH A O   1 
HETATM 1541 O O   . HOH C 3 .   ? 2.588   12.387  11.898  1.00 32.78 ? 1112 HOH A O   1 
HETATM 1542 O O   . HOH C 3 .   ? -9.020  -4.628  -12.541 1.00 24.14 ? 1113 HOH A O   1 
HETATM 1543 O O   . HOH C 3 .   ? -5.487  -2.341  -14.610 1.00 36.30 ? 1114 HOH A O   1 
HETATM 1544 O O   . HOH C 3 .   ? -12.809 -8.934  -10.749 1.00 32.93 ? 1115 HOH A O   1 
HETATM 1545 O O   . HOH C 3 .   ? -4.906  -2.985  -17.188 1.00 17.50 ? 1116 HOH A O   1 
# 
